data_2IUH
# 
_entry.id   2IUH 
# 
_audit_conform.dict_name       mmcif_pdbx.dic 
_audit_conform.dict_version    5.399 
_audit_conform.dict_location   http://mmcif.pdb.org/dictionaries/ascii/mmcif_pdbx.dic 
# 
loop_
_database_2.database_id 
_database_2.database_code 
_database_2.pdbx_database_accession 
_database_2.pdbx_DOI 
PDB   2IUH         pdb_00002iuh 10.2210/pdb2iuh/pdb 
PDBE  EBI-28971    ?            ?                   
WWPDB D_1290028971 ?            ?                   
# 
loop_
_pdbx_audit_revision_history.ordinal 
_pdbx_audit_revision_history.data_content_type 
_pdbx_audit_revision_history.major_revision 
_pdbx_audit_revision_history.minor_revision 
_pdbx_audit_revision_history.revision_date 
1 'Structure model' 1 0 2006-06-06 
2 'Structure model' 1 1 2015-10-28 
3 'Structure model' 1 2 2021-04-28 
4 'Structure model' 1 3 2024-11-20 
# 
_pdbx_audit_revision_details.ordinal             1 
_pdbx_audit_revision_details.revision_ordinal    1 
_pdbx_audit_revision_details.data_content_type   'Structure model' 
_pdbx_audit_revision_details.provider            repository 
_pdbx_audit_revision_details.type                'Initial release' 
_pdbx_audit_revision_details.description         ? 
_pdbx_audit_revision_details.details             ? 
# 
loop_
_pdbx_audit_revision_group.ordinal 
_pdbx_audit_revision_group.revision_ordinal 
_pdbx_audit_revision_group.data_content_type 
_pdbx_audit_revision_group.group 
1  2 'Structure model' 'Database references'       
2  2 'Structure model' 'Derived calculations'      
3  2 'Structure model' 'Non-polymer description'   
4  2 'Structure model' Other                       
5  2 'Structure model' 'Source and taxonomy'       
6  2 'Structure model' 'Structure summary'         
7  2 'Structure model' 'Version format compliance' 
8  3 'Structure model' 'Data collection'           
9  3 'Structure model' 'Derived calculations'      
10 4 'Structure model' 'Data collection'           
11 4 'Structure model' 'Database references'       
12 4 'Structure model' 'Refinement description'    
13 4 'Structure model' 'Structure summary'         
# 
loop_
_pdbx_audit_revision_category.ordinal 
_pdbx_audit_revision_category.revision_ordinal 
_pdbx_audit_revision_category.data_content_type 
_pdbx_audit_revision_category.category 
1 3 'Structure model' reflns                    
2 3 'Structure model' struct_conn               
3 4 'Structure model' chem_comp_atom            
4 4 'Structure model' chem_comp_bond            
5 4 'Structure model' database_2                
6 4 'Structure model' pdbx_entry_details        
7 4 'Structure model' pdbx_modification_feature 
8 4 'Structure model' refine                    
9 4 'Structure model' reflns                    
# 
loop_
_pdbx_audit_revision_item.ordinal 
_pdbx_audit_revision_item.revision_ordinal 
_pdbx_audit_revision_item.data_content_type 
_pdbx_audit_revision_item.item 
1 3 'Structure model' '_reflns.pdbx_redundancy'                      
2 3 'Structure model' '_struct_conn.pdbx_leaving_atom_flag'          
3 4 'Structure model' '_database_2.pdbx_DOI'                         
4 4 'Structure model' '_database_2.pdbx_database_accession'          
5 4 'Structure model' '_pdbx_entry_details.has_protein_modification' 
6 4 'Structure model' '_refine.ls_number_reflns_obs'                 
7 4 'Structure model' '_reflns.observed_criterion_sigma_I'           
# 
_pdbx_database_status.status_code                     REL 
_pdbx_database_status.entry_id                        2IUH 
_pdbx_database_status.deposit_site                    PDBE 
_pdbx_database_status.process_site                    PDBE 
_pdbx_database_status.SG_entry                        . 
_pdbx_database_status.recvd_initial_deposition_date   2006-06-03 
_pdbx_database_status.pdb_format_compatible           Y 
_pdbx_database_status.status_code_sf                  ? 
_pdbx_database_status.status_code_mr                  ? 
_pdbx_database_status.status_code_cs                  ? 
_pdbx_database_status.methods_development_category    ? 
_pdbx_database_status.status_code_nmr_data            ? 
# 
loop_
_pdbx_database_related.db_name 
_pdbx_database_related.db_id 
_pdbx_database_related.content_type 
_pdbx_database_related.details 
PDB 1A0N unspecified 
;NMR STUDY OF THE SH3 DOMAIN FROM FYN PROTO-ONCOGENE TYROSINE KINASE COMPLEXED WITH THE SYNTHETIC PEPTIDE P2L CORRESPONDING TO RESIDUES 91-104 OF THE P85 SUBUNIT OF PI3-KINASE, FAMILY OF 25 STRUCTURES
;
PDB 1AZG unspecified 
;NMR STUDY OF THE SH3 DOMAIN FROM FYN PROTO-ONCOGENE TYROSINE KINASE KINASE COMPLEXED WITH THE SYNTHETIC PEPTIDE P2L CORRESPONDING TO RESIDUES 91-104 OF THE P85 SUBUNIT OF PI3-KINASE, MINIMIZED AVERAGE (PROBMAP) STRUCTURE
;
PDB 1H9O unspecified 
;PHOSPHATIDYLINOSITOL 3-KINASE, P85-ALPHA SUBUNIT: C-TERMINAL SH2 DOMAIN COMPLEXED WITH A TYR751 PHOSPHOPEPTIDE FROM THE PDGF RECEPTOR, CRYSTAL STRUCTURE AT 1.79 A
;
PDB 1PBW unspecified 'STRUCTURE OF BCR-HOMOLOGY (BH) DOMAIN' 
PDB 1PHT unspecified 'PHOSPHATIDYLINOSITOL 3-KINASE P85-ALPHA SUBUNIT SH3 DOMAIN, RESIDUES 1-85' 
PDB 1PIC unspecified 
;PHOSPHATIDYLINOSITOL 3-KINASE, P85-ALPHA SUBUNIT: C-TERMINAL SH2 DOMAIN COMPLEXED WITH A TYR751 PHOSPHOPEPTIDE FROM THE PDGF RECEPTOR, NMR, MINIMIZED MEAN STRUCTURE
;
PDB 1PKS unspecified 'PHOSPHATIDYLINOSITOL 3-KINASE (PI3K) (SH3 DOMAIN) (NMR, MINIMIZED AVERAGE STRUCTURE)' 
PDB 1PKT unspecified 'PHOSPHATIDYLINOSITOL 3-KINASE (PI3K) (SH3 DOMAIN) (NMR, 30 STRUCTURES) RELATED ENTRIES' 
PDB 2IUG unspecified 'CRYSTAL STRUCTURE OF THE PI3-KINASE P85 N -TERMINAL SH2 DOMAIN' 
PDB 2IUI unspecified 'CRYSTAL STRUCTURE OF THE PI3-KINASE P85 N -TERMINAL SH2 DOMAIN IN COMPLEX WITH PDGFR PHOSPHOTYROSYL PEPTIDE' 
# 
loop_
_audit_author.name 
_audit_author.pdbx_ordinal 
'Nolte, R.T.'      1 
'Eck, M.J.'        2 
'Schlessinger, J.' 3 
'Shoelson, S.E.'   4 
'Harrison, S.C.'   5 
# 
_citation.id                        primary 
_citation.title                     
'Crystal Structure of the Pi 3-Kinase P85 Amino-Terminal Sh2 Domain and its Phosphopeptide Complexes' 
_citation.journal_abbrev            Nat.Struct.Biol. 
_citation.journal_volume            3 
_citation.page_first                364 
_citation.page_last                 ? 
_citation.year                      1996 
_citation.journal_id_ASTM           NSBIEW 
_citation.country                   US 
_citation.journal_id_ISSN           1072-8368 
_citation.journal_id_CSD            2024 
_citation.book_publisher            ? 
_citation.pdbx_database_id_PubMed   8599763 
_citation.pdbx_database_id_DOI      10.1038/NSB0496-364 
# 
loop_
_citation_author.citation_id 
_citation_author.name 
_citation_author.ordinal 
_citation_author.identifier_ORCID 
primary 'Nolte, R.T.'      1 ? 
primary 'Eck, M.J.'        2 ? 
primary 'Schlessinger, J.' 3 ? 
primary 'Shoelson, S.E.'   4 ? 
primary 'Harrison, S.C.'   5 ? 
# 
loop_
_entity.id 
_entity.type 
_entity.src_method 
_entity.pdbx_description 
_entity.formula_weight 
_entity.pdbx_number_of_molecules 
_entity.pdbx_ec 
_entity.pdbx_mutation 
_entity.pdbx_fragment 
_entity.details 
1 polymer man 'PHOSPHATIDYLINOSITOL 3-KINASE REGULATORY ALPHA SUBUNIT' 13939.569 1   ? ? 'N-TERMINAL SH2 DOMAIN, RESIDUES 321-440' 
? 
2 polymer man 'C-KIT PHOSPHOTYROSYL PEPTIDE'                           1365.445  1   ? ? 'RESIDUES 145-155'                        
? 
3 water   nat water                                                    18.015    101 ? ? ?                                         
? 
# 
_entity_name_com.entity_id   1 
_entity_name_com.name        'PI3-KINASE P85-ALPHA SUBUNIT, PTDINS-3-KINASE P85-ALPHA, PI3K' 
# 
loop_
_entity_poly.entity_id 
_entity_poly.type 
_entity_poly.nstd_linkage 
_entity_poly.nstd_monomer 
_entity_poly.pdbx_seq_one_letter_code 
_entity_poly.pdbx_seq_one_letter_code_can 
_entity_poly.pdbx_strand_id 
_entity_poly.pdbx_target_identifier 
1 'polypeptide(L)' no no  
;GMNNNMSLQNAEWYWGDISREEVNEKLRDTADGTFLVRDASTKMHGDYTLTLRKGGNNKLIKIFHRDGKYGFSDPLTFSS
VVELINHYRNESLAQYNPKLDVKLLYPVSKYQQDQVVKED
;
;GMNNNMSLQNAEWYWGDISREEVNEKLRDTADGTFLVRDASTKMHGDYTLTLRKGGNNKLIKIFHRDGKYGFSDPLTFSS
VVELINHYRNESLAQYNPKLDVKLLYPVSKYQQDQVVKED
;
A ? 
2 'polypeptide(L)' no yes 'TNE(PTR)MDMKPGV' TNEYMDMKPGV B ? 
# 
_pdbx_entity_nonpoly.entity_id   3 
_pdbx_entity_nonpoly.name        water 
_pdbx_entity_nonpoly.comp_id     HOH 
# 
loop_
_entity_poly_seq.entity_id 
_entity_poly_seq.num 
_entity_poly_seq.mon_id 
_entity_poly_seq.hetero 
1 1   GLY n 
1 2   MET n 
1 3   ASN n 
1 4   ASN n 
1 5   ASN n 
1 6   MET n 
1 7   SER n 
1 8   LEU n 
1 9   GLN n 
1 10  ASN n 
1 11  ALA n 
1 12  GLU n 
1 13  TRP n 
1 14  TYR n 
1 15  TRP n 
1 16  GLY n 
1 17  ASP n 
1 18  ILE n 
1 19  SER n 
1 20  ARG n 
1 21  GLU n 
1 22  GLU n 
1 23  VAL n 
1 24  ASN n 
1 25  GLU n 
1 26  LYS n 
1 27  LEU n 
1 28  ARG n 
1 29  ASP n 
1 30  THR n 
1 31  ALA n 
1 32  ASP n 
1 33  GLY n 
1 34  THR n 
1 35  PHE n 
1 36  LEU n 
1 37  VAL n 
1 38  ARG n 
1 39  ASP n 
1 40  ALA n 
1 41  SER n 
1 42  THR n 
1 43  LYS n 
1 44  MET n 
1 45  HIS n 
1 46  GLY n 
1 47  ASP n 
1 48  TYR n 
1 49  THR n 
1 50  LEU n 
1 51  THR n 
1 52  LEU n 
1 53  ARG n 
1 54  LYS n 
1 55  GLY n 
1 56  GLY n 
1 57  ASN n 
1 58  ASN n 
1 59  LYS n 
1 60  LEU n 
1 61  ILE n 
1 62  LYS n 
1 63  ILE n 
1 64  PHE n 
1 65  HIS n 
1 66  ARG n 
1 67  ASP n 
1 68  GLY n 
1 69  LYS n 
1 70  TYR n 
1 71  GLY n 
1 72  PHE n 
1 73  SER n 
1 74  ASP n 
1 75  PRO n 
1 76  LEU n 
1 77  THR n 
1 78  PHE n 
1 79  SER n 
1 80  SER n 
1 81  VAL n 
1 82  VAL n 
1 83  GLU n 
1 84  LEU n 
1 85  ILE n 
1 86  ASN n 
1 87  HIS n 
1 88  TYR n 
1 89  ARG n 
1 90  ASN n 
1 91  GLU n 
1 92  SER n 
1 93  LEU n 
1 94  ALA n 
1 95  GLN n 
1 96  TYR n 
1 97  ASN n 
1 98  PRO n 
1 99  LYS n 
1 100 LEU n 
1 101 ASP n 
1 102 VAL n 
1 103 LYS n 
1 104 LEU n 
1 105 LEU n 
1 106 TYR n 
1 107 PRO n 
1 108 VAL n 
1 109 SER n 
1 110 LYS n 
1 111 TYR n 
1 112 GLN n 
1 113 GLN n 
1 114 ASP n 
1 115 GLN n 
1 116 VAL n 
1 117 VAL n 
1 118 LYS n 
1 119 GLU n 
1 120 ASP n 
2 1   THR n 
2 2   ASN n 
2 3   GLU n 
2 4   PTR n 
2 5   MET n 
2 6   ASP n 
2 7   MET n 
2 8   LYS n 
2 9   PRO n 
2 10  GLY n 
2 11  VAL n 
# 
loop_
_entity_src_gen.entity_id 
_entity_src_gen.pdbx_src_id 
_entity_src_gen.pdbx_alt_source_flag 
_entity_src_gen.pdbx_seq_type 
_entity_src_gen.pdbx_beg_seq_num 
_entity_src_gen.pdbx_end_seq_num 
_entity_src_gen.gene_src_common_name 
_entity_src_gen.gene_src_genus 
_entity_src_gen.pdbx_gene_src_gene 
_entity_src_gen.gene_src_species 
_entity_src_gen.gene_src_strain 
_entity_src_gen.gene_src_tissue 
_entity_src_gen.gene_src_tissue_fraction 
_entity_src_gen.gene_src_details 
_entity_src_gen.pdbx_gene_src_fragment 
_entity_src_gen.pdbx_gene_src_scientific_name 
_entity_src_gen.pdbx_gene_src_ncbi_taxonomy_id 
_entity_src_gen.pdbx_gene_src_variant 
_entity_src_gen.pdbx_gene_src_cell_line 
_entity_src_gen.pdbx_gene_src_atcc 
_entity_src_gen.pdbx_gene_src_organ 
_entity_src_gen.pdbx_gene_src_organelle 
_entity_src_gen.pdbx_gene_src_cell 
_entity_src_gen.pdbx_gene_src_cellular_location 
_entity_src_gen.host_org_common_name 
_entity_src_gen.pdbx_host_org_scientific_name 
_entity_src_gen.pdbx_host_org_ncbi_taxonomy_id 
_entity_src_gen.host_org_genus 
_entity_src_gen.pdbx_host_org_gene 
_entity_src_gen.pdbx_host_org_organ 
_entity_src_gen.host_org_species 
_entity_src_gen.pdbx_host_org_tissue 
_entity_src_gen.pdbx_host_org_tissue_fraction 
_entity_src_gen.pdbx_host_org_strain 
_entity_src_gen.pdbx_host_org_variant 
_entity_src_gen.pdbx_host_org_cell_line 
_entity_src_gen.pdbx_host_org_atcc 
_entity_src_gen.pdbx_host_org_culture_collection 
_entity_src_gen.pdbx_host_org_cell 
_entity_src_gen.pdbx_host_org_organelle 
_entity_src_gen.pdbx_host_org_cellular_location 
_entity_src_gen.pdbx_host_org_vector_type 
_entity_src_gen.pdbx_host_org_vector 
_entity_src_gen.host_org_details 
_entity_src_gen.expression_system_id 
_entity_src_gen.plasmid_name 
_entity_src_gen.plasmid_details 
_entity_src_gen.pdbx_description 
1 1 sample ? ? ? HUMAN ? ? ? ? ? ? ? ? 'HOMO SAPIENS' 9606 ? ? ? ? ? ? ? ? 'ESCHERICHIA COLI' 469008 ? ? ? ? ? ? 'BL21(DE3)' ? ? ? 
? ? ? ? ? ? ? ? PET ? ? 
2 1 sample ? ? ? HUMAN ? ? ? ? ? ? ? ? 'HOMO SAPIENS' 9606 ? ? ? ? ? ? ? ? 'ESCHERICHIA COLI' 562    ? ? ? ? ? ? ?           ? ? ? 
? ? ? ? ? ? ? ? ?   ? ? 
# 
loop_
_chem_comp.id 
_chem_comp.type 
_chem_comp.mon_nstd_flag 
_chem_comp.name 
_chem_comp.pdbx_synonyms 
_chem_comp.formula 
_chem_comp.formula_weight 
ALA 'L-peptide linking' y ALANINE           ?                 'C3 H7 N O2'     89.093  
ARG 'L-peptide linking' y ARGININE          ?                 'C6 H15 N4 O2 1' 175.209 
ASN 'L-peptide linking' y ASPARAGINE        ?                 'C4 H8 N2 O3'    132.118 
ASP 'L-peptide linking' y 'ASPARTIC ACID'   ?                 'C4 H7 N O4'     133.103 
GLN 'L-peptide linking' y GLUTAMINE         ?                 'C5 H10 N2 O3'   146.144 
GLU 'L-peptide linking' y 'GLUTAMIC ACID'   ?                 'C5 H9 N O4'     147.129 
GLY 'peptide linking'   y GLYCINE           ?                 'C2 H5 N O2'     75.067  
HIS 'L-peptide linking' y HISTIDINE         ?                 'C6 H10 N3 O2 1' 156.162 
HOH non-polymer         . WATER             ?                 'H2 O'           18.015  
ILE 'L-peptide linking' y ISOLEUCINE        ?                 'C6 H13 N O2'    131.173 
LEU 'L-peptide linking' y LEUCINE           ?                 'C6 H13 N O2'    131.173 
LYS 'L-peptide linking' y LYSINE            ?                 'C6 H15 N2 O2 1' 147.195 
MET 'L-peptide linking' y METHIONINE        ?                 'C5 H11 N O2 S'  149.211 
PHE 'L-peptide linking' y PHENYLALANINE     ?                 'C9 H11 N O2'    165.189 
PRO 'L-peptide linking' y PROLINE           ?                 'C5 H9 N O2'     115.130 
PTR 'L-peptide linking' n O-PHOSPHOTYROSINE PHOSPHONOTYROSINE 'C9 H12 N O6 P'  261.168 
SER 'L-peptide linking' y SERINE            ?                 'C3 H7 N O3'     105.093 
THR 'L-peptide linking' y THREONINE         ?                 'C4 H9 N O3'     119.119 
TRP 'L-peptide linking' y TRYPTOPHAN        ?                 'C11 H12 N2 O2'  204.225 
TYR 'L-peptide linking' y TYROSINE          ?                 'C9 H11 N O3'    181.189 
VAL 'L-peptide linking' y VALINE            ?                 'C5 H11 N O2'    117.146 
# 
loop_
_pdbx_poly_seq_scheme.asym_id 
_pdbx_poly_seq_scheme.entity_id 
_pdbx_poly_seq_scheme.seq_id 
_pdbx_poly_seq_scheme.mon_id 
_pdbx_poly_seq_scheme.ndb_seq_num 
_pdbx_poly_seq_scheme.pdb_seq_num 
_pdbx_poly_seq_scheme.auth_seq_num 
_pdbx_poly_seq_scheme.pdb_mon_id 
_pdbx_poly_seq_scheme.auth_mon_id 
_pdbx_poly_seq_scheme.pdb_strand_id 
_pdbx_poly_seq_scheme.pdb_ins_code 
_pdbx_poly_seq_scheme.hetero 
A 1 1   GLY 1   0   ?   ?   ?   A . n 
A 1 2   MET 2   1   ?   ?   ?   A . n 
A 1 3   ASN 3   2   ?   ?   ?   A . n 
A 1 4   ASN 4   3   ?   ?   ?   A . n 
A 1 5   ASN 5   4   4   ASN ASN A . n 
A 1 6   MET 6   5   5   MET MET A . n 
A 1 7   SER 7   6   6   SER SER A . n 
A 1 8   LEU 8   7   7   LEU LEU A . n 
A 1 9   GLN 9   8   8   GLN GLN A . n 
A 1 10  ASN 10  9   9   ASN ASN A . n 
A 1 11  ALA 11  10  10  ALA ALA A . n 
A 1 12  GLU 12  11  11  GLU GLU A . n 
A 1 13  TRP 13  12  12  TRP TRP A . n 
A 1 14  TYR 14  13  13  TYR TYR A . n 
A 1 15  TRP 15  14  14  TRP TRP A . n 
A 1 16  GLY 16  15  15  GLY GLY A . n 
A 1 17  ASP 17  16  16  ASP ASP A . n 
A 1 18  ILE 18  17  17  ILE ILE A . n 
A 1 19  SER 19  18  18  SER SER A . n 
A 1 20  ARG 20  19  19  ARG ARG A . n 
A 1 21  GLU 21  20  20  GLU GLU A . n 
A 1 22  GLU 22  21  21  GLU GLU A . n 
A 1 23  VAL 23  22  22  VAL VAL A . n 
A 1 24  ASN 24  23  23  ASN ASN A . n 
A 1 25  GLU 25  24  24  GLU GLU A . n 
A 1 26  LYS 26  25  25  LYS LYS A . n 
A 1 27  LEU 27  26  26  LEU LEU A . n 
A 1 28  ARG 28  27  27  ARG ARG A . n 
A 1 29  ASP 29  28  28  ASP ASP A . n 
A 1 30  THR 30  29  29  THR THR A . n 
A 1 31  ALA 31  30  30  ALA ALA A . n 
A 1 32  ASP 32  31  31  ASP ASP A . n 
A 1 33  GLY 33  32  32  GLY GLY A . n 
A 1 34  THR 34  33  33  THR THR A . n 
A 1 35  PHE 35  34  34  PHE PHE A . n 
A 1 36  LEU 36  35  35  LEU LEU A . n 
A 1 37  VAL 37  36  36  VAL VAL A . n 
A 1 38  ARG 38  37  37  ARG ARG A . n 
A 1 39  ASP 39  38  38  ASP ASP A . n 
A 1 40  ALA 40  39  39  ALA ALA A . n 
A 1 41  SER 41  40  40  SER SER A . n 
A 1 42  THR 42  41  41  THR THR A . n 
A 1 43  LYS 43  42  42  LYS LYS A . n 
A 1 44  MET 44  43  43  MET MET A . n 
A 1 45  HIS 45  44  44  HIS HIS A . n 
A 1 46  GLY 46  45  45  GLY GLY A . n 
A 1 47  ASP 47  46  46  ASP ASP A . n 
A 1 48  TYR 48  47  47  TYR TYR A . n 
A 1 49  THR 49  48  48  THR THR A . n 
A 1 50  LEU 50  49  49  LEU LEU A . n 
A 1 51  THR 51  50  50  THR THR A . n 
A 1 52  LEU 52  51  51  LEU LEU A . n 
A 1 53  ARG 53  52  52  ARG ARG A . n 
A 1 54  LYS 54  53  53  LYS LYS A . n 
A 1 55  GLY 55  54  54  GLY GLY A . n 
A 1 56  GLY 56  55  55  GLY GLY A . n 
A 1 57  ASN 57  56  56  ASN ASN A . n 
A 1 58  ASN 58  57  57  ASN ASN A . n 
A 1 59  LYS 59  58  58  LYS LYS A . n 
A 1 60  LEU 60  59  59  LEU LEU A . n 
A 1 61  ILE 61  60  60  ILE ILE A . n 
A 1 62  LYS 62  61  61  LYS LYS A . n 
A 1 63  ILE 63  62  62  ILE ILE A . n 
A 1 64  PHE 64  63  63  PHE PHE A . n 
A 1 65  HIS 65  64  64  HIS HIS A . n 
A 1 66  ARG 66  65  65  ARG ARG A . n 
A 1 67  ASP 67  66  66  ASP ASP A . n 
A 1 68  GLY 68  67  67  GLY GLY A . n 
A 1 69  LYS 69  68  68  LYS LYS A . n 
A 1 70  TYR 70  69  69  TYR TYR A . n 
A 1 71  GLY 71  70  70  GLY GLY A . n 
A 1 72  PHE 72  71  71  PHE PHE A . n 
A 1 73  SER 73  72  72  SER SER A . n 
A 1 74  ASP 74  73  73  ASP ASP A . n 
A 1 75  PRO 75  74  74  PRO PRO A . n 
A 1 76  LEU 76  75  75  LEU LEU A . n 
A 1 77  THR 77  76  76  THR THR A . n 
A 1 78  PHE 78  77  77  PHE PHE A . n 
A 1 79  SER 79  78  78  SER SER A . n 
A 1 80  SER 80  79  79  SER SER A . n 
A 1 81  VAL 81  80  80  VAL VAL A . n 
A 1 82  VAL 82  81  81  VAL VAL A . n 
A 1 83  GLU 83  82  82  GLU GLU A . n 
A 1 84  LEU 84  83  83  LEU LEU A . n 
A 1 85  ILE 85  84  84  ILE ILE A . n 
A 1 86  ASN 86  85  85  ASN ASN A . n 
A 1 87  HIS 87  86  86  HIS HIS A . n 
A 1 88  TYR 88  87  87  TYR TYR A . n 
A 1 89  ARG 89  88  88  ARG ARG A . n 
A 1 90  ASN 90  89  89  ASN ASN A . n 
A 1 91  GLU 91  90  90  GLU GLU A . n 
A 1 92  SER 92  91  91  SER SER A . n 
A 1 93  LEU 93  92  92  LEU LEU A . n 
A 1 94  ALA 94  93  93  ALA ALA A . n 
A 1 95  GLN 95  94  94  GLN GLN A . n 
A 1 96  TYR 96  95  95  TYR TYR A . n 
A 1 97  ASN 97  96  96  ASN ASN A . n 
A 1 98  PRO 98  97  97  PRO PRO A . n 
A 1 99  LYS 99  98  98  LYS LYS A . n 
A 1 100 LEU 100 99  99  LEU LEU A . n 
A 1 101 ASP 101 100 100 ASP ASP A . n 
A 1 102 VAL 102 101 101 VAL VAL A . n 
A 1 103 LYS 103 102 102 LYS LYS A . n 
A 1 104 LEU 104 103 103 LEU LEU A . n 
A 1 105 LEU 105 104 104 LEU LEU A . n 
A 1 106 TYR 106 105 105 TYR TYR A . n 
A 1 107 PRO 107 106 106 PRO PRO A . n 
A 1 108 VAL 108 107 107 VAL VAL A . n 
A 1 109 SER 109 108 108 SER SER A . n 
A 1 110 LYS 110 109 109 LYS LYS A . n 
A 1 111 TYR 111 110 110 TYR TYR A . n 
A 1 112 GLN 112 111 111 GLN GLN A . n 
A 1 113 GLN 113 112 112 GLN GLN A . n 
A 1 114 ASP 114 113 113 ASP ASP A . n 
A 1 115 GLN 115 114 114 GLN GLN A . n 
A 1 116 VAL 116 115 115 VAL VAL A . n 
A 1 117 VAL 117 116 116 VAL VAL A . n 
A 1 118 LYS 118 117 117 LYS LYS A . n 
A 1 119 GLU 119 118 118 GLU GLU A . n 
A 1 120 ASP 120 119 ?   ?   ?   A . n 
B 2 1   THR 1   201 201 THR THR B . n 
B 2 2   ASN 2   202 202 ASN ASN B . n 
B 2 3   GLU 3   203 203 GLU GLU B . n 
B 2 4   PTR 4   204 204 PTR PTR B . n 
B 2 5   MET 5   205 205 MET MET B . n 
B 2 6   ASP 6   206 206 ASP ASP B . n 
B 2 7   MET 7   207 207 MET MET B . n 
B 2 8   LYS 8   208 208 LYS LYS B . n 
B 2 9   PRO 9   209 ?   ?   ?   B . n 
B 2 10  GLY 10  210 ?   ?   ?   B . n 
B 2 11  VAL 11  211 ?   ?   ?   B . n 
# 
loop_
_pdbx_nonpoly_scheme.asym_id 
_pdbx_nonpoly_scheme.entity_id 
_pdbx_nonpoly_scheme.mon_id 
_pdbx_nonpoly_scheme.ndb_seq_num 
_pdbx_nonpoly_scheme.pdb_seq_num 
_pdbx_nonpoly_scheme.auth_seq_num 
_pdbx_nonpoly_scheme.pdb_mon_id 
_pdbx_nonpoly_scheme.auth_mon_id 
_pdbx_nonpoly_scheme.pdb_strand_id 
_pdbx_nonpoly_scheme.pdb_ins_code 
C 3 HOH 1  2001 2001 HOH HOH A . 
C 3 HOH 2  2002 2002 HOH HOH A . 
C 3 HOH 3  2003 2003 HOH HOH A . 
C 3 HOH 4  2004 2004 HOH HOH A . 
C 3 HOH 5  2005 2005 HOH HOH A . 
C 3 HOH 6  2006 2006 HOH HOH A . 
C 3 HOH 7  2007 2007 HOH HOH A . 
C 3 HOH 8  2008 2008 HOH HOH A . 
C 3 HOH 9  2009 2009 HOH HOH A . 
C 3 HOH 10 2010 2010 HOH HOH A . 
C 3 HOH 11 2011 2011 HOH HOH A . 
C 3 HOH 12 2012 2012 HOH HOH A . 
C 3 HOH 13 2013 2013 HOH HOH A . 
C 3 HOH 14 2014 2014 HOH HOH A . 
C 3 HOH 15 2015 2015 HOH HOH A . 
C 3 HOH 16 2016 2016 HOH HOH A . 
C 3 HOH 17 2017 2017 HOH HOH A . 
C 3 HOH 18 2018 2018 HOH HOH A . 
C 3 HOH 19 2019 2019 HOH HOH A . 
C 3 HOH 20 2020 2020 HOH HOH A . 
C 3 HOH 21 2021 2021 HOH HOH A . 
C 3 HOH 22 2022 2022 HOH HOH A . 
C 3 HOH 23 2023 2023 HOH HOH A . 
C 3 HOH 24 2024 2024 HOH HOH A . 
C 3 HOH 25 2025 2025 HOH HOH A . 
C 3 HOH 26 2026 2026 HOH HOH A . 
C 3 HOH 27 2027 2027 HOH HOH A . 
C 3 HOH 28 2028 2028 HOH HOH A . 
C 3 HOH 29 2029 2029 HOH HOH A . 
C 3 HOH 30 2030 2030 HOH HOH A . 
C 3 HOH 31 2031 2031 HOH HOH A . 
C 3 HOH 32 2032 2032 HOH HOH A . 
C 3 HOH 33 2033 2033 HOH HOH A . 
C 3 HOH 34 2034 2034 HOH HOH A . 
C 3 HOH 35 2035 2035 HOH HOH A . 
C 3 HOH 36 2036 2036 HOH HOH A . 
C 3 HOH 37 2037 2037 HOH HOH A . 
C 3 HOH 38 2038 2038 HOH HOH A . 
C 3 HOH 39 2039 2039 HOH HOH A . 
C 3 HOH 40 2040 2040 HOH HOH A . 
C 3 HOH 41 2041 2041 HOH HOH A . 
C 3 HOH 42 2042 2042 HOH HOH A . 
C 3 HOH 43 2043 2043 HOH HOH A . 
C 3 HOH 44 2044 2044 HOH HOH A . 
C 3 HOH 45 2045 2045 HOH HOH A . 
C 3 HOH 46 2046 2046 HOH HOH A . 
C 3 HOH 47 2047 2047 HOH HOH A . 
C 3 HOH 48 2048 2048 HOH HOH A . 
C 3 HOH 49 2049 2049 HOH HOH A . 
C 3 HOH 50 2050 2050 HOH HOH A . 
C 3 HOH 51 2051 2051 HOH HOH A . 
C 3 HOH 52 2052 2052 HOH HOH A . 
C 3 HOH 53 2053 2053 HOH HOH A . 
C 3 HOH 54 2054 2054 HOH HOH A . 
C 3 HOH 55 2055 2055 HOH HOH A . 
C 3 HOH 56 2056 2056 HOH HOH A . 
C 3 HOH 57 2057 2057 HOH HOH A . 
C 3 HOH 58 2058 2058 HOH HOH A . 
C 3 HOH 59 2059 2059 HOH HOH A . 
C 3 HOH 60 2060 2060 HOH HOH A . 
C 3 HOH 61 2061 2061 HOH HOH A . 
C 3 HOH 62 2062 2062 HOH HOH A . 
C 3 HOH 63 2063 2063 HOH HOH A . 
C 3 HOH 64 2064 2064 HOH HOH A . 
C 3 HOH 65 2065 2065 HOH HOH A . 
C 3 HOH 66 2066 2066 HOH HOH A . 
C 3 HOH 67 2067 2067 HOH HOH A . 
C 3 HOH 68 2068 2068 HOH HOH A . 
C 3 HOH 69 2069 2069 HOH HOH A . 
C 3 HOH 70 2070 2070 HOH HOH A . 
C 3 HOH 71 2071 2071 HOH HOH A . 
C 3 HOH 72 2072 2072 HOH HOH A . 
C 3 HOH 73 2073 2073 HOH HOH A . 
C 3 HOH 74 2074 2074 HOH HOH A . 
C 3 HOH 75 2075 2075 HOH HOH A . 
C 3 HOH 76 2076 2076 HOH HOH A . 
C 3 HOH 77 2077 2077 HOH HOH A . 
C 3 HOH 78 2078 2078 HOH HOH A . 
C 3 HOH 79 2079 2079 HOH HOH A . 
C 3 HOH 80 2080 2080 HOH HOH A . 
C 3 HOH 81 2081 2081 HOH HOH A . 
C 3 HOH 82 2082 2082 HOH HOH A . 
C 3 HOH 83 2083 2083 HOH HOH A . 
C 3 HOH 84 2084 2084 HOH HOH A . 
C 3 HOH 85 2085 2085 HOH HOH A . 
C 3 HOH 86 2086 2086 HOH HOH A . 
C 3 HOH 87 2087 2087 HOH HOH A . 
C 3 HOH 88 2088 2088 HOH HOH A . 
C 3 HOH 89 2089 2089 HOH HOH A . 
C 3 HOH 90 2090 2090 HOH HOH A . 
C 3 HOH 91 2091 2091 HOH HOH A . 
C 3 HOH 92 2092 2092 HOH HOH A . 
C 3 HOH 93 2093 2093 HOH HOH A . 
C 3 HOH 94 2094 2094 HOH HOH A . 
D 3 HOH 1  2001 2001 HOH HOH B . 
D 3 HOH 2  2002 2002 HOH HOH B . 
D 3 HOH 3  2003 2003 HOH HOH B . 
D 3 HOH 4  2004 2004 HOH HOH B . 
D 3 HOH 5  2005 2005 HOH HOH B . 
D 3 HOH 6  2006 2006 HOH HOH B . 
D 3 HOH 7  2007 2007 HOH HOH B . 
# 
_software.name             X-PLOR 
_software.classification   refinement 
_software.version          . 
_software.citation_id      ? 
_software.pdbx_ordinal     1 
# 
_cell.entry_id           2IUH 
_cell.length_a           56.950 
_cell.length_b           56.950 
_cell.length_c           68.170 
_cell.angle_alpha        90.00 
_cell.angle_beta         90.00 
_cell.angle_gamma        90.00 
_cell.Z_PDB              8 
_cell.pdbx_unique_axis   ? 
# 
_symmetry.entry_id                         2IUH 
_symmetry.space_group_name_H-M             'P 41 21 2' 
_symmetry.pdbx_full_space_group_name_H-M   ? 
_symmetry.cell_setting                     ? 
_symmetry.Int_Tables_number                92 
# 
_exptl.entry_id          2IUH 
_exptl.method            'X-RAY DIFFRACTION' 
_exptl.crystals_number   ? 
# 
_exptl_crystal.id                    1 
_exptl_crystal.density_meas          ? 
_exptl_crystal.density_Matthews      1.9 
_exptl_crystal.density_percent_sol   34 
_exptl_crystal.description           ? 
# 
_exptl_crystal_grow.crystal_id      1 
_exptl_crystal_grow.method          ? 
_exptl_crystal_grow.temp            ? 
_exptl_crystal_grow.temp_details    ? 
_exptl_crystal_grow.pH              ? 
_exptl_crystal_grow.pdbx_pH_range   ? 
_exptl_crystal_grow.pdbx_details    '0.1M NA CITRATE PH5.6, 0.2M NA/K TARTRATE, 2M AMMONIUM SULFATE' 
# 
_diffrn.id                     1 
_diffrn.ambient_temp           278.0 
_diffrn.ambient_temp_details   ? 
_diffrn.crystal_id             1 
# 
_diffrn_radiation.diffrn_id                        1 
_diffrn_radiation.wavelength_id                    1 
_diffrn_radiation.pdbx_monochromatic_or_laue_m_l   M 
_diffrn_radiation.monochromator                    ? 
_diffrn_radiation.pdbx_diffrn_protocol             'SINGLE WAVELENGTH' 
_diffrn_radiation.pdbx_scattering_type             x-ray 
# 
_diffrn_radiation_wavelength.id           1 
_diffrn_radiation_wavelength.wavelength   1.5418 
_diffrn_radiation_wavelength.wt           1.0 
# 
_diffrn_source.diffrn_id                   1 
_diffrn_source.source                      'ROTATING ANODE' 
_diffrn_source.type                        ? 
_diffrn_source.pdbx_synchrotron_site       ? 
_diffrn_source.pdbx_synchrotron_beamline   ? 
_diffrn_source.pdbx_wavelength             1.5418 
_diffrn_source.pdbx_wavelength_list        ? 
# 
_reflns.pdbx_diffrn_id               1 
_reflns.pdbx_ordinal                 1 
_reflns.entry_id                     2IUH 
_reflns.observed_criterion_sigma_I   ? 
_reflns.observed_criterion_sigma_F   ? 
_reflns.d_resolution_low             20.000 
_reflns.d_resolution_high            2.000 
_reflns.number_obs                   8651 
_reflns.number_all                   ? 
_reflns.percent_possible_obs         96.5 
_reflns.pdbx_Rmerge_I_obs            0.05000 
_reflns.pdbx_Rsym_value              ? 
_reflns.pdbx_netI_over_sigmaI        30.8700 
_reflns.B_iso_Wilson_estimate        ? 
_reflns.pdbx_redundancy              ? 
_reflns.pdbx_CC_half                 ? 
_reflns.pdbx_CC_star                 ? 
_reflns.pdbx_Rpim_I_all              ? 
_reflns.pdbx_Rrim_I_all              ? 
# 
_reflns_shell.pdbx_diffrn_id         1 
_reflns_shell.pdbx_ordinal           1 
_reflns_shell.d_res_high             2.00 
_reflns_shell.d_res_low              2.10 
_reflns_shell.percent_possible_all   92.7 
_reflns_shell.Rmerge_I_obs           0.14000 
_reflns_shell.pdbx_Rsym_value        ? 
_reflns_shell.meanI_over_sigI_obs    10.840 
_reflns_shell.pdbx_redundancy        ? 
_reflns_shell.number_measured_obs    ? 
_reflns_shell.number_unique_all      ? 
_reflns_shell.number_unique_obs      ? 
_reflns_shell.pdbx_CC_half           ? 
_reflns_shell.pdbx_CC_star           ? 
_reflns_shell.pdbx_Rpim_I_all        ? 
_reflns_shell.pdbx_Rrim_I_all        ? 
# 
_refine.pdbx_refine_id                           'X-RAY DIFFRACTION' 
_refine.entry_id                                 2IUH 
_refine.pdbx_diffrn_id                           1 
_refine.pdbx_TLS_residual_ADP_flag               ? 
_refine.ls_number_reflns_obs                     ? 
_refine.ls_number_reflns_all                     ? 
_refine.pdbx_ls_sigma_I                          ? 
_refine.pdbx_ls_sigma_F                          0 
_refine.pdbx_data_cutoff_high_absF               ? 
_refine.pdbx_data_cutoff_low_absF                ? 
_refine.pdbx_data_cutoff_high_rms_absF           ? 
_refine.ls_d_res_low                             15.00 
_refine.ls_d_res_high                            2.00 
_refine.ls_percent_reflns_obs                    00000 
_refine.ls_R_factor_obs                          0.1539 
_refine.ls_R_factor_all                          ? 
_refine.ls_R_factor_R_work                       0.1539 
_refine.ls_R_factor_R_free                       0.2450 
_refine.ls_R_factor_R_free_error                 ? 
_refine.ls_R_factor_R_free_error_details         ? 
_refine.ls_percent_reflns_R_free                 ? 
_refine.ls_number_reflns_R_free                  ? 
_refine.ls_number_parameters                     ? 
_refine.ls_number_restraints                     ? 
_refine.occupancy_min                            ? 
_refine.occupancy_max                            ? 
_refine.correlation_coeff_Fo_to_Fc               ? 
_refine.correlation_coeff_Fo_to_Fc_free          ? 
_refine.B_iso_mean                               17.65 
_refine.aniso_B[1][1]                            ? 
_refine.aniso_B[2][2]                            ? 
_refine.aniso_B[3][3]                            ? 
_refine.aniso_B[1][2]                            ? 
_refine.aniso_B[1][3]                            ? 
_refine.aniso_B[2][3]                            ? 
_refine.solvent_model_details                    ? 
_refine.solvent_model_param_ksol                 ? 
_refine.solvent_model_param_bsol                 ? 
_refine.pdbx_solvent_vdw_probe_radii             ? 
_refine.pdbx_solvent_ion_probe_radii             ? 
_refine.pdbx_solvent_shrinkage_radii             ? 
_refine.pdbx_ls_cross_valid_method               THROUGHOUT 
_refine.details                                  
;THIS COODINATES FILE WAS DEPOSITED 10 YEARS AFTER THE PUBLICATION OF THE WORK. SOME OF THE DATA ARE MISSING AND ARE SHOWN AS '00000'
;
_refine.pdbx_starting_model                      ? 
_refine.pdbx_method_to_determine_struct          OTHER 
_refine.pdbx_isotropic_thermal_model             ? 
_refine.pdbx_stereochemistry_target_values       ? 
_refine.pdbx_stereochem_target_val_spec_case     ? 
_refine.pdbx_R_Free_selection_details            ? 
_refine.pdbx_overall_ESU_R                       ? 
_refine.pdbx_overall_ESU_R_Free                  ? 
_refine.overall_SU_ML                            ? 
_refine.pdbx_overall_phase_error                 ? 
_refine.overall_SU_B                             ? 
_refine.overall_SU_R_Cruickshank_DPI             ? 
_refine.pdbx_overall_SU_R_free_Cruickshank_DPI   ? 
_refine.pdbx_overall_SU_R_Blow_DPI               ? 
_refine.pdbx_overall_SU_R_free_Blow_DPI          ? 
# 
_refine_hist.pdbx_refine_id                   'X-RAY DIFFRACTION' 
_refine_hist.cycle_id                         LAST 
_refine_hist.pdbx_number_atoms_protein        1018 
_refine_hist.pdbx_number_atoms_nucleic_acid   0 
_refine_hist.pdbx_number_atoms_ligand         0 
_refine_hist.number_atoms_solvent             101 
_refine_hist.number_atoms_total               1119 
_refine_hist.d_res_high                       2.00 
_refine_hist.d_res_low                        15.00 
# 
loop_
_refine_ls_restr.type 
_refine_ls_restr.dev_ideal 
_refine_ls_restr.dev_ideal_target 
_refine_ls_restr.weight 
_refine_ls_restr.number 
_refine_ls_restr.pdbx_refine_id 
_refine_ls_restr.pdbx_restraint_function 
x_bond_d                0.010 ? ? ? 'X-RAY DIFFRACTION' ? 
x_bond_d_na             ?     ? ? ? 'X-RAY DIFFRACTION' ? 
x_bond_d_prot           ?     ? ? ? 'X-RAY DIFFRACTION' ? 
x_angle_d               ?     ? ? ? 'X-RAY DIFFRACTION' ? 
x_angle_d_na            ?     ? ? ? 'X-RAY DIFFRACTION' ? 
x_angle_d_prot          ?     ? ? ? 'X-RAY DIFFRACTION' ? 
x_angle_deg             1.728 ? ? ? 'X-RAY DIFFRACTION' ? 
x_angle_deg_na          ?     ? ? ? 'X-RAY DIFFRACTION' ? 
x_angle_deg_prot        ?     ? ? ? 'X-RAY DIFFRACTION' ? 
x_dihedral_angle_d      ?     ? ? ? 'X-RAY DIFFRACTION' ? 
x_dihedral_angle_d_na   ?     ? ? ? 'X-RAY DIFFRACTION' ? 
x_dihedral_angle_d_prot ?     ? ? ? 'X-RAY DIFFRACTION' ? 
x_improper_angle_d      ?     ? ? ? 'X-RAY DIFFRACTION' ? 
x_improper_angle_d_na   ?     ? ? ? 'X-RAY DIFFRACTION' ? 
x_improper_angle_d_prot ?     ? ? ? 'X-RAY DIFFRACTION' ? 
x_mcbond_it             ?     ? ? ? 'X-RAY DIFFRACTION' ? 
x_mcangle_it            ?     ? ? ? 'X-RAY DIFFRACTION' ? 
x_scbond_it             ?     ? ? ? 'X-RAY DIFFRACTION' ? 
x_scangle_it            ?     ? ? ? 'X-RAY DIFFRACTION' ? 
# 
_struct.entry_id                  2IUH 
_struct.title                     
'Crystal structure of the PI3-kinase p85 N-terminal SH2 domain in complex with c-Kit phosphotyrosyl peptide' 
_struct.pdbx_model_details        ? 
_struct.pdbx_CASP_flag            ? 
_struct.pdbx_model_type_details   ? 
# 
_struct_keywords.entry_id        2IUH 
_struct_keywords.pdbx_keywords   TRANSFERASE 
_struct_keywords.text            
'TRANSFERASE, POLYMORPHISM, UBL CONJUGATION, PHOSPHORYLATION, P85, SH2, PI3K, SH2 DOMAIN, SH3 DOMAIN, PI3-KINASE, DISEASE MUTATION' 
# 
loop_
_struct_asym.id 
_struct_asym.pdbx_blank_PDB_chainid_flag 
_struct_asym.pdbx_modified 
_struct_asym.entity_id 
_struct_asym.details 
A N N 1 ? 
B N N 2 ? 
C N N 3 ? 
D N N 3 ? 
# 
loop_
_struct_ref.id 
_struct_ref.db_name 
_struct_ref.db_code 
_struct_ref.entity_id 
_struct_ref.pdbx_seq_one_letter_code 
_struct_ref.pdbx_align_begin 
_struct_ref.pdbx_db_accession 
_struct_ref.pdbx_db_isoform 
1 UNP P85A_HUMAN   1 ? ? P27986 ? 
2 UNP Q8TCG9_HUMAN 2 ? ? Q8TCG9 ? 
# 
loop_
_struct_ref_seq.align_id 
_struct_ref_seq.ref_id 
_struct_ref_seq.pdbx_PDB_id_code 
_struct_ref_seq.pdbx_strand_id 
_struct_ref_seq.seq_align_beg 
_struct_ref_seq.pdbx_seq_align_beg_ins_code 
_struct_ref_seq.seq_align_end 
_struct_ref_seq.pdbx_seq_align_end_ins_code 
_struct_ref_seq.pdbx_db_accession 
_struct_ref_seq.db_align_beg 
_struct_ref_seq.pdbx_db_align_beg_ins_code 
_struct_ref_seq.db_align_end 
_struct_ref_seq.pdbx_db_align_end_ins_code 
_struct_ref_seq.pdbx_auth_seq_align_beg 
_struct_ref_seq.pdbx_auth_seq_align_end 
1 1 2IUH A 1 ? 120 ? P27986 321 ? 440 ? 0   119 
2 2 2IUH B 1 ? 11  ? Q8TCG9 145 ? 155 ? 201 211 
# 
_struct_ref_seq_dif.align_id                     1 
_struct_ref_seq_dif.pdbx_pdb_id_code             2IUH 
_struct_ref_seq_dif.mon_id                       ASN 
_struct_ref_seq_dif.pdbx_pdb_strand_id           A 
_struct_ref_seq_dif.seq_num                      10 
_struct_ref_seq_dif.pdbx_pdb_ins_code            ? 
_struct_ref_seq_dif.pdbx_seq_db_name             UNP 
_struct_ref_seq_dif.pdbx_seq_db_accession_code   P27986 
_struct_ref_seq_dif.db_mon_id                    ASP 
_struct_ref_seq_dif.pdbx_seq_db_seq_num          330 
_struct_ref_seq_dif.details                      conflict 
_struct_ref_seq_dif.pdbx_auth_seq_num            9 
_struct_ref_seq_dif.pdbx_ordinal                 1 
# 
_pdbx_struct_assembly.id                   1 
_pdbx_struct_assembly.details              author_and_software_defined_assembly 
_pdbx_struct_assembly.method_details       PISA 
_pdbx_struct_assembly.oligomeric_details   dimeric 
_pdbx_struct_assembly.oligomeric_count     2 
# 
loop_
_pdbx_struct_assembly_prop.biol_id 
_pdbx_struct_assembly_prop.type 
_pdbx_struct_assembly_prop.value 
_pdbx_struct_assembly_prop.details 
1 'ABSA (A^2)' 1250 ? 
1 MORE         -9.3 ? 
1 'SSA (A^2)'  7600 ? 
# 
_pdbx_struct_assembly_gen.assembly_id       1 
_pdbx_struct_assembly_gen.oper_expression   1 
_pdbx_struct_assembly_gen.asym_id_list      A,B,C,D 
# 
_pdbx_struct_oper_list.id                   1 
_pdbx_struct_oper_list.type                 'identity operation' 
_pdbx_struct_oper_list.name                 1_555 
_pdbx_struct_oper_list.symmetry_operation   x,y,z 
_pdbx_struct_oper_list.matrix[1][1]         1.0000000000 
_pdbx_struct_oper_list.matrix[1][2]         0.0000000000 
_pdbx_struct_oper_list.matrix[1][3]         0.0000000000 
_pdbx_struct_oper_list.vector[1]            0.0000000000 
_pdbx_struct_oper_list.matrix[2][1]         0.0000000000 
_pdbx_struct_oper_list.matrix[2][2]         1.0000000000 
_pdbx_struct_oper_list.matrix[2][3]         0.0000000000 
_pdbx_struct_oper_list.vector[2]            0.0000000000 
_pdbx_struct_oper_list.matrix[3][1]         0.0000000000 
_pdbx_struct_oper_list.matrix[3][2]         0.0000000000 
_pdbx_struct_oper_list.matrix[3][3]         1.0000000000 
_pdbx_struct_oper_list.vector[3]            0.0000000000 
# 
loop_
_struct_conf.conf_type_id 
_struct_conf.id 
_struct_conf.pdbx_PDB_helix_id 
_struct_conf.beg_label_comp_id 
_struct_conf.beg_label_asym_id 
_struct_conf.beg_label_seq_id 
_struct_conf.pdbx_beg_PDB_ins_code 
_struct_conf.end_label_comp_id 
_struct_conf.end_label_asym_id 
_struct_conf.end_label_seq_id 
_struct_conf.pdbx_end_PDB_ins_code 
_struct_conf.beg_auth_comp_id 
_struct_conf.beg_auth_asym_id 
_struct_conf.beg_auth_seq_id 
_struct_conf.end_auth_comp_id 
_struct_conf.end_auth_asym_id 
_struct_conf.end_auth_seq_id 
_struct_conf.pdbx_PDB_helix_class 
_struct_conf.details 
_struct_conf.pdbx_PDB_helix_length 
HELX_P HELX_P1 1 SER A 7  ? ALA A 11  ? SER A 6  ALA A 10  5 ? 5  
HELX_P HELX_P2 2 SER A 19 ? LEU A 27  ? SER A 18 LEU A 26  1 ? 9  
HELX_P HELX_P3 3 SER A 80 ? ARG A 89  ? SER A 79 ARG A 88  1 ? 10 
HELX_P HELX_P4 4 SER A 92 ? TYR A 96  ? SER A 91 TYR A 95  5 ? 5  
HELX_P HELX_P5 5 ASN A 97 ? ASP A 101 ? ASN A 96 ASP A 100 5 ? 5  
# 
_struct_conf_type.id          HELX_P 
_struct_conf_type.criteria    ? 
_struct_conf_type.reference   ? 
# 
loop_
_struct_conn.id 
_struct_conn.conn_type_id 
_struct_conn.pdbx_leaving_atom_flag 
_struct_conn.pdbx_PDB_id 
_struct_conn.ptnr1_label_asym_id 
_struct_conn.ptnr1_label_comp_id 
_struct_conn.ptnr1_label_seq_id 
_struct_conn.ptnr1_label_atom_id 
_struct_conn.pdbx_ptnr1_label_alt_id 
_struct_conn.pdbx_ptnr1_PDB_ins_code 
_struct_conn.pdbx_ptnr1_standard_comp_id 
_struct_conn.ptnr1_symmetry 
_struct_conn.ptnr2_label_asym_id 
_struct_conn.ptnr2_label_comp_id 
_struct_conn.ptnr2_label_seq_id 
_struct_conn.ptnr2_label_atom_id 
_struct_conn.pdbx_ptnr2_label_alt_id 
_struct_conn.pdbx_ptnr2_PDB_ins_code 
_struct_conn.ptnr1_auth_asym_id 
_struct_conn.ptnr1_auth_comp_id 
_struct_conn.ptnr1_auth_seq_id 
_struct_conn.ptnr2_auth_asym_id 
_struct_conn.ptnr2_auth_comp_id 
_struct_conn.ptnr2_auth_seq_id 
_struct_conn.ptnr2_symmetry 
_struct_conn.pdbx_ptnr3_label_atom_id 
_struct_conn.pdbx_ptnr3_label_seq_id 
_struct_conn.pdbx_ptnr3_label_comp_id 
_struct_conn.pdbx_ptnr3_label_asym_id 
_struct_conn.pdbx_ptnr3_label_alt_id 
_struct_conn.pdbx_ptnr3_PDB_ins_code 
_struct_conn.details 
_struct_conn.pdbx_dist_value 
_struct_conn.pdbx_value_order 
_struct_conn.pdbx_role 
covale1 covale both ? B GLU 3 C ? ? ? 1_555 B PTR 4 N ? ? B GLU 203 B PTR 204 1_555 ? ? ? ? ? ? ? 1.328 ? ? 
covale2 covale both ? B PTR 4 C ? ? ? 1_555 B MET 5 N ? ? B PTR 204 B MET 205 1_555 ? ? ? ? ? ? ? 1.329 ? ? 
# 
_struct_conn_type.id          covale 
_struct_conn_type.criteria    ? 
_struct_conn_type.reference   ? 
# 
_pdbx_modification_feature.ordinal                            1 
_pdbx_modification_feature.label_comp_id                      PTR 
_pdbx_modification_feature.label_asym_id                      B 
_pdbx_modification_feature.label_seq_id                       4 
_pdbx_modification_feature.label_alt_id                       ? 
_pdbx_modification_feature.modified_residue_label_comp_id     . 
_pdbx_modification_feature.modified_residue_label_asym_id     . 
_pdbx_modification_feature.modified_residue_label_seq_id      . 
_pdbx_modification_feature.modified_residue_label_alt_id      . 
_pdbx_modification_feature.auth_comp_id                       PTR 
_pdbx_modification_feature.auth_asym_id                       B 
_pdbx_modification_feature.auth_seq_id                        204 
_pdbx_modification_feature.PDB_ins_code                       ? 
_pdbx_modification_feature.symmetry                           1_555 
_pdbx_modification_feature.modified_residue_auth_comp_id      . 
_pdbx_modification_feature.modified_residue_auth_asym_id      . 
_pdbx_modification_feature.modified_residue_auth_seq_id       . 
_pdbx_modification_feature.modified_residue_PDB_ins_code      . 
_pdbx_modification_feature.modified_residue_symmetry          . 
_pdbx_modification_feature.comp_id_linking_atom               . 
_pdbx_modification_feature.modified_residue_id_linking_atom   . 
_pdbx_modification_feature.modified_residue_id                TYR 
_pdbx_modification_feature.ref_pcm_id                         1 
_pdbx_modification_feature.ref_comp_id                        PTR 
_pdbx_modification_feature.type                               Phosphorylation 
_pdbx_modification_feature.category                           'Named protein modification' 
# 
_struct_mon_prot_cis.pdbx_id                1 
_struct_mon_prot_cis.label_comp_id          ASP 
_struct_mon_prot_cis.label_seq_id           74 
_struct_mon_prot_cis.label_asym_id          A 
_struct_mon_prot_cis.label_alt_id           . 
_struct_mon_prot_cis.pdbx_PDB_ins_code      ? 
_struct_mon_prot_cis.auth_comp_id           ASP 
_struct_mon_prot_cis.auth_seq_id            73 
_struct_mon_prot_cis.auth_asym_id           A 
_struct_mon_prot_cis.pdbx_label_comp_id_2   PRO 
_struct_mon_prot_cis.pdbx_label_seq_id_2    75 
_struct_mon_prot_cis.pdbx_label_asym_id_2   A 
_struct_mon_prot_cis.pdbx_PDB_ins_code_2    ? 
_struct_mon_prot_cis.pdbx_auth_comp_id_2    PRO 
_struct_mon_prot_cis.pdbx_auth_seq_id_2     74 
_struct_mon_prot_cis.pdbx_auth_asym_id_2    A 
_struct_mon_prot_cis.pdbx_PDB_model_num     1 
_struct_mon_prot_cis.pdbx_omega_angle       -6.36 
# 
loop_
_struct_sheet.id 
_struct_sheet.type 
_struct_sheet.number_strands 
_struct_sheet.details 
AA ? 5 ? 
AB ? 3 ? 
# 
loop_
_struct_sheet_order.sheet_id 
_struct_sheet_order.range_id_1 
_struct_sheet_order.range_id_2 
_struct_sheet_order.offset 
_struct_sheet_order.sense 
AA 1 2 ? anti-parallel 
AA 2 3 ? anti-parallel 
AA 3 4 ? anti-parallel 
AA 4 5 ? parallel      
AB 1 2 ? anti-parallel 
AB 2 3 ? parallel      
# 
loop_
_struct_sheet_range.sheet_id 
_struct_sheet_range.id 
_struct_sheet_range.beg_label_comp_id 
_struct_sheet_range.beg_label_asym_id 
_struct_sheet_range.beg_label_seq_id 
_struct_sheet_range.pdbx_beg_PDB_ins_code 
_struct_sheet_range.end_label_comp_id 
_struct_sheet_range.end_label_asym_id 
_struct_sheet_range.end_label_seq_id 
_struct_sheet_range.pdbx_end_PDB_ins_code 
_struct_sheet_range.beg_auth_comp_id 
_struct_sheet_range.beg_auth_asym_id 
_struct_sheet_range.beg_auth_seq_id 
_struct_sheet_range.end_auth_comp_id 
_struct_sheet_range.end_auth_asym_id 
_struct_sheet_range.end_auth_seq_id 
AA 1 LYS A 69  ? GLY A 71  ? LYS A 68  GLY A 70  
AA 2 ASN A 57  ? ARG A 66  ? ASN A 56  ARG A 65  
AA 3 TYR A 48  ? LYS A 54  ? TYR A 47  LYS A 53  
AA 4 THR A 34  ? ASP A 39  ? THR A 33  ASP A 38  
AA 5 TYR A 106 ? PRO A 107 ? TYR A 105 PRO A 106 
AB 1 LYS A 69  ? GLY A 71  ? LYS A 68  GLY A 70  
AB 2 ASN A 57  ? ARG A 66  ? ASN A 56  ARG A 65  
AB 3 ASN B 2   ? GLU B 3   ? ASN B 202 GLU B 203 
# 
loop_
_pdbx_struct_sheet_hbond.sheet_id 
_pdbx_struct_sheet_hbond.range_id_1 
_pdbx_struct_sheet_hbond.range_id_2 
_pdbx_struct_sheet_hbond.range_1_label_atom_id 
_pdbx_struct_sheet_hbond.range_1_label_comp_id 
_pdbx_struct_sheet_hbond.range_1_label_asym_id 
_pdbx_struct_sheet_hbond.range_1_label_seq_id 
_pdbx_struct_sheet_hbond.range_1_PDB_ins_code 
_pdbx_struct_sheet_hbond.range_1_auth_atom_id 
_pdbx_struct_sheet_hbond.range_1_auth_comp_id 
_pdbx_struct_sheet_hbond.range_1_auth_asym_id 
_pdbx_struct_sheet_hbond.range_1_auth_seq_id 
_pdbx_struct_sheet_hbond.range_2_label_atom_id 
_pdbx_struct_sheet_hbond.range_2_label_comp_id 
_pdbx_struct_sheet_hbond.range_2_label_asym_id 
_pdbx_struct_sheet_hbond.range_2_label_seq_id 
_pdbx_struct_sheet_hbond.range_2_PDB_ins_code 
_pdbx_struct_sheet_hbond.range_2_auth_atom_id 
_pdbx_struct_sheet_hbond.range_2_auth_comp_id 
_pdbx_struct_sheet_hbond.range_2_auth_asym_id 
_pdbx_struct_sheet_hbond.range_2_auth_seq_id 
AA 1 2 N GLY A 71 ? N GLY A 70 O PHE A 64  ? O PHE A 63  
AA 2 3 N ILE A 63 ? N ILE A 62 O TYR A 48  ? O TYR A 47  
AA 3 4 N ARG A 53 ? N ARG A 52 O THR A 34  ? O THR A 33  
AA 4 5 N PHE A 35 ? N PHE A 34 O TYR A 106 ? O TYR A 105 
AB 1 2 N GLY A 71 ? N GLY A 70 O PHE A 64  ? O PHE A 63  
AB 2 3 N LEU A 60 ? N LEU A 59 O GLU B 3   ? O GLU B 203 
# 
_pdbx_entry_details.entry_id                   2IUH 
_pdbx_entry_details.compound_details           
;BINDS TO ACTIVATED (PHOSPHORYLATED) PROTEIN-TYR KINASES,
 THROUGH ITS SH2 DOMAIN, AND ACTS AS AN ADAPTER, MEDIATING THE
 ASSOCIATION OF THE P110 CATALYTIC UNIT TO THE PLASMA MEMBRANE.
 NECESSARY FOR THE INSULIN-STIMULATED INCREASE IN GLUCOSE UPTAKE
 AND GLYCOGEN SYNTHESIS IN INSULIN-SENSITIVE TISSUES.
;
_pdbx_entry_details.source_details             ? 
_pdbx_entry_details.nonpolymer_details         ? 
_pdbx_entry_details.sequence_details           ? 
_pdbx_entry_details.has_ligand_of_interest     ? 
_pdbx_entry_details.has_protein_modification   Y 
# 
loop_
_pdbx_validate_torsion.id 
_pdbx_validate_torsion.PDB_model_num 
_pdbx_validate_torsion.auth_comp_id 
_pdbx_validate_torsion.auth_asym_id 
_pdbx_validate_torsion.auth_seq_id 
_pdbx_validate_torsion.PDB_ins_code 
_pdbx_validate_torsion.label_alt_id 
_pdbx_validate_torsion.phi 
_pdbx_validate_torsion.psi 
1 1 ASP A 16 ? ? -91.40  55.22 
2 1 HIS A 44 ? ? -145.44 57.89 
# 
_pdbx_validate_planes.id              1 
_pdbx_validate_planes.PDB_model_num   1 
_pdbx_validate_planes.auth_comp_id    TYR 
_pdbx_validate_planes.auth_asym_id    A 
_pdbx_validate_planes.auth_seq_id     87 
_pdbx_validate_planes.PDB_ins_code    ? 
_pdbx_validate_planes.label_alt_id    ? 
_pdbx_validate_planes.rmsd            0.070 
_pdbx_validate_planes.type            'SIDE CHAIN' 
# 
_pdbx_struct_mod_residue.id               1 
_pdbx_struct_mod_residue.label_asym_id    B 
_pdbx_struct_mod_residue.label_comp_id    PTR 
_pdbx_struct_mod_residue.label_seq_id     4 
_pdbx_struct_mod_residue.auth_asym_id     B 
_pdbx_struct_mod_residue.auth_comp_id     PTR 
_pdbx_struct_mod_residue.auth_seq_id      204 
_pdbx_struct_mod_residue.PDB_ins_code     ? 
_pdbx_struct_mod_residue.parent_comp_id   TYR 
_pdbx_struct_mod_residue.details          O-PHOSPHOTYROSINE 
# 
_pdbx_database_remark.id     700 
_pdbx_database_remark.text   
;
SHEET
THE SHEET STRUCTURE OF THIS MOLECULE IS BIFURCATED. IN
ORDER TO REPRESENT THIS FEATURE IN THE SHEET RECORDS BELOW,
TWO SHEETS ARE DEFINED.
;
# 
loop_
_pdbx_unobs_or_zero_occ_residues.id 
_pdbx_unobs_or_zero_occ_residues.PDB_model_num 
_pdbx_unobs_or_zero_occ_residues.polymer_flag 
_pdbx_unobs_or_zero_occ_residues.occupancy_flag 
_pdbx_unobs_or_zero_occ_residues.auth_asym_id 
_pdbx_unobs_or_zero_occ_residues.auth_comp_id 
_pdbx_unobs_or_zero_occ_residues.auth_seq_id 
_pdbx_unobs_or_zero_occ_residues.PDB_ins_code 
_pdbx_unobs_or_zero_occ_residues.label_asym_id 
_pdbx_unobs_or_zero_occ_residues.label_comp_id 
_pdbx_unobs_or_zero_occ_residues.label_seq_id 
1 1 Y 1 A GLY 0   ? A GLY 1   
2 1 Y 1 A MET 1   ? A MET 2   
3 1 Y 1 A ASN 2   ? A ASN 3   
4 1 Y 1 A ASN 3   ? A ASN 4   
5 1 Y 1 A ASP 119 ? A ASP 120 
6 1 Y 1 B PRO 209 ? B PRO 9   
7 1 Y 1 B GLY 210 ? B GLY 10  
8 1 Y 1 B VAL 211 ? B VAL 11  
# 
loop_
_chem_comp_atom.comp_id 
_chem_comp_atom.atom_id 
_chem_comp_atom.type_symbol 
_chem_comp_atom.pdbx_aromatic_flag 
_chem_comp_atom.pdbx_stereo_config 
_chem_comp_atom.pdbx_ordinal 
ALA N    N N N 1   
ALA CA   C N S 2   
ALA C    C N N 3   
ALA O    O N N 4   
ALA CB   C N N 5   
ALA OXT  O N N 6   
ALA H    H N N 7   
ALA H2   H N N 8   
ALA HA   H N N 9   
ALA HB1  H N N 10  
ALA HB2  H N N 11  
ALA HB3  H N N 12  
ALA HXT  H N N 13  
ARG N    N N N 14  
ARG CA   C N S 15  
ARG C    C N N 16  
ARG O    O N N 17  
ARG CB   C N N 18  
ARG CG   C N N 19  
ARG CD   C N N 20  
ARG NE   N N N 21  
ARG CZ   C N N 22  
ARG NH1  N N N 23  
ARG NH2  N N N 24  
ARG OXT  O N N 25  
ARG H    H N N 26  
ARG H2   H N N 27  
ARG HA   H N N 28  
ARG HB2  H N N 29  
ARG HB3  H N N 30  
ARG HG2  H N N 31  
ARG HG3  H N N 32  
ARG HD2  H N N 33  
ARG HD3  H N N 34  
ARG HE   H N N 35  
ARG HH11 H N N 36  
ARG HH12 H N N 37  
ARG HH21 H N N 38  
ARG HH22 H N N 39  
ARG HXT  H N N 40  
ASN N    N N N 41  
ASN CA   C N S 42  
ASN C    C N N 43  
ASN O    O N N 44  
ASN CB   C N N 45  
ASN CG   C N N 46  
ASN OD1  O N N 47  
ASN ND2  N N N 48  
ASN OXT  O N N 49  
ASN H    H N N 50  
ASN H2   H N N 51  
ASN HA   H N N 52  
ASN HB2  H N N 53  
ASN HB3  H N N 54  
ASN HD21 H N N 55  
ASN HD22 H N N 56  
ASN HXT  H N N 57  
ASP N    N N N 58  
ASP CA   C N S 59  
ASP C    C N N 60  
ASP O    O N N 61  
ASP CB   C N N 62  
ASP CG   C N N 63  
ASP OD1  O N N 64  
ASP OD2  O N N 65  
ASP OXT  O N N 66  
ASP H    H N N 67  
ASP H2   H N N 68  
ASP HA   H N N 69  
ASP HB2  H N N 70  
ASP HB3  H N N 71  
ASP HD2  H N N 72  
ASP HXT  H N N 73  
GLN N    N N N 74  
GLN CA   C N S 75  
GLN C    C N N 76  
GLN O    O N N 77  
GLN CB   C N N 78  
GLN CG   C N N 79  
GLN CD   C N N 80  
GLN OE1  O N N 81  
GLN NE2  N N N 82  
GLN OXT  O N N 83  
GLN H    H N N 84  
GLN H2   H N N 85  
GLN HA   H N N 86  
GLN HB2  H N N 87  
GLN HB3  H N N 88  
GLN HG2  H N N 89  
GLN HG3  H N N 90  
GLN HE21 H N N 91  
GLN HE22 H N N 92  
GLN HXT  H N N 93  
GLU N    N N N 94  
GLU CA   C N S 95  
GLU C    C N N 96  
GLU O    O N N 97  
GLU CB   C N N 98  
GLU CG   C N N 99  
GLU CD   C N N 100 
GLU OE1  O N N 101 
GLU OE2  O N N 102 
GLU OXT  O N N 103 
GLU H    H N N 104 
GLU H2   H N N 105 
GLU HA   H N N 106 
GLU HB2  H N N 107 
GLU HB3  H N N 108 
GLU HG2  H N N 109 
GLU HG3  H N N 110 
GLU HE2  H N N 111 
GLU HXT  H N N 112 
GLY N    N N N 113 
GLY CA   C N N 114 
GLY C    C N N 115 
GLY O    O N N 116 
GLY OXT  O N N 117 
GLY H    H N N 118 
GLY H2   H N N 119 
GLY HA2  H N N 120 
GLY HA3  H N N 121 
GLY HXT  H N N 122 
HIS N    N N N 123 
HIS CA   C N S 124 
HIS C    C N N 125 
HIS O    O N N 126 
HIS CB   C N N 127 
HIS CG   C Y N 128 
HIS ND1  N Y N 129 
HIS CD2  C Y N 130 
HIS CE1  C Y N 131 
HIS NE2  N Y N 132 
HIS OXT  O N N 133 
HIS H    H N N 134 
HIS H2   H N N 135 
HIS HA   H N N 136 
HIS HB2  H N N 137 
HIS HB3  H N N 138 
HIS HD1  H N N 139 
HIS HD2  H N N 140 
HIS HE1  H N N 141 
HIS HE2  H N N 142 
HIS HXT  H N N 143 
HOH O    O N N 144 
HOH H1   H N N 145 
HOH H2   H N N 146 
ILE N    N N N 147 
ILE CA   C N S 148 
ILE C    C N N 149 
ILE O    O N N 150 
ILE CB   C N S 151 
ILE CG1  C N N 152 
ILE CG2  C N N 153 
ILE CD1  C N N 154 
ILE OXT  O N N 155 
ILE H    H N N 156 
ILE H2   H N N 157 
ILE HA   H N N 158 
ILE HB   H N N 159 
ILE HG12 H N N 160 
ILE HG13 H N N 161 
ILE HG21 H N N 162 
ILE HG22 H N N 163 
ILE HG23 H N N 164 
ILE HD11 H N N 165 
ILE HD12 H N N 166 
ILE HD13 H N N 167 
ILE HXT  H N N 168 
LEU N    N N N 169 
LEU CA   C N S 170 
LEU C    C N N 171 
LEU O    O N N 172 
LEU CB   C N N 173 
LEU CG   C N N 174 
LEU CD1  C N N 175 
LEU CD2  C N N 176 
LEU OXT  O N N 177 
LEU H    H N N 178 
LEU H2   H N N 179 
LEU HA   H N N 180 
LEU HB2  H N N 181 
LEU HB3  H N N 182 
LEU HG   H N N 183 
LEU HD11 H N N 184 
LEU HD12 H N N 185 
LEU HD13 H N N 186 
LEU HD21 H N N 187 
LEU HD22 H N N 188 
LEU HD23 H N N 189 
LEU HXT  H N N 190 
LYS N    N N N 191 
LYS CA   C N S 192 
LYS C    C N N 193 
LYS O    O N N 194 
LYS CB   C N N 195 
LYS CG   C N N 196 
LYS CD   C N N 197 
LYS CE   C N N 198 
LYS NZ   N N N 199 
LYS OXT  O N N 200 
LYS H    H N N 201 
LYS H2   H N N 202 
LYS HA   H N N 203 
LYS HB2  H N N 204 
LYS HB3  H N N 205 
LYS HG2  H N N 206 
LYS HG3  H N N 207 
LYS HD2  H N N 208 
LYS HD3  H N N 209 
LYS HE2  H N N 210 
LYS HE3  H N N 211 
LYS HZ1  H N N 212 
LYS HZ2  H N N 213 
LYS HZ3  H N N 214 
LYS HXT  H N N 215 
MET N    N N N 216 
MET CA   C N S 217 
MET C    C N N 218 
MET O    O N N 219 
MET CB   C N N 220 
MET CG   C N N 221 
MET SD   S N N 222 
MET CE   C N N 223 
MET OXT  O N N 224 
MET H    H N N 225 
MET H2   H N N 226 
MET HA   H N N 227 
MET HB2  H N N 228 
MET HB3  H N N 229 
MET HG2  H N N 230 
MET HG3  H N N 231 
MET HE1  H N N 232 
MET HE2  H N N 233 
MET HE3  H N N 234 
MET HXT  H N N 235 
PHE N    N N N 236 
PHE CA   C N S 237 
PHE C    C N N 238 
PHE O    O N N 239 
PHE CB   C N N 240 
PHE CG   C Y N 241 
PHE CD1  C Y N 242 
PHE CD2  C Y N 243 
PHE CE1  C Y N 244 
PHE CE2  C Y N 245 
PHE CZ   C Y N 246 
PHE OXT  O N N 247 
PHE H    H N N 248 
PHE H2   H N N 249 
PHE HA   H N N 250 
PHE HB2  H N N 251 
PHE HB3  H N N 252 
PHE HD1  H N N 253 
PHE HD2  H N N 254 
PHE HE1  H N N 255 
PHE HE2  H N N 256 
PHE HZ   H N N 257 
PHE HXT  H N N 258 
PRO N    N N N 259 
PRO CA   C N S 260 
PRO C    C N N 261 
PRO O    O N N 262 
PRO CB   C N N 263 
PRO CG   C N N 264 
PRO CD   C N N 265 
PRO OXT  O N N 266 
PRO H    H N N 267 
PRO HA   H N N 268 
PRO HB2  H N N 269 
PRO HB3  H N N 270 
PRO HG2  H N N 271 
PRO HG3  H N N 272 
PRO HD2  H N N 273 
PRO HD3  H N N 274 
PRO HXT  H N N 275 
PTR N    N N N 276 
PTR CA   C N S 277 
PTR C    C N N 278 
PTR O    O N N 279 
PTR OXT  O N N 280 
PTR CB   C N N 281 
PTR CG   C Y N 282 
PTR CD1  C Y N 283 
PTR CD2  C Y N 284 
PTR CE1  C Y N 285 
PTR CE2  C Y N 286 
PTR CZ   C Y N 287 
PTR OH   O N N 288 
PTR P    P N N 289 
PTR O1P  O N N 290 
PTR O2P  O N N 291 
PTR O3P  O N N 292 
PTR H    H N N 293 
PTR H2   H N N 294 
PTR HA   H N N 295 
PTR HXT  H N N 296 
PTR HB2  H N N 297 
PTR HB3  H N N 298 
PTR HD1  H N N 299 
PTR HD2  H N N 300 
PTR HE1  H N N 301 
PTR HE2  H N N 302 
PTR HO2P H N N 303 
PTR HO3P H N N 304 
SER N    N N N 305 
SER CA   C N S 306 
SER C    C N N 307 
SER O    O N N 308 
SER CB   C N N 309 
SER OG   O N N 310 
SER OXT  O N N 311 
SER H    H N N 312 
SER H2   H N N 313 
SER HA   H N N 314 
SER HB2  H N N 315 
SER HB3  H N N 316 
SER HG   H N N 317 
SER HXT  H N N 318 
THR N    N N N 319 
THR CA   C N S 320 
THR C    C N N 321 
THR O    O N N 322 
THR CB   C N R 323 
THR OG1  O N N 324 
THR CG2  C N N 325 
THR OXT  O N N 326 
THR H    H N N 327 
THR H2   H N N 328 
THR HA   H N N 329 
THR HB   H N N 330 
THR HG1  H N N 331 
THR HG21 H N N 332 
THR HG22 H N N 333 
THR HG23 H N N 334 
THR HXT  H N N 335 
TRP N    N N N 336 
TRP CA   C N S 337 
TRP C    C N N 338 
TRP O    O N N 339 
TRP CB   C N N 340 
TRP CG   C Y N 341 
TRP CD1  C Y N 342 
TRP CD2  C Y N 343 
TRP NE1  N Y N 344 
TRP CE2  C Y N 345 
TRP CE3  C Y N 346 
TRP CZ2  C Y N 347 
TRP CZ3  C Y N 348 
TRP CH2  C Y N 349 
TRP OXT  O N N 350 
TRP H    H N N 351 
TRP H2   H N N 352 
TRP HA   H N N 353 
TRP HB2  H N N 354 
TRP HB3  H N N 355 
TRP HD1  H N N 356 
TRP HE1  H N N 357 
TRP HE3  H N N 358 
TRP HZ2  H N N 359 
TRP HZ3  H N N 360 
TRP HH2  H N N 361 
TRP HXT  H N N 362 
TYR N    N N N 363 
TYR CA   C N S 364 
TYR C    C N N 365 
TYR O    O N N 366 
TYR CB   C N N 367 
TYR CG   C Y N 368 
TYR CD1  C Y N 369 
TYR CD2  C Y N 370 
TYR CE1  C Y N 371 
TYR CE2  C Y N 372 
TYR CZ   C Y N 373 
TYR OH   O N N 374 
TYR OXT  O N N 375 
TYR H    H N N 376 
TYR H2   H N N 377 
TYR HA   H N N 378 
TYR HB2  H N N 379 
TYR HB3  H N N 380 
TYR HD1  H N N 381 
TYR HD2  H N N 382 
TYR HE1  H N N 383 
TYR HE2  H N N 384 
TYR HH   H N N 385 
TYR HXT  H N N 386 
VAL N    N N N 387 
VAL CA   C N S 388 
VAL C    C N N 389 
VAL O    O N N 390 
VAL CB   C N N 391 
VAL CG1  C N N 392 
VAL CG2  C N N 393 
VAL OXT  O N N 394 
VAL H    H N N 395 
VAL H2   H N N 396 
VAL HA   H N N 397 
VAL HB   H N N 398 
VAL HG11 H N N 399 
VAL HG12 H N N 400 
VAL HG13 H N N 401 
VAL HG21 H N N 402 
VAL HG22 H N N 403 
VAL HG23 H N N 404 
VAL HXT  H N N 405 
# 
loop_
_chem_comp_bond.comp_id 
_chem_comp_bond.atom_id_1 
_chem_comp_bond.atom_id_2 
_chem_comp_bond.value_order 
_chem_comp_bond.pdbx_aromatic_flag 
_chem_comp_bond.pdbx_stereo_config 
_chem_comp_bond.pdbx_ordinal 
ALA N   CA   sing N N 1   
ALA N   H    sing N N 2   
ALA N   H2   sing N N 3   
ALA CA  C    sing N N 4   
ALA CA  CB   sing N N 5   
ALA CA  HA   sing N N 6   
ALA C   O    doub N N 7   
ALA C   OXT  sing N N 8   
ALA CB  HB1  sing N N 9   
ALA CB  HB2  sing N N 10  
ALA CB  HB3  sing N N 11  
ALA OXT HXT  sing N N 12  
ARG N   CA   sing N N 13  
ARG N   H    sing N N 14  
ARG N   H2   sing N N 15  
ARG CA  C    sing N N 16  
ARG CA  CB   sing N N 17  
ARG CA  HA   sing N N 18  
ARG C   O    doub N N 19  
ARG C   OXT  sing N N 20  
ARG CB  CG   sing N N 21  
ARG CB  HB2  sing N N 22  
ARG CB  HB3  sing N N 23  
ARG CG  CD   sing N N 24  
ARG CG  HG2  sing N N 25  
ARG CG  HG3  sing N N 26  
ARG CD  NE   sing N N 27  
ARG CD  HD2  sing N N 28  
ARG CD  HD3  sing N N 29  
ARG NE  CZ   sing N N 30  
ARG NE  HE   sing N N 31  
ARG CZ  NH1  sing N N 32  
ARG CZ  NH2  doub N N 33  
ARG NH1 HH11 sing N N 34  
ARG NH1 HH12 sing N N 35  
ARG NH2 HH21 sing N N 36  
ARG NH2 HH22 sing N N 37  
ARG OXT HXT  sing N N 38  
ASN N   CA   sing N N 39  
ASN N   H    sing N N 40  
ASN N   H2   sing N N 41  
ASN CA  C    sing N N 42  
ASN CA  CB   sing N N 43  
ASN CA  HA   sing N N 44  
ASN C   O    doub N N 45  
ASN C   OXT  sing N N 46  
ASN CB  CG   sing N N 47  
ASN CB  HB2  sing N N 48  
ASN CB  HB3  sing N N 49  
ASN CG  OD1  doub N N 50  
ASN CG  ND2  sing N N 51  
ASN ND2 HD21 sing N N 52  
ASN ND2 HD22 sing N N 53  
ASN OXT HXT  sing N N 54  
ASP N   CA   sing N N 55  
ASP N   H    sing N N 56  
ASP N   H2   sing N N 57  
ASP CA  C    sing N N 58  
ASP CA  CB   sing N N 59  
ASP CA  HA   sing N N 60  
ASP C   O    doub N N 61  
ASP C   OXT  sing N N 62  
ASP CB  CG   sing N N 63  
ASP CB  HB2  sing N N 64  
ASP CB  HB3  sing N N 65  
ASP CG  OD1  doub N N 66  
ASP CG  OD2  sing N N 67  
ASP OD2 HD2  sing N N 68  
ASP OXT HXT  sing N N 69  
GLN N   CA   sing N N 70  
GLN N   H    sing N N 71  
GLN N   H2   sing N N 72  
GLN CA  C    sing N N 73  
GLN CA  CB   sing N N 74  
GLN CA  HA   sing N N 75  
GLN C   O    doub N N 76  
GLN C   OXT  sing N N 77  
GLN CB  CG   sing N N 78  
GLN CB  HB2  sing N N 79  
GLN CB  HB3  sing N N 80  
GLN CG  CD   sing N N 81  
GLN CG  HG2  sing N N 82  
GLN CG  HG3  sing N N 83  
GLN CD  OE1  doub N N 84  
GLN CD  NE2  sing N N 85  
GLN NE2 HE21 sing N N 86  
GLN NE2 HE22 sing N N 87  
GLN OXT HXT  sing N N 88  
GLU N   CA   sing N N 89  
GLU N   H    sing N N 90  
GLU N   H2   sing N N 91  
GLU CA  C    sing N N 92  
GLU CA  CB   sing N N 93  
GLU CA  HA   sing N N 94  
GLU C   O    doub N N 95  
GLU C   OXT  sing N N 96  
GLU CB  CG   sing N N 97  
GLU CB  HB2  sing N N 98  
GLU CB  HB3  sing N N 99  
GLU CG  CD   sing N N 100 
GLU CG  HG2  sing N N 101 
GLU CG  HG3  sing N N 102 
GLU CD  OE1  doub N N 103 
GLU CD  OE2  sing N N 104 
GLU OE2 HE2  sing N N 105 
GLU OXT HXT  sing N N 106 
GLY N   CA   sing N N 107 
GLY N   H    sing N N 108 
GLY N   H2   sing N N 109 
GLY CA  C    sing N N 110 
GLY CA  HA2  sing N N 111 
GLY CA  HA3  sing N N 112 
GLY C   O    doub N N 113 
GLY C   OXT  sing N N 114 
GLY OXT HXT  sing N N 115 
HIS N   CA   sing N N 116 
HIS N   H    sing N N 117 
HIS N   H2   sing N N 118 
HIS CA  C    sing N N 119 
HIS CA  CB   sing N N 120 
HIS CA  HA   sing N N 121 
HIS C   O    doub N N 122 
HIS C   OXT  sing N N 123 
HIS CB  CG   sing N N 124 
HIS CB  HB2  sing N N 125 
HIS CB  HB3  sing N N 126 
HIS CG  ND1  sing Y N 127 
HIS CG  CD2  doub Y N 128 
HIS ND1 CE1  doub Y N 129 
HIS ND1 HD1  sing N N 130 
HIS CD2 NE2  sing Y N 131 
HIS CD2 HD2  sing N N 132 
HIS CE1 NE2  sing Y N 133 
HIS CE1 HE1  sing N N 134 
HIS NE2 HE2  sing N N 135 
HIS OXT HXT  sing N N 136 
HOH O   H1   sing N N 137 
HOH O   H2   sing N N 138 
ILE N   CA   sing N N 139 
ILE N   H    sing N N 140 
ILE N   H2   sing N N 141 
ILE CA  C    sing N N 142 
ILE CA  CB   sing N N 143 
ILE CA  HA   sing N N 144 
ILE C   O    doub N N 145 
ILE C   OXT  sing N N 146 
ILE CB  CG1  sing N N 147 
ILE CB  CG2  sing N N 148 
ILE CB  HB   sing N N 149 
ILE CG1 CD1  sing N N 150 
ILE CG1 HG12 sing N N 151 
ILE CG1 HG13 sing N N 152 
ILE CG2 HG21 sing N N 153 
ILE CG2 HG22 sing N N 154 
ILE CG2 HG23 sing N N 155 
ILE CD1 HD11 sing N N 156 
ILE CD1 HD12 sing N N 157 
ILE CD1 HD13 sing N N 158 
ILE OXT HXT  sing N N 159 
LEU N   CA   sing N N 160 
LEU N   H    sing N N 161 
LEU N   H2   sing N N 162 
LEU CA  C    sing N N 163 
LEU CA  CB   sing N N 164 
LEU CA  HA   sing N N 165 
LEU C   O    doub N N 166 
LEU C   OXT  sing N N 167 
LEU CB  CG   sing N N 168 
LEU CB  HB2  sing N N 169 
LEU CB  HB3  sing N N 170 
LEU CG  CD1  sing N N 171 
LEU CG  CD2  sing N N 172 
LEU CG  HG   sing N N 173 
LEU CD1 HD11 sing N N 174 
LEU CD1 HD12 sing N N 175 
LEU CD1 HD13 sing N N 176 
LEU CD2 HD21 sing N N 177 
LEU CD2 HD22 sing N N 178 
LEU CD2 HD23 sing N N 179 
LEU OXT HXT  sing N N 180 
LYS N   CA   sing N N 181 
LYS N   H    sing N N 182 
LYS N   H2   sing N N 183 
LYS CA  C    sing N N 184 
LYS CA  CB   sing N N 185 
LYS CA  HA   sing N N 186 
LYS C   O    doub N N 187 
LYS C   OXT  sing N N 188 
LYS CB  CG   sing N N 189 
LYS CB  HB2  sing N N 190 
LYS CB  HB3  sing N N 191 
LYS CG  CD   sing N N 192 
LYS CG  HG2  sing N N 193 
LYS CG  HG3  sing N N 194 
LYS CD  CE   sing N N 195 
LYS CD  HD2  sing N N 196 
LYS CD  HD3  sing N N 197 
LYS CE  NZ   sing N N 198 
LYS CE  HE2  sing N N 199 
LYS CE  HE3  sing N N 200 
LYS NZ  HZ1  sing N N 201 
LYS NZ  HZ2  sing N N 202 
LYS NZ  HZ3  sing N N 203 
LYS OXT HXT  sing N N 204 
MET N   CA   sing N N 205 
MET N   H    sing N N 206 
MET N   H2   sing N N 207 
MET CA  C    sing N N 208 
MET CA  CB   sing N N 209 
MET CA  HA   sing N N 210 
MET C   O    doub N N 211 
MET C   OXT  sing N N 212 
MET CB  CG   sing N N 213 
MET CB  HB2  sing N N 214 
MET CB  HB3  sing N N 215 
MET CG  SD   sing N N 216 
MET CG  HG2  sing N N 217 
MET CG  HG3  sing N N 218 
MET SD  CE   sing N N 219 
MET CE  HE1  sing N N 220 
MET CE  HE2  sing N N 221 
MET CE  HE3  sing N N 222 
MET OXT HXT  sing N N 223 
PHE N   CA   sing N N 224 
PHE N   H    sing N N 225 
PHE N   H2   sing N N 226 
PHE CA  C    sing N N 227 
PHE CA  CB   sing N N 228 
PHE CA  HA   sing N N 229 
PHE C   O    doub N N 230 
PHE C   OXT  sing N N 231 
PHE CB  CG   sing N N 232 
PHE CB  HB2  sing N N 233 
PHE CB  HB3  sing N N 234 
PHE CG  CD1  doub Y N 235 
PHE CG  CD2  sing Y N 236 
PHE CD1 CE1  sing Y N 237 
PHE CD1 HD1  sing N N 238 
PHE CD2 CE2  doub Y N 239 
PHE CD2 HD2  sing N N 240 
PHE CE1 CZ   doub Y N 241 
PHE CE1 HE1  sing N N 242 
PHE CE2 CZ   sing Y N 243 
PHE CE2 HE2  sing N N 244 
PHE CZ  HZ   sing N N 245 
PHE OXT HXT  sing N N 246 
PRO N   CA   sing N N 247 
PRO N   CD   sing N N 248 
PRO N   H    sing N N 249 
PRO CA  C    sing N N 250 
PRO CA  CB   sing N N 251 
PRO CA  HA   sing N N 252 
PRO C   O    doub N N 253 
PRO C   OXT  sing N N 254 
PRO CB  CG   sing N N 255 
PRO CB  HB2  sing N N 256 
PRO CB  HB3  sing N N 257 
PRO CG  CD   sing N N 258 
PRO CG  HG2  sing N N 259 
PRO CG  HG3  sing N N 260 
PRO CD  HD2  sing N N 261 
PRO CD  HD3  sing N N 262 
PRO OXT HXT  sing N N 263 
PTR N   CA   sing N N 264 
PTR N   H    sing N N 265 
PTR N   H2   sing N N 266 
PTR CA  C    sing N N 267 
PTR CA  CB   sing N N 268 
PTR CA  HA   sing N N 269 
PTR C   O    doub N N 270 
PTR C   OXT  sing N N 271 
PTR OXT HXT  sing N N 272 
PTR CB  CG   sing N N 273 
PTR CB  HB2  sing N N 274 
PTR CB  HB3  sing N N 275 
PTR CG  CD1  doub Y N 276 
PTR CG  CD2  sing Y N 277 
PTR CD1 CE1  sing Y N 278 
PTR CD1 HD1  sing N N 279 
PTR CD2 CE2  doub Y N 280 
PTR CD2 HD2  sing N N 281 
PTR CE1 CZ   doub Y N 282 
PTR CE1 HE1  sing N N 283 
PTR CE2 CZ   sing Y N 284 
PTR CE2 HE2  sing N N 285 
PTR CZ  OH   sing N N 286 
PTR OH  P    sing N N 287 
PTR P   O1P  doub N N 288 
PTR P   O2P  sing N N 289 
PTR P   O3P  sing N N 290 
PTR O2P HO2P sing N N 291 
PTR O3P HO3P sing N N 292 
SER N   CA   sing N N 293 
SER N   H    sing N N 294 
SER N   H2   sing N N 295 
SER CA  C    sing N N 296 
SER CA  CB   sing N N 297 
SER CA  HA   sing N N 298 
SER C   O    doub N N 299 
SER C   OXT  sing N N 300 
SER CB  OG   sing N N 301 
SER CB  HB2  sing N N 302 
SER CB  HB3  sing N N 303 
SER OG  HG   sing N N 304 
SER OXT HXT  sing N N 305 
THR N   CA   sing N N 306 
THR N   H    sing N N 307 
THR N   H2   sing N N 308 
THR CA  C    sing N N 309 
THR CA  CB   sing N N 310 
THR CA  HA   sing N N 311 
THR C   O    doub N N 312 
THR C   OXT  sing N N 313 
THR CB  OG1  sing N N 314 
THR CB  CG2  sing N N 315 
THR CB  HB   sing N N 316 
THR OG1 HG1  sing N N 317 
THR CG2 HG21 sing N N 318 
THR CG2 HG22 sing N N 319 
THR CG2 HG23 sing N N 320 
THR OXT HXT  sing N N 321 
TRP N   CA   sing N N 322 
TRP N   H    sing N N 323 
TRP N   H2   sing N N 324 
TRP CA  C    sing N N 325 
TRP CA  CB   sing N N 326 
TRP CA  HA   sing N N 327 
TRP C   O    doub N N 328 
TRP C   OXT  sing N N 329 
TRP CB  CG   sing N N 330 
TRP CB  HB2  sing N N 331 
TRP CB  HB3  sing N N 332 
TRP CG  CD1  doub Y N 333 
TRP CG  CD2  sing Y N 334 
TRP CD1 NE1  sing Y N 335 
TRP CD1 HD1  sing N N 336 
TRP CD2 CE2  doub Y N 337 
TRP CD2 CE3  sing Y N 338 
TRP NE1 CE2  sing Y N 339 
TRP NE1 HE1  sing N N 340 
TRP CE2 CZ2  sing Y N 341 
TRP CE3 CZ3  doub Y N 342 
TRP CE3 HE3  sing N N 343 
TRP CZ2 CH2  doub Y N 344 
TRP CZ2 HZ2  sing N N 345 
TRP CZ3 CH2  sing Y N 346 
TRP CZ3 HZ3  sing N N 347 
TRP CH2 HH2  sing N N 348 
TRP OXT HXT  sing N N 349 
TYR N   CA   sing N N 350 
TYR N   H    sing N N 351 
TYR N   H2   sing N N 352 
TYR CA  C    sing N N 353 
TYR CA  CB   sing N N 354 
TYR CA  HA   sing N N 355 
TYR C   O    doub N N 356 
TYR C   OXT  sing N N 357 
TYR CB  CG   sing N N 358 
TYR CB  HB2  sing N N 359 
TYR CB  HB3  sing N N 360 
TYR CG  CD1  doub Y N 361 
TYR CG  CD2  sing Y N 362 
TYR CD1 CE1  sing Y N 363 
TYR CD1 HD1  sing N N 364 
TYR CD2 CE2  doub Y N 365 
TYR CD2 HD2  sing N N 366 
TYR CE1 CZ   doub Y N 367 
TYR CE1 HE1  sing N N 368 
TYR CE2 CZ   sing Y N 369 
TYR CE2 HE2  sing N N 370 
TYR CZ  OH   sing N N 371 
TYR OH  HH   sing N N 372 
TYR OXT HXT  sing N N 373 
VAL N   CA   sing N N 374 
VAL N   H    sing N N 375 
VAL N   H2   sing N N 376 
VAL CA  C    sing N N 377 
VAL CA  CB   sing N N 378 
VAL CA  HA   sing N N 379 
VAL C   O    doub N N 380 
VAL C   OXT  sing N N 381 
VAL CB  CG1  sing N N 382 
VAL CB  CG2  sing N N 383 
VAL CB  HB   sing N N 384 
VAL CG1 HG11 sing N N 385 
VAL CG1 HG12 sing N N 386 
VAL CG1 HG13 sing N N 387 
VAL CG2 HG21 sing N N 388 
VAL CG2 HG22 sing N N 389 
VAL CG2 HG23 sing N N 390 
VAL OXT HXT  sing N N 391 
# 
_atom_sites.entry_id                    2IUH 
_atom_sites.fract_transf_matrix[1][1]   -0.01663685 
_atom_sites.fract_transf_matrix[1][2]   0.00095663 
_atom_sites.fract_transf_matrix[1][3]   0.00553342 
_atom_sites.fract_transf_matrix[2][1]   0.00558629 
_atom_sites.fract_transf_matrix[2][2]   0.00458199 
_atom_sites.fract_transf_matrix[2][3]   0.01600366 
_atom_sites.fract_transf_matrix[3][1]   -0.00047789 
_atom_sites.fract_transf_matrix[3][2]   0.01413819 
_atom_sites.fract_transf_matrix[3][3]   -0.00388108 
_atom_sites.fract_transf_vector[1]      0.251096 
_atom_sites.fract_transf_vector[2]      0.225602 
_atom_sites.fract_transf_vector[3]      0.251627 
# 
loop_
_atom_type.symbol 
C 
N 
O 
P 
S 
# 
loop_
_atom_site.group_PDB 
_atom_site.id 
_atom_site.type_symbol 
_atom_site.label_atom_id 
_atom_site.label_alt_id 
_atom_site.label_comp_id 
_atom_site.label_asym_id 
_atom_site.label_entity_id 
_atom_site.label_seq_id 
_atom_site.pdbx_PDB_ins_code 
_atom_site.Cartn_x 
_atom_site.Cartn_y 
_atom_site.Cartn_z 
_atom_site.occupancy 
_atom_site.B_iso_or_equiv 
_atom_site.pdbx_formal_charge 
_atom_site.auth_seq_id 
_atom_site.auth_comp_id 
_atom_site.auth_asym_id 
_atom_site.auth_atom_id 
_atom_site.pdbx_PDB_model_num 
ATOM   1    N N   . ASN A 1 5   ? 13.111  -12.710 -7.056  1.00 39.20 ? 4    ASN A N   1 
ATOM   2    C CA  . ASN A 1 5   ? 12.140  -11.784 -6.473  1.00 38.96 ? 4    ASN A CA  1 
ATOM   3    C C   . ASN A 1 5   ? 12.736  -10.380 -6.401  1.00 38.22 ? 4    ASN A C   1 
ATOM   4    O O   . ASN A 1 5   ? 13.876  -10.202 -5.965  1.00 38.37 ? 4    ASN A O   1 
ATOM   5    C CB  . ASN A 1 5   ? 11.743  -12.249 -5.069  1.00 40.29 ? 4    ASN A CB  1 
ATOM   6    C CG  . ASN A 1 5   ? 10.773  -11.308 -4.393  1.00 41.18 ? 4    ASN A CG  1 
ATOM   7    O OD1 . ASN A 1 5   ? 9.682   -11.058 -4.897  1.00 42.33 ? 4    ASN A OD1 1 
ATOM   8    N ND2 . ASN A 1 5   ? 11.171  -10.772 -3.246  1.00 41.67 ? 4    ASN A ND2 1 
ATOM   9    N N   . MET A 1 6   ? 11.959  -9.384  -6.813  1.00 36.99 ? 5    MET A N   1 
ATOM   10   C CA  . MET A 1 6   ? 12.489  -8.036  -6.960  1.00 35.65 ? 5    MET A CA  1 
ATOM   11   C C   . MET A 1 6   ? 12.558  -7.303  -5.621  1.00 34.24 ? 5    MET A C   1 
ATOM   12   O O   . MET A 1 6   ? 11.831  -7.629  -4.681  1.00 34.02 ? 5    MET A O   1 
ATOM   13   C CB  . MET A 1 6   ? 11.653  -7.236  -7.969  1.00 36.20 ? 5    MET A CB  1 
ATOM   14   C CG  . MET A 1 6   ? 10.468  -6.488  -7.378  1.00 37.14 ? 5    MET A CG  1 
ATOM   15   S SD  . MET A 1 6   ? 9.801   -5.248  -8.507  1.00 38.74 ? 5    MET A SD  1 
ATOM   16   C CE  . MET A 1 6   ? 8.039   -5.561  -8.335  1.00 37.59 ? 5    MET A CE  1 
ATOM   17   N N   . SER A 1 7   ? 13.448  -6.323  -5.534  1.00 32.55 ? 6    SER A N   1 
ATOM   18   C CA  . SER A 1 7   ? 13.604  -5.555  -4.308  1.00 31.34 ? 6    SER A CA  1 
ATOM   19   C C   . SER A 1 7   ? 12.531  -4.485  -4.164  1.00 29.73 ? 6    SER A C   1 
ATOM   20   O O   . SER A 1 7   ? 12.076  -3.904  -5.147  1.00 29.07 ? 6    SER A O   1 
ATOM   21   C CB  . SER A 1 7   ? 14.983  -4.899  -4.259  1.00 32.52 ? 6    SER A CB  1 
ATOM   22   O OG  . SER A 1 7   ? 15.189  -4.261  -3.006  1.00 34.94 ? 6    SER A OG  1 
ATOM   23   N N   . LEU A 1 8   ? 12.191  -4.178  -2.920  1.00 28.36 ? 7    LEU A N   1 
ATOM   24   C CA  . LEU A 1 8   ? 11.204  -3.151  -2.602  1.00 27.13 ? 7    LEU A CA  1 
ATOM   25   C C   . LEU A 1 8   ? 11.489  -1.815  -3.292  1.00 26.83 ? 7    LEU A C   1 
ATOM   26   O O   . LEU A 1 8   ? 10.575  -1.166  -3.791  1.00 26.60 ? 7    LEU A O   1 
ATOM   27   C CB  . LEU A 1 8   ? 11.146  -2.941  -1.087  1.00 26.00 ? 7    LEU A CB  1 
ATOM   28   C CG  . LEU A 1 8   ? 10.268  -1.810  -0.558  1.00 25.21 ? 7    LEU A CG  1 
ATOM   29   C CD1 . LEU A 1 8   ? 8.810   -2.125  -0.816  1.00 24.72 ? 7    LEU A CD1 1 
ATOM   30   C CD2 . LEU A 1 8   ? 10.521  -1.616  0.916   1.00 24.53 ? 7    LEU A CD2 1 
ATOM   31   N N   . GLN A 1 9   ? 12.759  -1.421  -3.353  1.00 26.72 ? 8    GLN A N   1 
ATOM   32   C CA  . GLN A 1 9   ? 13.113  -0.088  -3.853  1.00 26.85 ? 8    GLN A CA  1 
ATOM   33   C C   . GLN A 1 9   ? 12.852  0.097   -5.358  1.00 25.66 ? 8    GLN A C   1 
ATOM   34   O O   . GLN A 1 9   ? 12.640  1.215   -5.811  1.00 25.68 ? 8    GLN A O   1 
ATOM   35   C CB  . GLN A 1 9   ? 14.580  0.245   -3.524  1.00 27.94 ? 8    GLN A CB  1 
ATOM   36   C CG  . GLN A 1 9   ? 14.938  0.171   -2.020  1.00 30.68 ? 8    GLN A CG  1 
ATOM   37   C CD  . GLN A 1 9   ? 14.470  1.385   -1.202  1.00 32.31 ? 8    GLN A CD  1 
ATOM   38   O OE1 . GLN A 1 9   ? 14.055  1.251   -0.044  1.00 32.78 ? 8    GLN A OE1 1 
ATOM   39   N NE2 . GLN A 1 9   ? 14.579  2.575   -1.782  1.00 33.25 ? 8    GLN A NE2 1 
ATOM   40   N N   . ASN A 1 10  ? 12.838  -0.997  -6.118  1.00 24.19 ? 9    ASN A N   1 
ATOM   41   C CA  . ASN A 1 10  ? 12.551  -0.935  -7.557  1.00 22.83 ? 9    ASN A CA  1 
ATOM   42   C C   . ASN A 1 10  ? 11.087  -1.209  -7.911  1.00 21.31 ? 9    ASN A C   1 
ATOM   43   O O   . ASN A 1 10  ? 10.697  -1.110  -9.077  1.00 20.61 ? 9    ASN A O   1 
ATOM   44   C CB  . ASN A 1 10  ? 13.425  -1.925  -8.329  1.00 23.71 ? 9    ASN A CB  1 
ATOM   45   C CG  . ASN A 1 10  ? 14.881  -1.528  -8.348  1.00 25.37 ? 9    ASN A CG  1 
ATOM   46   O OD1 . ASN A 1 10  ? 15.761  -2.384  -8.268  1.00 27.47 ? 9    ASN A OD1 1 
ATOM   47   N ND2 . ASN A 1 10  ? 15.150  -0.242  -8.510  1.00 24.99 ? 9    ASN A ND2 1 
ATOM   48   N N   . ALA A 1 11  ? 10.321  -1.696  -6.938  1.00 19.27 ? 10   ALA A N   1 
ATOM   49   C CA  . ALA A 1 11  ? 8.902   -1.948  -7.132  1.00 17.51 ? 10   ALA A CA  1 
ATOM   50   C C   . ALA A 1 11  ? 8.203   -0.655  -7.563  1.00 16.85 ? 10   ALA A C   1 
ATOM   51   O O   . ALA A 1 11  ? 8.346   0.386   -6.926  1.00 16.61 ? 10   ALA A O   1 
ATOM   52   C CB  . ALA A 1 11  ? 8.289   -2.482  -5.837  1.00 17.03 ? 10   ALA A CB  1 
ATOM   53   N N   . GLU A 1 12  ? 7.461   -0.726  -8.660  1.00 16.30 ? 11   GLU A N   1 
ATOM   54   C CA  . GLU A 1 12  ? 6.802   0.443   -9.232  1.00 15.63 ? 11   GLU A CA  1 
ATOM   55   C C   . GLU A 1 12  ? 5.878   1.163   -8.252  1.00 14.27 ? 11   GLU A C   1 
ATOM   56   O O   . GLU A 1 12  ? 5.729   2.383   -8.312  1.00 13.50 ? 11   GLU A O   1 
ATOM   57   C CB  . GLU A 1 12  ? 6.013   0.031   -10.475 1.00 17.55 ? 11   GLU A CB  1 
ATOM   58   C CG  . GLU A 1 12  ? 4.866   -0.929  -10.190 1.00 20.46 ? 11   GLU A CG  1 
ATOM   59   C CD  . GLU A 1 12  ? 4.072   -1.305  -11.430 1.00 23.11 ? 11   GLU A CD  1 
ATOM   60   O OE1 . GLU A 1 12  ? 4.433   -0.864  -12.547 1.00 24.50 ? 11   GLU A OE1 1 
ATOM   61   O OE2 . GLU A 1 12  ? 3.069   -2.043  -11.282 1.00 25.08 ? 11   GLU A OE2 1 
ATOM   62   N N   . TRP A 1 13  ? 5.257   0.399   -7.356  1.00 12.87 ? 12   TRP A N   1 
ATOM   63   C CA  . TRP A 1 13  ? 4.255   0.934   -6.440  1.00 11.65 ? 12   TRP A CA  1 
ATOM   64   C C   . TRP A 1 13  ? 4.847   1.398   -5.117  1.00 11.17 ? 12   TRP A C   1 
ATOM   65   O O   . TRP A 1 13  ? 4.117   1.772   -4.204  1.00 11.33 ? 12   TRP A O   1 
ATOM   66   C CB  . TRP A 1 13  ? 3.141   -0.101  -6.176  1.00 10.67 ? 12   TRP A CB  1 
ATOM   67   C CG  . TRP A 1 13  ? 3.611   -1.535  -6.029  1.00 9.99  ? 12   TRP A CG  1 
ATOM   68   C CD1 . TRP A 1 13  ? 3.501   -2.527  -6.960  1.00 9.78  ? 12   TRP A CD1 1 
ATOM   69   C CD2 . TRP A 1 13  ? 4.316   -2.107  -4.914  1.00 9.93  ? 12   TRP A CD2 1 
ATOM   70   N NE1 . TRP A 1 13  ? 4.107   -3.673  -6.505  1.00 9.58  ? 12   TRP A NE1 1 
ATOM   71   C CE2 . TRP A 1 13  ? 4.621   -3.446  -5.258  1.00 9.71  ? 12   TRP A CE2 1 
ATOM   72   C CE3 . TRP A 1 13  ? 4.736   -1.618  -3.668  1.00 10.25 ? 12   TRP A CE3 1 
ATOM   73   C CZ2 . TRP A 1 13  ? 5.332   -4.299  -4.402  1.00 9.87  ? 12   TRP A CZ2 1 
ATOM   74   C CZ3 . TRP A 1 13  ? 5.448   -2.471  -2.812  1.00 9.92  ? 12   TRP A CZ3 1 
ATOM   75   C CH2 . TRP A 1 13  ? 5.737   -3.793  -3.188  1.00 10.34 ? 12   TRP A CH2 1 
ATOM   76   N N   . TYR A 1 14  ? 6.156   1.244   -4.964  1.00 10.78 ? 13   TYR A N   1 
ATOM   77   C CA  . TYR A 1 14  ? 6.829   1.732   -3.772  1.00 11.32 ? 13   TYR A CA  1 
ATOM   78   C C   . TYR A 1 14  ? 7.368   3.134   -4.024  1.00 12.67 ? 13   TYR A C   1 
ATOM   79   O O   . TYR A 1 14  ? 8.252   3.326   -4.858  1.00 12.98 ? 13   TYR A O   1 
ATOM   80   C CB  . TYR A 1 14  ? 7.987   0.810   -3.378  1.00 11.16 ? 13   TYR A CB  1 
ATOM   81   C CG  . TYR A 1 14  ? 8.792   1.323   -2.195  1.00 10.98 ? 13   TYR A CG  1 
ATOM   82   C CD1 . TYR A 1 14  ? 8.179   1.554   -0.957  1.00 10.90 ? 13   TYR A CD1 1 
ATOM   83   C CD2 . TYR A 1 14  ? 10.144  1.642   -2.335  1.00 11.20 ? 13   TYR A CD2 1 
ATOM   84   C CE1 . TYR A 1 14  ? 8.889   2.094   0.111   1.00 11.59 ? 13   TYR A CE1 1 
ATOM   85   C CE2 . TYR A 1 14  ? 10.870  2.181   -1.273  1.00 11.91 ? 13   TYR A CE2 1 
ATOM   86   C CZ  . TYR A 1 14  ? 10.237  2.401   -0.051  1.00 12.18 ? 13   TYR A CZ  1 
ATOM   87   O OH  . TYR A 1 14  ? 10.961  2.881   1.020   1.00 12.96 ? 13   TYR A OH  1 
ATOM   88   N N   . TRP A 1 15  ? 6.884   4.096   -3.248  1.00 13.09 ? 14   TRP A N   1 
ATOM   89   C CA  . TRP A 1 15  ? 7.256   5.485   -3.452  1.00 14.43 ? 14   TRP A CA  1 
ATOM   90   C C   . TRP A 1 15  ? 8.191   6.034   -2.383  1.00 15.40 ? 14   TRP A C   1 
ATOM   91   O O   . TRP A 1 15  ? 8.374   7.244   -2.284  1.00 16.47 ? 14   TRP A O   1 
ATOM   92   C CB  . TRP A 1 15  ? 5.997   6.347   -3.520  1.00 13.77 ? 14   TRP A CB  1 
ATOM   93   C CG  . TRP A 1 15  ? 5.244   6.168   -4.786  1.00 13.47 ? 14   TRP A CG  1 
ATOM   94   C CD1 . TRP A 1 15  ? 4.458   5.113   -5.127  1.00 13.35 ? 14   TRP A CD1 1 
ATOM   95   C CD2 . TRP A 1 15  ? 5.204   7.076   -5.890  1.00 13.28 ? 14   TRP A CD2 1 
ATOM   96   N NE1 . TRP A 1 15  ? 3.917   5.311   -6.369  1.00 13.05 ? 14   TRP A NE1 1 
ATOM   97   C CE2 . TRP A 1 15  ? 4.359   6.511   -6.861  1.00 13.36 ? 14   TRP A CE2 1 
ATOM   98   C CE3 . TRP A 1 15  ? 5.808   8.308   -6.154  1.00 13.92 ? 14   TRP A CE3 1 
ATOM   99   C CZ2 . TRP A 1 15  ? 4.088   7.140   -8.078  1.00 14.04 ? 14   TRP A CZ2 1 
ATOM   100  C CZ3 . TRP A 1 15  ? 5.544   8.934   -7.366  1.00 14.09 ? 14   TRP A CZ3 1 
ATOM   101  C CH2 . TRP A 1 15  ? 4.687   8.350   -8.309  1.00 14.39 ? 14   TRP A CH2 1 
ATOM   102  N N   . GLY A 1 16  ? 8.728   5.159   -1.545  1.00 15.91 ? 15   GLY A N   1 
ATOM   103  C CA  . GLY A 1 16  ? 9.572   5.609   -0.451  1.00 17.74 ? 15   GLY A CA  1 
ATOM   104  C C   . GLY A 1 16  ? 9.012   6.712   0.438   1.00 19.57 ? 15   GLY A C   1 
ATOM   105  O O   . GLY A 1 16  ? 7.857   6.661   0.879   1.00 19.03 ? 15   GLY A O   1 
ATOM   106  N N   . ASP A 1 17  ? 9.800   7.773   0.589   1.00 21.09 ? 16   ASP A N   1 
ATOM   107  C CA  . ASP A 1 17  ? 9.575   8.789   1.614   1.00 22.84 ? 16   ASP A CA  1 
ATOM   108  C C   . ASP A 1 17  ? 8.704   9.958   1.136   1.00 23.06 ? 16   ASP A C   1 
ATOM   109  O O   . ASP A 1 17  ? 9.105   11.119  1.227   1.00 24.01 ? 16   ASP A O   1 
ATOM   110  C CB  . ASP A 1 17  ? 10.938  9.311   2.104   1.00 24.88 ? 16   ASP A CB  1 
ATOM   111  C CG  . ASP A 1 17  ? 10.835  10.176  3.357   1.00 27.07 ? 16   ASP A CG  1 
ATOM   112  O OD1 . ASP A 1 17  ? 11.802  10.926  3.621   1.00 29.06 ? 16   ASP A OD1 1 
ATOM   113  O OD2 . ASP A 1 17  ? 9.822   10.088  4.090   1.00 27.84 ? 16   ASP A OD2 1 
ATOM   114  N N   . ILE A 1 18  ? 7.510   9.659   0.634   1.00 22.26 ? 17   ILE A N   1 
ATOM   115  C CA  . ILE A 1 18  ? 6.543   10.716  0.353   1.00 21.50 ? 17   ILE A CA  1 
ATOM   116  C C   . ILE A 1 18  ? 5.508   10.831  1.475   1.00 21.73 ? 17   ILE A C   1 
ATOM   117  O O   . ILE A 1 18  ? 5.361   9.934   2.300   1.00 21.54 ? 17   ILE A O   1 
ATOM   118  C CB  . ILE A 1 18  ? 5.831   10.510  -1.017  1.00 21.28 ? 17   ILE A CB  1 
ATOM   119  C CG1 . ILE A 1 18  ? 4.920   9.282   -0.971  1.00 22.21 ? 17   ILE A CG1 1 
ATOM   120  C CG2 . ILE A 1 18  ? 6.862   10.334  -2.118  1.00 21.02 ? 17   ILE A CG2 1 
ATOM   121  C CD1 . ILE A 1 18  ? 3.980   9.182   -2.140  1.00 22.38 ? 17   ILE A CD1 1 
ATOM   122  N N   . SER A 1 19  ? 4.863   11.984  1.563   1.00 22.06 ? 18   SER A N   1 
ATOM   123  C CA  . SER A 1 19  ? 3.974   12.282  2.681   1.00 22.46 ? 18   SER A CA  1 
ATOM   124  C C   . SER A 1 19  ? 2.599   11.631  2.539   1.00 23.53 ? 18   SER A C   1 
ATOM   125  O O   . SER A 1 19  ? 2.168   11.298  1.430   1.00 23.17 ? 18   SER A O   1 
ATOM   126  C CB  . SER A 1 19  ? 3.792   13.791  2.795   1.00 22.33 ? 18   SER A CB  1 
ATOM   127  O OG  . SER A 1 19  ? 3.222   14.309  1.604   1.00 22.13 ? 18   SER A OG  1 
ATOM   128  N N   . ARG A 1 20  ? 1.850   11.608  3.635   1.00 24.18 ? 19   ARG A N   1 
ATOM   129  C CA  . ARG A 1 20  ? 0.436   11.243  3.598   1.00 25.44 ? 19   ARG A CA  1 
ATOM   130  C C   . ARG A 1 20  ? -0.351  12.207  2.698   1.00 26.06 ? 19   ARG A C   1 
ATOM   131  O O   . ARG A 1 20  ? -1.279  11.799  1.989   1.00 25.57 ? 19   ARG A O   1 
ATOM   132  C CB  . ARG A 1 20  ? -0.136  11.257  5.025   1.00 26.50 ? 19   ARG A CB  1 
ATOM   133  C CG  . ARG A 1 20  ? -1.571  10.752  5.160   1.00 27.50 ? 19   ARG A CG  1 
ATOM   134  C CD  . ARG A 1 20  ? -1.881  10.329  6.593   1.00 28.14 ? 19   ARG A CD  1 
ATOM   135  N NE  . ARG A 1 20  ? -1.772  11.432  7.544   1.00 29.57 ? 19   ARG A NE  1 
ATOM   136  C CZ  . ARG A 1 20  ? -1.168  11.354  8.731   1.00 30.33 ? 19   ARG A CZ  1 
ATOM   137  N NH1 . ARG A 1 20  ? -1.151  12.410  9.531   1.00 30.17 ? 19   ARG A NH1 1 
ATOM   138  N NH2 . ARG A 1 20  ? -0.571  10.233  9.120   1.00 30.48 ? 19   ARG A NH2 1 
ATOM   139  N N   . GLU A 1 21  ? 0.050   13.482  2.706   1.00 26.65 ? 20   GLU A N   1 
ATOM   140  C CA  . GLU A 1 21  ? -0.576  14.507  1.868   1.00 27.05 ? 20   GLU A CA  1 
ATOM   141  C C   . GLU A 1 21  ? -0.365  14.253  0.371   1.00 25.90 ? 20   GLU A C   1 
ATOM   142  O O   . GLU A 1 21  ? -1.291  14.425  -0.425  1.00 25.31 ? 20   GLU A O   1 
ATOM   143  C CB  . GLU A 1 21  ? -0.043  15.903  2.233   1.00 29.08 ? 20   GLU A CB  1 
ATOM   144  C CG  . GLU A 1 21  ? -1.133  16.947  2.500   1.00 32.30 ? 20   GLU A CG  1 
ATOM   145  C CD  . GLU A 1 21  ? -0.691  18.391  2.203   1.00 34.48 ? 20   GLU A CD  1 
ATOM   146  O OE1 . GLU A 1 21  ? -0.267  19.099  3.145   1.00 35.99 ? 20   GLU A OE1 1 
ATOM   147  O OE2 . GLU A 1 21  ? -0.803  18.832  1.035   1.00 35.31 ? 20   GLU A OE2 1 
ATOM   148  N N   . GLU A 1 22  ? 0.838   13.823  -0.008  1.00 24.99 ? 21   GLU A N   1 
ATOM   149  C CA  . GLU A 1 22  ? 1.106   13.478  -1.404  1.00 24.80 ? 21   GLU A CA  1 
ATOM   150  C C   . GLU A 1 22  ? 0.304   12.254  -1.879  1.00 23.95 ? 21   GLU A C   1 
ATOM   151  O O   . GLU A 1 22  ? -0.252  12.253  -2.986  1.00 22.90 ? 21   GLU A O   1 
ATOM   152  C CB  . GLU A 1 22  ? 2.605   13.246  -1.639  1.00 26.20 ? 21   GLU A CB  1 
ATOM   153  C CG  . GLU A 1 22  ? 2.941   12.913  -3.113  1.00 29.07 ? 21   GLU A CG  1 
ATOM   154  C CD  . GLU A 1 22  ? 4.417   13.093  -3.488  1.00 30.40 ? 21   GLU A CD  1 
ATOM   155  O OE1 . GLU A 1 22  ? 5.150   13.816  -2.770  1.00 30.54 ? 21   GLU A OE1 1 
ATOM   156  O OE2 . GLU A 1 22  ? 4.835   12.533  -4.537  1.00 31.41 ? 21   GLU A OE2 1 
ATOM   157  N N   . VAL A 1 23  ? 0.174   11.248  -1.015  1.00 22.43 ? 22   VAL A N   1 
ATOM   158  C CA  . VAL A 1 23  ? -0.632  10.079  -1.351  1.00 21.55 ? 22   VAL A CA  1 
ATOM   159  C C   . VAL A 1 23  ? -2.106  10.435  -1.586  1.00 22.12 ? 22   VAL A C   1 
ATOM   160  O O   . VAL A 1 23  ? -2.694  10.012  -2.587  1.00 21.22 ? 22   VAL A O   1 
ATOM   161  C CB  . VAL A 1 23  ? -0.512  8.987   -0.267  1.00 20.68 ? 22   VAL A CB  1 
ATOM   162  C CG1 . VAL A 1 23  ? -1.426  7.817   -0.593  1.00 19.80 ? 22   VAL A CG1 1 
ATOM   163  C CG2 . VAL A 1 23  ? 0.933   8.509   -0.179  1.00 19.98 ? 22   VAL A CG2 1 
ATOM   164  N N   . ASN A 1 24  ? -2.673  11.273  -0.717  1.00 23.09 ? 23   ASN A N   1 
ATOM   165  C CA  . ASN A 1 24  ? -4.021  11.822  -0.931  1.00 24.37 ? 23   ASN A CA  1 
ATOM   166  C C   . ASN A 1 24  ? -4.228  12.300  -2.368  1.00 24.13 ? 23   ASN A C   1 
ATOM   167  O O   . ASN A 1 24  ? -5.200  11.935  -3.025  1.00 24.29 ? 23   ASN A O   1 
ATOM   168  C CB  . ASN A 1 24  ? -4.275  13.002  0.003   1.00 26.31 ? 23   ASN A CB  1 
ATOM   169  C CG  . ASN A 1 24  ? -4.771  12.577  1.361   1.00 28.23 ? 23   ASN A CG  1 
ATOM   170  O OD1 . ASN A 1 24  ? -5.800  11.914  1.478   1.00 29.88 ? 23   ASN A OD1 1 
ATOM   171  N ND2 . ASN A 1 24  ? -4.127  13.079  2.402   1.00 29.31 ? 23   ASN A ND2 1 
ATOM   172  N N   . GLU A 1 25  ? -3.274  13.082  -2.859  1.00 23.95 ? 24   GLU A N   1 
ATOM   173  C CA  . GLU A 1 25  ? -3.357  13.652  -4.194  1.00 24.68 ? 24   GLU A CA  1 
ATOM   174  C C   . GLU A 1 25  ? -3.248  12.603  -5.294  1.00 24.02 ? 24   GLU A C   1 
ATOM   175  O O   . GLU A 1 25  ? -4.025  12.613  -6.247  1.00 24.34 ? 24   GLU A O   1 
ATOM   176  C CB  . GLU A 1 25  ? -2.275  14.717  -4.371  1.00 25.91 ? 24   GLU A CB  1 
ATOM   177  C CG  . GLU A 1 25  ? -2.383  15.873  -3.385  1.00 28.59 ? 24   GLU A CG  1 
ATOM   178  C CD  . GLU A 1 25  ? -3.792  16.450  -3.294  1.00 30.30 ? 24   GLU A CD  1 
ATOM   179  O OE1 . GLU A 1 25  ? -4.322  16.943  -4.319  1.00 32.04 ? 24   GLU A OE1 1 
ATOM   180  O OE2 . GLU A 1 25  ? -4.380  16.397  -2.194  1.00 31.65 ? 24   GLU A OE2 1 
ATOM   181  N N   . LYS A 1 26  ? -2.379  11.619  -5.091  1.00 23.81 ? 25   LYS A N   1 
ATOM   182  C CA  . LYS A 1 26  ? -2.237  10.514  -6.040  1.00 23.26 ? 25   LYS A CA  1 
ATOM   183  C C   . LYS A 1 26  ? -3.469  9.617   -6.132  1.00 22.88 ? 25   LYS A C   1 
ATOM   184  O O   . LYS A 1 26  ? -3.710  8.993   -7.170  1.00 22.75 ? 25   LYS A O   1 
ATOM   185  C CB  . LYS A 1 26  ? -1.021  9.667   -5.684  1.00 23.75 ? 25   LYS A CB  1 
ATOM   186  C CG  . LYS A 1 26  ? 0.282   10.373  -5.948  1.00 25.11 ? 25   LYS A CG  1 
ATOM   187  C CD  . LYS A 1 26  ? 1.470   9.479   -5.691  1.00 26.01 ? 25   LYS A CD  1 
ATOM   188  C CE  . LYS A 1 26  ? 2.765   10.252  -5.906  1.00 27.41 ? 25   LYS A CE  1 
ATOM   189  N NZ  . LYS A 1 26  ? 2.881   10.783  -7.304  1.00 27.42 ? 25   LYS A NZ  1 
ATOM   190  N N   . LEU A 1 27  ? -4.212  9.512   -5.033  1.00 22.27 ? 26   LEU A N   1 
ATOM   191  C CA  . LEU A 1 27  ? -5.393  8.649   -4.979  1.00 21.97 ? 26   LEU A CA  1 
ATOM   192  C C   . LEU A 1 27  ? -6.708  9.401   -5.177  1.00 22.12 ? 26   LEU A C   1 
ATOM   193  O O   . LEU A 1 27  ? -7.783  8.810   -5.105  1.00 21.72 ? 26   LEU A O   1 
ATOM   194  C CB  . LEU A 1 27  ? -5.440  7.897   -3.646  1.00 21.24 ? 26   LEU A CB  1 
ATOM   195  C CG  . LEU A 1 27  ? -4.360  6.841   -3.409  1.00 20.79 ? 26   LEU A CG  1 
ATOM   196  C CD1 . LEU A 1 27  ? -4.692  6.062   -2.145  1.00 20.42 ? 26   LEU A CD1 1 
ATOM   197  C CD2 . LEU A 1 27  ? -4.262  5.907   -4.604  1.00 20.26 ? 26   LEU A CD2 1 
ATOM   198  N N   . ARG A 1 28  ? -6.625  10.704  -5.422  1.00 22.31 ? 27   ARG A N   1 
ATOM   199  C CA  . ARG A 1 28  ? -7.821  11.513  -5.647  1.00 22.49 ? 27   ARG A CA  1 
ATOM   200  C C   . ARG A 1 28  ? -8.553  11.043  -6.903  1.00 21.48 ? 27   ARG A C   1 
ATOM   201  O O   . ARG A 1 28  ? -7.928  10.837  -7.941  1.00 20.96 ? 27   ARG A O   1 
ATOM   202  C CB  . ARG A 1 28  ? -7.431  12.984  -5.795  1.00 24.87 ? 27   ARG A CB  1 
ATOM   203  C CG  . ARG A 1 28  ? -8.599  13.953  -5.786  1.00 27.98 ? 27   ARG A CG  1 
ATOM   204  C CD  . ARG A 1 28  ? -8.152  15.362  -6.168  1.00 30.52 ? 27   ARG A CD  1 
ATOM   205  N NE  . ARG A 1 28  ? -7.855  15.464  -7.597  1.00 33.33 ? 27   ARG A NE  1 
ATOM   206  C CZ  . ARG A 1 28  ? -6.634  15.380  -8.122  1.00 34.59 ? 27   ARG A CZ  1 
ATOM   207  N NH1 . ARG A 1 28  ? -6.472  15.417  -9.443  1.00 35.13 ? 27   ARG A NH1 1 
ATOM   208  N NH2 . ARG A 1 28  ? -5.568  15.303  -7.332  1.00 35.28 ? 27   ARG A NH2 1 
ATOM   209  N N   . ASP A 1 29  ? -9.841  10.732  -6.759  1.00 20.67 ? 28   ASP A N   1 
ATOM   210  C CA  . ASP A 1 29  ? -10.698 10.382  -7.895  1.00 20.50 ? 28   ASP A CA  1 
ATOM   211  C C   . ASP A 1 29  ? -10.288 9.059   -8.584  1.00 19.69 ? 28   ASP A C   1 
ATOM   212  O O   . ASP A 1 29  ? -10.636 8.809   -9.742  1.00 19.34 ? 28   ASP A O   1 
ATOM   213  C CB  . ASP A 1 29  ? -10.713 11.557  -8.906  1.00 22.22 ? 28   ASP A CB  1 
ATOM   214  C CG  . ASP A 1 29  ? -11.681 11.346  -10.060 1.00 23.70 ? 28   ASP A CG  1 
ATOM   215  O OD1 . ASP A 1 29  ? -11.263 11.553  -11.221 1.00 24.59 ? 28   ASP A OD1 1 
ATOM   216  O OD2 . ASP A 1 29  ? -12.848 10.958  -9.818  1.00 24.99 ? 28   ASP A OD2 1 
ATOM   217  N N   . THR A 1 30  ? -9.591  8.191   -7.855  1.00 17.63 ? 29   THR A N   1 
ATOM   218  C CA  . THR A 1 30  ? -9.196  6.888   -8.400  1.00 16.66 ? 29   THR A CA  1 
ATOM   219  C C   . THR A 1 30  ? -10.207 5.787   -8.071  1.00 16.45 ? 29   THR A C   1 
ATOM   220  O O   . THR A 1 30  ? -10.996 5.907   -7.132  1.00 16.95 ? 29   THR A O   1 
ATOM   221  C CB  . THR A 1 30  ? -7.830  6.429   -7.862  1.00 15.58 ? 29   THR A CB  1 
ATOM   222  O OG1 . THR A 1 30  ? -7.907  6.302   -6.444  1.00 15.24 ? 29   THR A OG1 1 
ATOM   223  C CG2 . THR A 1 30  ? -6.733  7.417   -8.225  1.00 15.70 ? 29   THR A CG2 1 
ATOM   224  N N   . ALA A 1 31  ? -10.186 4.716   -8.856  1.00 15.98 ? 30   ALA A N   1 
ATOM   225  C CA  . ALA A 1 31  ? -11.065 3.570   -8.646  1.00 15.07 ? 30   ALA A CA  1 
ATOM   226  C C   . ALA A 1 31  ? -10.677 2.720   -7.425  1.00 14.96 ? 30   ALA A C   1 
ATOM   227  O O   . ALA A 1 31  ? -9.508  2.646   -7.047  1.00 14.18 ? 30   ALA A O   1 
ATOM   228  C CB  . ALA A 1 31  ? -11.074 2.701   -9.899  1.00 14.75 ? 30   ALA A CB  1 
ATOM   229  N N   . ASP A 1 32  ? -11.659 2.026   -6.855  1.00 15.14 ? 31   ASP A N   1 
ATOM   230  C CA  . ASP A 1 32  ? -11.415 1.049   -5.788  1.00 15.04 ? 31   ASP A CA  1 
ATOM   231  C C   . ASP A 1 32  ? -10.331 0.049   -6.182  1.00 14.03 ? 31   ASP A C   1 
ATOM   232  O O   . ASP A 1 32  ? -10.357 -0.492  -7.287  1.00 14.59 ? 31   ASP A O   1 
ATOM   233  C CB  . ASP A 1 32  ? -12.700 0.275   -5.487  1.00 16.26 ? 31   ASP A CB  1 
ATOM   234  C CG  . ASP A 1 32  ? -13.710 1.084   -4.705  1.00 17.69 ? 31   ASP A CG  1 
ATOM   235  O OD1 . ASP A 1 32  ? -13.464 2.276   -4.423  1.00 17.69 ? 31   ASP A OD1 1 
ATOM   236  O OD2 . ASP A 1 32  ? -14.753 0.504   -4.349  1.00 19.44 ? 31   ASP A OD2 1 
ATOM   237  N N   . GLY A 1 33  ? -9.418  -0.241  -5.262  1.00 13.13 ? 32   GLY A N   1 
ATOM   238  C CA  . GLY A 1 33  ? -8.345  -1.182  -5.558  1.00 11.62 ? 32   GLY A CA  1 
ATOM   239  C C   . GLY A 1 33  ? -7.066  -0.515  -6.032  1.00 11.57 ? 32   GLY A C   1 
ATOM   240  O O   . GLY A 1 33  ? -6.047  -1.190  -6.233  1.00 11.00 ? 32   GLY A O   1 
ATOM   241  N N   . THR A 1 34  ? -7.118  0.797   -6.266  1.00 10.65 ? 33   THR A N   1 
ATOM   242  C CA  . THR A 1 34  ? -5.904  1.563   -6.550  1.00 9.78  ? 33   THR A CA  1 
ATOM   243  C C   . THR A 1 34  ? -5.053  1.689   -5.283  1.00 9.64  ? 33   THR A C   1 
ATOM   244  O O   . THR A 1 34  ? -5.580  1.864   -4.188  1.00 9.22  ? 33   THR A O   1 
ATOM   245  C CB  . THR A 1 34  ? -6.237  2.975   -7.085  1.00 10.03 ? 33   THR A CB  1 
ATOM   246  O OG1 . THR A 1 34  ? -7.152  2.863   -8.187  1.00 9.98  ? 33   THR A OG1 1 
ATOM   247  C CG2 . THR A 1 34  ? -4.970  3.680   -7.566  1.00 8.83  ? 33   THR A CG2 1 
ATOM   248  N N   . PHE A 1 35  ? -3.752  1.456   -5.402  1.00 9.04  ? 34   PHE A N   1 
ATOM   249  C CA  . PHE A 1 35  ? -2.909  1.437   -4.212  1.00 9.11  ? 34   PHE A CA  1 
ATOM   250  C C   . PHE A 1 35  ? -1.471  1.869   -4.474  1.00 9.42  ? 34   PHE A C   1 
ATOM   251  O O   . PHE A 1 35  ? -0.989  1.860   -5.611  1.00 8.33  ? 34   PHE A O   1 
ATOM   252  C CB  . PHE A 1 35  ? -2.911  0.039   -3.571  1.00 8.83  ? 34   PHE A CB  1 
ATOM   253  C CG  . PHE A 1 35  ? -2.108  -0.980  -4.331  1.00 8.85  ? 34   PHE A CG  1 
ATOM   254  C CD1 . PHE A 1 35  ? -0.778  -1.232  -3.989  1.00 8.75  ? 34   PHE A CD1 1 
ATOM   255  C CD2 . PHE A 1 35  ? -2.638  -1.592  -5.465  1.00 9.25  ? 34   PHE A CD2 1 
ATOM   256  C CE1 . PHE A 1 35  ? 0.023   -2.067  -4.768  1.00 9.01  ? 34   PHE A CE1 1 
ATOM   257  C CE2 . PHE A 1 35  ? -1.841  -2.435  -6.258  1.00 10.55 ? 34   PHE A CE2 1 
ATOM   258  C CZ  . PHE A 1 35  ? -0.505  -2.670  -5.904  1.00 9.77  ? 34   PHE A CZ  1 
ATOM   259  N N   . LEU A 1 36  ? -0.776  2.188   -3.393  1.00 9.64  ? 35   LEU A N   1 
ATOM   260  C CA  . LEU A 1 36  ? 0.655   2.411   -3.440  1.00 10.48 ? 35   LEU A CA  1 
ATOM   261  C C   . LEU A 1 36  ? 1.196   2.230   -2.034  1.00 10.71 ? 35   LEU A C   1 
ATOM   262  O O   . LEU A 1 36  ? 0.436   2.235   -1.063  1.00 10.64 ? 35   LEU A O   1 
ATOM   263  C CB  . LEU A 1 36  ? 0.961   3.822   -3.961  1.00 11.20 ? 35   LEU A CB  1 
ATOM   264  C CG  . LEU A 1 36  ? 0.632   5.041   -3.090  1.00 12.96 ? 35   LEU A CG  1 
ATOM   265  C CD1 . LEU A 1 36  ? 1.812   5.345   -2.163  1.00 13.72 ? 35   LEU A CD1 1 
ATOM   266  C CD2 . LEU A 1 36  ? 0.368   6.250   -3.969  1.00 12.83 ? 35   LEU A CD2 1 
ATOM   267  N N   . VAL A 1 37  ? 2.507   2.036   -1.926  1.00 10.96 ? 36   VAL A N   1 
ATOM   268  C CA  . VAL A 1 37  ? 3.137   1.846   -0.628  1.00 10.53 ? 36   VAL A CA  1 
ATOM   269  C C   . VAL A 1 37  ? 4.178   2.928   -0.404  1.00 11.09 ? 36   VAL A C   1 
ATOM   270  O O   . VAL A 1 37  ? 4.905   3.307   -1.325  1.00 10.78 ? 36   VAL A O   1 
ATOM   271  C CB  . VAL A 1 37  ? 3.791   0.447   -0.532  1.00 10.28 ? 36   VAL A CB  1 
ATOM   272  C CG1 . VAL A 1 37  ? 4.608   0.314   0.739   1.00 10.50 ? 36   VAL A CG1 1 
ATOM   273  C CG2 . VAL A 1 37  ? 2.714   -0.618  -0.565  1.00 10.59 ? 36   VAL A CG2 1 
ATOM   274  N N   . ARG A 1 38  ? 4.186   3.480   0.802   1.00 11.31 ? 37   ARG A N   1 
ATOM   275  C CA  . ARG A 1 38  ? 5.174   4.481   1.177   1.00 12.42 ? 37   ARG A CA  1 
ATOM   276  C C   . ARG A 1 38  ? 5.762   4.160   2.552   1.00 13.34 ? 37   ARG A C   1 
ATOM   277  O O   . ARG A 1 38  ? 5.278   3.258   3.245   1.00 12.76 ? 37   ARG A O   1 
ATOM   278  C CB  . ARG A 1 38  ? 4.525   5.863   1.205   1.00 11.98 ? 37   ARG A CB  1 
ATOM   279  C CG  . ARG A 1 38  ? 3.454   6.008   2.265   1.00 11.69 ? 37   ARG A CG  1 
ATOM   280  C CD  . ARG A 1 38  ? 3.152   7.468   2.549   1.00 11.10 ? 37   ARG A CD  1 
ATOM   281  N NE  . ARG A 1 38  ? 1.937   7.601   3.348   1.00 10.71 ? 37   ARG A NE  1 
ATOM   282  C CZ  . ARG A 1 38  ? 1.883   7.426   4.664   1.00 9.31  ? 37   ARG A CZ  1 
ATOM   283  N NH1 . ARG A 1 38  ? 0.726   7.529   5.295   1.00 8.15  ? 37   ARG A NH1 1 
ATOM   284  N NH2 . ARG A 1 38  ? 2.985   7.147   5.346   1.00 8.86  ? 37   ARG A NH2 1 
ATOM   285  N N   . ASP A 1 39  ? 6.807   4.886   2.941   1.00 13.80 ? 38   ASP A N   1 
ATOM   286  C CA  . ASP A 1 39  ? 7.359   4.763   4.287   1.00 14.79 ? 38   ASP A CA  1 
ATOM   287  C C   . ASP A 1 39  ? 6.380   5.292   5.328   1.00 14.86 ? 38   ASP A C   1 
ATOM   288  O O   . ASP A 1 39  ? 5.579   6.175   5.041   1.00 13.64 ? 38   ASP A O   1 
ATOM   289  C CB  . ASP A 1 39  ? 8.684   5.521   4.394   1.00 15.92 ? 38   ASP A CB  1 
ATOM   290  C CG  . ASP A 1 39  ? 9.789   4.886   3.562   1.00 17.69 ? 38   ASP A CG  1 
ATOM   291  O OD1 . ASP A 1 39  ? 10.823  5.554   3.332   1.00 19.29 ? 38   ASP A OD1 1 
ATOM   292  O OD2 . ASP A 1 39  ? 9.621   3.730   3.121   1.00 17.44 ? 38   ASP A OD2 1 
ATOM   293  N N   . ALA A 1 40  ? 6.371   4.679   6.505   1.00 16.18 ? 39   ALA A N   1 
ATOM   294  C CA  . ALA A 1 40  ? 5.489   5.133   7.578   1.00 18.05 ? 39   ALA A CA  1 
ATOM   295  C C   . ALA A 1 40  ? 5.815   6.579   7.983   1.00 19.21 ? 39   ALA A C   1 
ATOM   296  O O   . ALA A 1 40  ? 6.972   6.984   7.965   1.00 19.10 ? 39   ALA A O   1 
ATOM   297  C CB  . ALA A 1 40  ? 5.617   4.205   8.788   1.00 17.76 ? 39   ALA A CB  1 
ATOM   298  N N   . SER A 1 41  ? 4.784   7.372   8.259   1.00 20.78 ? 40   SER A N   1 
ATOM   299  C CA  . SER A 1 41  ? 4.962   8.714   8.826   1.00 22.45 ? 40   SER A CA  1 
ATOM   300  C C   . SER A 1 41  ? 5.956   8.720   9.984   1.00 23.34 ? 40   SER A C   1 
ATOM   301  O O   . SER A 1 41  ? 6.855   9.558   10.027  1.00 23.66 ? 40   SER A O   1 
ATOM   302  C CB  . SER A 1 41  ? 3.623   9.271   9.322   1.00 22.47 ? 40   SER A CB  1 
ATOM   303  O OG  . SER A 1 41  ? 2.740   9.513   8.239   1.00 23.99 ? 40   SER A OG  1 
ATOM   304  N N   . THR A 1 42  ? 5.724   7.851   10.965  1.00 24.10 ? 41   THR A N   1 
ATOM   305  C CA  . THR A 1 42  ? 6.638   7.697   12.097  1.00 25.87 ? 41   THR A CA  1 
ATOM   306  C C   . THR A 1 42  ? 7.291   6.312   12.103  1.00 26.73 ? 41   THR A C   1 
ATOM   307  O O   . THR A 1 42  ? 6.962   5.460   11.279  1.00 26.73 ? 41   THR A O   1 
ATOM   308  C CB  . THR A 1 42  ? 5.924   7.916   13.456  1.00 26.00 ? 41   THR A CB  1 
ATOM   309  O OG1 . THR A 1 42  ? 4.878   6.948   13.623  1.00 26.98 ? 41   THR A OG1 1 
ATOM   310  C CG2 . THR A 1 42  ? 5.336   9.319   13.535  1.00 26.66 ? 41   THR A CG2 1 
ATOM   311  N N   . LYS A 1 43  ? 8.183   6.075   13.064  1.00 27.85 ? 42   LYS A N   1 
ATOM   312  C CA  . LYS A 1 43  ? 9.117   4.951   12.988  1.00 28.55 ? 42   LYS A CA  1 
ATOM   313  C C   . LYS A 1 43  ? 8.826   3.769   13.915  1.00 28.46 ? 42   LYS A C   1 
ATOM   314  O O   . LYS A 1 43  ? 9.368   2.677   13.725  1.00 29.44 ? 42   LYS A O   1 
ATOM   315  C CB  . LYS A 1 43  ? 10.545  5.441   13.256  1.00 29.78 ? 42   LYS A CB  1 
ATOM   316  C CG  . LYS A 1 43  ? 11.128  6.320   12.166  1.00 31.70 ? 42   LYS A CG  1 
ATOM   317  C CD  . LYS A 1 43  ? 11.360  5.526   10.892  1.00 33.11 ? 42   LYS A CD  1 
ATOM   318  C CE  . LYS A 1 43  ? 12.512  6.101   10.076  1.00 34.59 ? 42   LYS A CE  1 
ATOM   319  N NZ  . LYS A 1 43  ? 13.835  5.898   10.751  1.00 35.79 ? 42   LYS A NZ  1 
ATOM   320  N N   . MET A 1 44  ? 8.033   3.987   14.955  1.00 27.41 ? 43   MET A N   1 
ATOM   321  C CA  . MET A 1 44  ? 7.976   3.008   16.040  1.00 26.39 ? 43   MET A CA  1 
ATOM   322  C C   . MET A 1 44  ? 6.811   2.021   15.978  1.00 26.36 ? 43   MET A C   1 
ATOM   323  O O   . MET A 1 44  ? 6.625   1.233   16.909  1.00 25.99 ? 43   MET A O   1 
ATOM   324  C CB  . MET A 1 44  ? 7.967   3.716   17.397  1.00 25.84 ? 43   MET A CB  1 
ATOM   325  C CG  . MET A 1 44  ? 8.985   4.840   17.520  1.00 25.01 ? 43   MET A CG  1 
ATOM   326  S SD  . MET A 1 44  ? 9.043   5.511   19.179  1.00 24.01 ? 43   MET A SD  1 
ATOM   327  C CE  . MET A 1 44  ? 10.740  5.988   19.269  1.00 22.42 ? 43   MET A CE  1 
ATOM   328  N N   . HIS A 1 45  ? 6.025   2.057   14.902  1.00 25.62 ? 44   HIS A N   1 
ATOM   329  C CA  . HIS A 1 45  ? 4.899   1.135   14.772  1.00 25.28 ? 44   HIS A CA  1 
ATOM   330  C C   . HIS A 1 45  ? 4.629   0.686   13.339  1.00 24.52 ? 44   HIS A C   1 
ATOM   331  O O   . HIS A 1 45  ? 3.501   0.781   12.851  1.00 24.38 ? 44   HIS A O   1 
ATOM   332  C CB  . HIS A 1 45  ? 3.633   1.747   15.374  1.00 26.72 ? 44   HIS A CB  1 
ATOM   333  C CG  . HIS A 1 45  ? 2.561   0.743   15.661  1.00 28.91 ? 44   HIS A CG  1 
ATOM   334  N ND1 . HIS A 1 45  ? 1.467   0.562   14.842  1.00 30.05 ? 44   HIS A ND1 1 
ATOM   335  C CD2 . HIS A 1 45  ? 2.439   -0.172  16.656  1.00 29.66 ? 44   HIS A CD2 1 
ATOM   336  C CE1 . HIS A 1 45  ? 0.713   -0.414  15.321  1.00 30.44 ? 44   HIS A CE1 1 
ATOM   337  N NE2 . HIS A 1 45  ? 1.285   -0.879  16.417  1.00 30.18 ? 44   HIS A NE2 1 
ATOM   338  N N   . GLY A 1 46  ? 5.634   0.086   12.712  1.00 23.53 ? 45   GLY A N   1 
ATOM   339  C CA  . GLY A 1 46  ? 5.495   -0.351  11.332  1.00 22.38 ? 45   GLY A CA  1 
ATOM   340  C C   . GLY A 1 46  ? 6.449   0.384   10.415  1.00 21.47 ? 45   GLY A C   1 
ATOM   341  O O   . GLY A 1 46  ? 6.722   1.563   10.628  1.00 22.03 ? 45   GLY A O   1 
ATOM   342  N N   . ASP A 1 47  ? 7.037   -0.328  9.462   1.00 20.33 ? 46   ASP A N   1 
ATOM   343  C CA  . ASP A 1 47  ? 8.023   0.273   8.569   1.00 19.78 ? 46   ASP A CA  1 
ATOM   344  C C   . ASP A 1 47  ? 7.350   1.001   7.397   1.00 18.17 ? 46   ASP A C   1 
ATOM   345  O O   . ASP A 1 47  ? 7.763   2.091   6.998   1.00 18.16 ? 46   ASP A O   1 
ATOM   346  C CB  . ASP A 1 47  ? 8.981   -0.800  8.031   1.00 21.02 ? 46   ASP A CB  1 
ATOM   347  C CG  . ASP A 1 47  ? 9.938   -1.345  9.099   1.00 23.37 ? 46   ASP A CG  1 
ATOM   348  O OD1 . ASP A 1 47  ? 10.906  -2.054  8.721   1.00 23.39 ? 46   ASP A OD1 1 
ATOM   349  O OD2 . ASP A 1 47  ? 9.713   -1.096  10.309  1.00 23.70 ? 46   ASP A OD2 1 
ATOM   350  N N   . TYR A 1 48  ? 6.299   0.397   6.856   1.00 16.46 ? 47   TYR A N   1 
ATOM   351  C CA  . TYR A 1 48  ? 5.647   0.927   5.657   1.00 14.33 ? 47   TYR A CA  1 
ATOM   352  C C   . TYR A 1 48  ? 4.160   1.116   5.848   1.00 13.32 ? 47   TYR A C   1 
ATOM   353  O O   . TYR A 1 48  ? 3.559   0.526   6.739   1.00 13.62 ? 47   TYR A O   1 
ATOM   354  C CB  . TYR A 1 48  ? 5.885   -0.006  4.480   1.00 13.61 ? 47   TYR A CB  1 
ATOM   355  C CG  . TYR A 1 48  ? 7.335   -0.348  4.309   1.00 13.81 ? 47   TYR A CG  1 
ATOM   356  C CD1 . TYR A 1 48  ? 7.859   -1.527  4.844   1.00 13.60 ? 47   TYR A CD1 1 
ATOM   357  C CD2 . TYR A 1 48  ? 8.211   0.554   3.707   1.00 13.74 ? 47   TYR A CD2 1 
ATOM   358  C CE1 . TYR A 1 48  ? 9.222   -1.791  4.784   1.00 14.72 ? 47   TYR A CE1 1 
ATOM   359  C CE2 . TYR A 1 48  ? 9.575   0.299   3.644   1.00 14.03 ? 47   TYR A CE2 1 
ATOM   360  C CZ  . TYR A 1 48  ? 10.070  -0.870  4.179   1.00 14.17 ? 47   TYR A CZ  1 
ATOM   361  O OH  . TYR A 1 48  ? 11.406  -1.137  4.080   1.00 16.02 ? 47   TYR A OH  1 
ATOM   362  N N   . THR A 1 49  ? 3.582   1.985   5.039   1.00 12.03 ? 48   THR A N   1 
ATOM   363  C CA  . THR A 1 49  ? 2.140   2.175   5.030   1.00 11.74 ? 48   THR A CA  1 
ATOM   364  C C   . THR A 1 49  ? 1.615   1.923   3.627   1.00 11.61 ? 48   THR A C   1 
ATOM   365  O O   . THR A 1 49  ? 2.030   2.592   2.670   1.00 11.90 ? 48   THR A O   1 
ATOM   366  C CB  . THR A 1 49  ? 1.768   3.594   5.462   1.00 11.81 ? 48   THR A CB  1 
ATOM   367  O OG1 . THR A 1 49  ? 2.293   3.831   6.775   1.00 13.24 ? 48   THR A OG1 1 
ATOM   368  C CG2 . THR A 1 49  ? 0.244   3.791   5.477   1.00 10.91 ? 48   THR A CG2 1 
ATOM   369  N N   . LEU A 1 50  ? 0.832   0.858   3.496   1.00 10.74 ? 49   LEU A N   1 
ATOM   370  C CA  . LEU A 1 50  ? 0.044   0.592   2.293   1.00 10.18 ? 49   LEU A CA  1 
ATOM   371  C C   . LEU A 1 50  ? -1.210  1.467   2.323   1.00 10.13 ? 49   LEU A C   1 
ATOM   372  O O   . LEU A 1 50  ? -1.915  1.519   3.326   1.00 9.92  ? 49   LEU A O   1 
ATOM   373  C CB  . LEU A 1 50  ? -0.363  -0.891  2.251   1.00 10.01 ? 49   LEU A CB  1 
ATOM   374  C CG  . LEU A 1 50  ? -1.507  -1.308  1.320   1.00 10.22 ? 49   LEU A CG  1 
ATOM   375  C CD1 . LEU A 1 50  ? -1.046  -1.252  -0.131  1.00 10.41 ? 49   LEU A CD1 1 
ATOM   376  C CD2 . LEU A 1 50  ? -1.961  -2.707  1.664   1.00 9.93  ? 49   LEU A CD2 1 
ATOM   377  N N   . THR A 1 51  ? -1.430  2.226   1.262   1.00 9.92  ? 50   THR A N   1 
ATOM   378  C CA  . THR A 1 51  ? -2.662  2.993   1.138   1.00 10.51 ? 50   THR A CA  1 
ATOM   379  C C   . THR A 1 51  ? -3.445  2.510   -0.078  1.00 11.14 ? 50   THR A C   1 
ATOM   380  O O   . THR A 1 51  ? -2.895  2.396   -1.180  1.00 10.39 ? 50   THR A O   1 
ATOM   381  C CB  . THR A 1 51  ? -2.383  4.508   0.985   1.00 10.67 ? 50   THR A CB  1 
ATOM   382  O OG1 . THR A 1 51  ? -1.433  4.928   1.970   1.00 11.18 ? 50   THR A OG1 1 
ATOM   383  C CG2 . THR A 1 51  ? -3.664  5.300   1.179   1.00 9.92  ? 50   THR A CG2 1 
ATOM   384  N N   . LEU A 1 52  ? -4.677  2.079   0.154   1.00 11.83 ? 51   LEU A N   1 
ATOM   385  C CA  . LEU A 1 52  ? -5.523  1.643   -0.942  1.00 13.15 ? 51   LEU A CA  1 
ATOM   386  C C   . LEU A 1 52  ? -6.812  2.435   -1.008  1.00 13.63 ? 51   LEU A C   1 
ATOM   387  O O   . LEU A 1 52  ? -7.293  2.950   0.001   1.00 13.75 ? 51   LEU A O   1 
ATOM   388  C CB  . LEU A 1 52  ? -5.832  0.142   -0.837  1.00 13.83 ? 51   LEU A CB  1 
ATOM   389  C CG  . LEU A 1 52  ? -6.573  -0.407  0.378   1.00 14.40 ? 51   LEU A CG  1 
ATOM   390  C CD1 . LEU A 1 52  ? -8.075  -0.402  0.129   1.00 15.53 ? 51   LEU A CD1 1 
ATOM   391  C CD2 . LEU A 1 52  ? -6.103  -1.822  0.635   1.00 15.48 ? 51   LEU A CD2 1 
ATOM   392  N N   . ARG A 1 53  ? -7.398  2.472   -2.195  1.00 14.19 ? 52   ARG A N   1 
ATOM   393  C CA  . ARG A 1 53  ? -8.638  3.184   -2.422  1.00 15.32 ? 52   ARG A CA  1 
ATOM   394  C C   . ARG A 1 53  ? -9.833  2.239   -2.257  1.00 16.48 ? 52   ARG A C   1 
ATOM   395  O O   . ARG A 1 53  ? -9.887  1.169   -2.873  1.00 16.30 ? 52   ARG A O   1 
ATOM   396  C CB  . ARG A 1 53  ? -8.619  3.784   -3.826  1.00 15.61 ? 52   ARG A CB  1 
ATOM   397  C CG  . ARG A 1 53  ? -9.697  4.811   -4.079  1.00 17.31 ? 52   ARG A CG  1 
ATOM   398  C CD  . ARG A 1 53  ? -9.445  6.105   -3.325  1.00 17.33 ? 52   ARG A CD  1 
ATOM   399  N NE  . ARG A 1 53  ? -10.214 7.199   -3.914  1.00 18.50 ? 52   ARG A NE  1 
ATOM   400  C CZ  . ARG A 1 53  ? -10.262 8.442   -3.436  1.00 19.51 ? 52   ARG A CZ  1 
ATOM   401  N NH1 . ARG A 1 53  ? -11.010 9.353   -4.051  1.00 20.10 ? 52   ARG A NH1 1 
ATOM   402  N NH2 . ARG A 1 53  ? -9.550  8.787   -2.372  1.00 17.82 ? 52   ARG A NH2 1 
ATOM   403  N N   . LYS A 1 54  ? -10.758 2.604   -1.377  1.00 17.69 ? 53   LYS A N   1 
ATOM   404  C CA  . LYS A 1 54  ? -11.999 1.855   -1.221  1.00 18.89 ? 53   LYS A CA  1 
ATOM   405  C C   . LYS A 1 54  ? -13.166 2.770   -0.877  1.00 19.42 ? 53   LYS A C   1 
ATOM   406  O O   . LYS A 1 54  ? -13.076 3.594   0.029   1.00 19.32 ? 53   LYS A O   1 
ATOM   407  C CB  . LYS A 1 54  ? -11.851 0.769   -0.150  1.00 20.09 ? 53   LYS A CB  1 
ATOM   408  C CG  . LYS A 1 54  ? -13.127 -0.054  0.051   1.00 22.20 ? 53   LYS A CG  1 
ATOM   409  C CD  . LYS A 1 54  ? -12.841 -1.523  0.254   1.00 23.48 ? 53   LYS A CD  1 
ATOM   410  C CE  . LYS A 1 54  ? -14.129 -2.343  0.250   1.00 24.54 ? 53   LYS A CE  1 
ATOM   411  N NZ  . LYS A 1 54  ? -15.139 -1.800  1.210   1.00 26.18 ? 53   LYS A NZ  1 
ATOM   412  N N   . GLY A 1 55  ? -14.217 2.695   -1.686  1.00 19.92 ? 54   GLY A N   1 
ATOM   413  C CA  . GLY A 1 55  ? -15.397 3.511   -1.467  1.00 20.17 ? 54   GLY A CA  1 
ATOM   414  C C   . GLY A 1 55  ? -15.127 5.004   -1.530  1.00 20.50 ? 54   GLY A C   1 
ATOM   415  O O   . GLY A 1 55  ? -15.644 5.764   -0.716  1.00 21.00 ? 54   GLY A O   1 
ATOM   416  N N   . GLY A 1 56  ? -14.277 5.419   -2.467  1.00 20.49 ? 55   GLY A N   1 
ATOM   417  C CA  . GLY A 1 56  ? -13.949 6.830   -2.587  1.00 20.47 ? 55   GLY A CA  1 
ATOM   418  C C   . GLY A 1 56  ? -13.130 7.404   -1.441  1.00 20.48 ? 55   GLY A C   1 
ATOM   419  O O   . GLY A 1 56  ? -12.940 8.623   -1.358  1.00 21.65 ? 55   GLY A O   1 
ATOM   420  N N   . ASN A 1 57  ? -12.658 6.539   -0.546  1.00 19.48 ? 56   ASN A N   1 
ATOM   421  C CA  . ASN A 1 57  ? -11.797 6.945   0.561   1.00 18.04 ? 56   ASN A CA  1 
ATOM   422  C C   . ASN A 1 57  ? -10.483 6.170   0.568   1.00 17.17 ? 56   ASN A C   1 
ATOM   423  O O   . ASN A 1 57  ? -10.350 5.143   -0.098  1.00 16.84 ? 56   ASN A O   1 
ATOM   424  C CB  . ASN A 1 57  ? -12.502 6.722   1.894   1.00 18.89 ? 56   ASN A CB  1 
ATOM   425  C CG  . ASN A 1 57  ? -13.614 7.708   2.133   1.00 19.79 ? 56   ASN A CG  1 
ATOM   426  O OD1 . ASN A 1 57  ? -13.368 8.882   2.424   1.00 19.77 ? 56   ASN A OD1 1 
ATOM   427  N ND2 . ASN A 1 57  ? -14.846 7.250   1.988   1.00 20.22 ? 56   ASN A ND2 1 
ATOM   428  N N   . ASN A 1 58  ? -9.548  6.619   1.398   1.00 16.10 ? 57   ASN A N   1 
ATOM   429  C CA  . ASN A 1 58  ? -8.241  5.983   1.480   1.00 15.47 ? 57   ASN A CA  1 
ATOM   430  C C   . ASN A 1 58  ? -8.110  5.163   2.764   1.00 14.38 ? 57   ASN A C   1 
ATOM   431  O O   . ASN A 1 58  ? -8.312  5.680   3.864   1.00 15.09 ? 57   ASN A O   1 
ATOM   432  C CB  . ASN A 1 58  ? -7.135  7.040   1.426   1.00 15.41 ? 57   ASN A CB  1 
ATOM   433  C CG  . ASN A 1 58  ? -7.218  7.921   0.188   1.00 16.02 ? 57   ASN A CG  1 
ATOM   434  O OD1 . ASN A 1 58  ? -7.636  7.478   -0.880  1.00 15.61 ? 57   ASN A OD1 1 
ATOM   435  N ND2 . ASN A 1 58  ? -6.762  9.153   0.313   1.00 15.29 ? 57   ASN A ND2 1 
ATOM   436  N N   . LYS A 1 59  ? -7.715  3.902   2.619   1.00 13.41 ? 58   LYS A N   1 
ATOM   437  C CA  . LYS A 1 59  ? -7.487  3.007   3.755   1.00 12.17 ? 58   LYS A CA  1 
ATOM   438  C C   . LYS A 1 59  ? -5.997  2.762   3.952   1.00 11.69 ? 58   LYS A C   1 
ATOM   439  O O   . LYS A 1 59  ? -5.296  2.320   3.033   1.00 11.26 ? 58   LYS A O   1 
ATOM   440  C CB  . LYS A 1 59  ? -8.206  1.675   3.536   1.00 12.41 ? 58   LYS A CB  1 
ATOM   441  C CG  . LYS A 1 59  ? -9.665  1.834   3.120   1.00 13.41 ? 58   LYS A CG  1 
ATOM   442  C CD  . LYS A 1 59  ? -10.473 2.556   4.193   1.00 13.94 ? 58   LYS A CD  1 
ATOM   443  C CE  . LYS A 1 59  ? -11.844 2.957   3.674   1.00 16.10 ? 58   LYS A CE  1 
ATOM   444  N NZ  . LYS A 1 59  ? -12.792 3.301   4.782   1.00 16.63 ? 58   LYS A NZ  1 
ATOM   445  N N   . LEU A 1 60  ? -5.499  3.178   5.111   1.00 10.83 ? 59   LEU A N   1 
ATOM   446  C CA  . LEU A 1 60  ? -4.081  3.079   5.426   1.00 10.36 ? 59   LEU A CA  1 
ATOM   447  C C   . LEU A 1 60  ? -3.801  1.857   6.298   1.00 9.97  ? 59   LEU A C   1 
ATOM   448  O O   . LEU A 1 60  ? -4.458  1.639   7.311   1.00 9.61  ? 59   LEU A O   1 
ATOM   449  C CB  . LEU A 1 60  ? -3.611  4.350   6.137   1.00 11.05 ? 59   LEU A CB  1 
ATOM   450  C CG  . LEU A 1 60  ? -3.508  5.649   5.324   1.00 11.01 ? 59   LEU A CG  1 
ATOM   451  C CD1 . LEU A 1 60  ? -4.851  6.048   4.749   1.00 12.12 ? 59   LEU A CD1 1 
ATOM   452  C CD2 . LEU A 1 60  ? -2.993  6.742   6.232   1.00 11.62 ? 59   LEU A CD2 1 
ATOM   453  N N   . ILE A 1 61  ? -2.799  1.084   5.902   1.00 9.83  ? 60   ILE A N   1 
ATOM   454  C CA  . ILE A 1 61  ? -2.519  -0.219  6.498   1.00 9.26  ? 60   ILE A CA  1 
ATOM   455  C C   . ILE A 1 61  ? -1.016  -0.336  6.790   1.00 9.76  ? 60   ILE A C   1 
ATOM   456  O O   . ILE A 1 61  ? -0.191  -0.290  5.872   1.00 10.09 ? 60   ILE A O   1 
ATOM   457  C CB  . ILE A 1 61  ? -2.957  -1.351  5.522   1.00 9.24  ? 60   ILE A CB  1 
ATOM   458  C CG1 . ILE A 1 61  ? -4.479  -1.343  5.373   1.00 8.07  ? 60   ILE A CG1 1 
ATOM   459  C CG2 . ILE A 1 61  ? -2.446  -2.719  5.993   1.00 8.04  ? 60   ILE A CG2 1 
ATOM   460  C CD1 . ILE A 1 61  ? -4.956  -1.757  4.002   1.00 8.67  ? 60   ILE A CD1 1 
ATOM   461  N N   . LYS A 1 62  ? -0.659  -0.447  8.067   1.00 10.01 ? 61   LYS A N   1 
ATOM   462  C CA  . LYS A 1 62  ? 0.738   -0.622  8.454   1.00 10.83 ? 61   LYS A CA  1 
ATOM   463  C C   . LYS A 1 62  ? 1.297   -1.986  8.011   1.00 11.17 ? 61   LYS A C   1 
ATOM   464  O O   . LYS A 1 62  ? 0.638   -3.018  8.139   1.00 10.50 ? 61   LYS A O   1 
ATOM   465  C CB  . LYS A 1 62  ? 0.897   -0.477  9.973   1.00 11.85 ? 61   LYS A CB  1 
ATOM   466  C CG  . LYS A 1 62  ? 0.936   0.957   10.479  1.00 14.41 ? 61   LYS A CG  1 
ATOM   467  C CD  . LYS A 1 62  ? 2.073   1.745   9.822   1.00 15.73 ? 61   LYS A CD  1 
ATOM   468  C CE  . LYS A 1 62  ? 2.045   3.213   10.218  1.00 16.89 ? 61   LYS A CE  1 
ATOM   469  N NZ  . LYS A 1 62  ? 2.313   3.404   11.676  1.00 17.65 ? 61   LYS A NZ  1 
ATOM   470  N N   . ILE A 1 63  ? 2.525   -1.981  7.511   1.00 11.55 ? 62   ILE A N   1 
ATOM   471  C CA  . ILE A 1 63  ? 3.247   -3.218  7.242   1.00 12.54 ? 62   ILE A CA  1 
ATOM   472  C C   . ILE A 1 63  ? 4.414   -3.352  8.224   1.00 13.64 ? 62   ILE A C   1 
ATOM   473  O O   . ILE A 1 63  ? 5.215   -2.421  8.398   1.00 13.33 ? 62   ILE A O   1 
ATOM   474  C CB  . ILE A 1 63  ? 3.790   -3.251  5.799   1.00 12.72 ? 62   ILE A CB  1 
ATOM   475  C CG1 . ILE A 1 63  ? 2.631   -3.105  4.806   1.00 12.60 ? 62   ILE A CG1 1 
ATOM   476  C CG2 . ILE A 1 63  ? 4.576   -4.542  5.565   1.00 12.41 ? 62   ILE A CG2 1 
ATOM   477  C CD1 . ILE A 1 63  ? 3.060   -2.984  3.338   1.00 12.02 ? 62   ILE A CD1 1 
ATOM   478  N N   . PHE A 1 64  ? 4.442   -4.476  8.934   1.00 14.18 ? 63   PHE A N   1 
ATOM   479  C CA  . PHE A 1 64  ? 5.435   -4.707  9.979   1.00 14.37 ? 63   PHE A CA  1 
ATOM   480  C C   . PHE A 1 64  ? 6.584   -5.577  9.473   1.00 14.84 ? 63   PHE A C   1 
ATOM   481  O O   . PHE A 1 64  ? 6.397   -6.433  8.606   1.00 13.81 ? 63   PHE A O   1 
ATOM   482  C CB  . PHE A 1 64  ? 4.784   -5.364  11.205  1.00 13.60 ? 63   PHE A CB  1 
ATOM   483  C CG  . PHE A 1 64  ? 3.770   -4.493  11.893  1.00 14.07 ? 63   PHE A CG  1 
ATOM   484  C CD1 . PHE A 1 64  ? 2.414   -4.646  11.631  1.00 14.05 ? 63   PHE A CD1 1 
ATOM   485  C CD2 . PHE A 1 64  ? 4.176   -3.480  12.761  1.00 14.01 ? 63   PHE A CD2 1 
ATOM   486  C CE1 . PHE A 1 64  ? 1.471   -3.801  12.220  1.00 14.10 ? 63   PHE A CE1 1 
ATOM   487  C CE2 . PHE A 1 64  ? 3.243   -2.623  13.351  1.00 14.51 ? 63   PHE A CE2 1 
ATOM   488  C CZ  . PHE A 1 64  ? 1.888   -2.784  13.079  1.00 14.08 ? 63   PHE A CZ  1 
ATOM   489  N N   . HIS A 1 65  ? 7.780   -5.285  9.974   1.00 14.84 ? 64   HIS A N   1 
ATOM   490  C CA  . HIS A 1 65  ? 8.975   -6.066  9.701   1.00 15.88 ? 64   HIS A CA  1 
ATOM   491  C C   . HIS A 1 65  ? 9.629   -6.401  11.040  1.00 16.09 ? 64   HIS A C   1 
ATOM   492  O O   . HIS A 1 65  ? 10.078  -5.505  11.754  1.00 16.51 ? 64   HIS A O   1 
ATOM   493  C CB  . HIS A 1 65  ? 9.943   -5.252  8.836   1.00 17.12 ? 64   HIS A CB  1 
ATOM   494  C CG  . HIS A 1 65  ? 11.222  -5.961  8.504   1.00 18.04 ? 64   HIS A CG  1 
ATOM   495  N ND1 . HIS A 1 65  ? 12.415  -5.294  8.326   1.00 18.79 ? 64   HIS A ND1 1 
ATOM   496  C CD2 . HIS A 1 65  ? 11.495  -7.272  8.300   1.00 18.73 ? 64   HIS A CD2 1 
ATOM   497  C CE1 . HIS A 1 65  ? 13.367  -6.161  8.033   1.00 18.31 ? 64   HIS A CE1 1 
ATOM   498  N NE2 . HIS A 1 65  ? 12.834  -7.367  8.007   1.00 18.89 ? 64   HIS A NE2 1 
ATOM   499  N N   . ARG A 1 66  ? 9.572   -7.669  11.430  1.00 15.86 ? 65   ARG A N   1 
ATOM   500  C CA  . ARG A 1 66  ? 10.215  -8.124  12.661  1.00 16.26 ? 65   ARG A CA  1 
ATOM   501  C C   . ARG A 1 66  ? 10.846  -9.496  12.449  1.00 16.13 ? 65   ARG A C   1 
ATOM   502  O O   . ARG A 1 66  ? 10.289  -10.338 11.746  1.00 16.06 ? 65   ARG A O   1 
ATOM   503  C CB  . ARG A 1 66  ? 9.200   -8.193  13.812  1.00 16.86 ? 65   ARG A CB  1 
ATOM   504  C CG  . ARG A 1 66  ? 8.702   -6.835  14.290  1.00 18.67 ? 65   ARG A CG  1 
ATOM   505  C CD  . ARG A 1 66  ? 7.676   -6.947  15.412  1.00 19.61 ? 65   ARG A CD  1 
ATOM   506  N NE  . ARG A 1 66  ? 6.552   -7.814  15.055  1.00 21.69 ? 65   ARG A NE  1 
ATOM   507  C CZ  . ARG A 1 66  ? 5.279   -7.430  15.027  1.00 21.66 ? 65   ARG A CZ  1 
ATOM   508  N NH1 . ARG A 1 66  ? 4.331   -8.307  14.739  1.00 22.20 ? 65   ARG A NH1 1 
ATOM   509  N NH2 . ARG A 1 66  ? 4.950   -6.170  15.276  1.00 22.27 ? 65   ARG A NH2 1 
ATOM   510  N N   . ASP A 1 67  ? 12.062  -9.671  12.955  1.00 16.19 ? 66   ASP A N   1 
ATOM   511  C CA  . ASP A 1 67  ? 12.733  -10.973 12.948  1.00 16.29 ? 66   ASP A CA  1 
ATOM   512  C C   . ASP A 1 67  ? 12.842  -11.576 11.540  1.00 15.93 ? 66   ASP A C   1 
ATOM   513  O O   . ASP A 1 67  ? 12.611  -12.763 11.338  1.00 16.02 ? 66   ASP A O   1 
ATOM   514  C CB  . ASP A 1 67  ? 11.996  -11.936 13.888  1.00 16.70 ? 66   ASP A CB  1 
ATOM   515  C CG  . ASP A 1 67  ? 12.864  -13.100 14.346  1.00 17.85 ? 66   ASP A CG  1 
ATOM   516  O OD1 . ASP A 1 67  ? 14.111  -13.004 14.284  1.00 18.95 ? 66   ASP A OD1 1 
ATOM   517  O OD2 . ASP A 1 67  ? 12.292  -14.113 14.787  1.00 18.18 ? 66   ASP A OD2 1 
ATOM   518  N N   . GLY A 1 68  ? 13.075  -10.715 10.554  1.00 16.20 ? 67   GLY A N   1 
ATOM   519  C CA  . GLY A 1 68  ? 13.217  -11.170 9.180   1.00 15.68 ? 67   GLY A CA  1 
ATOM   520  C C   . GLY A 1 68  ? 11.924  -11.519 8.463   1.00 15.41 ? 67   GLY A C   1 
ATOM   521  O O   . GLY A 1 68  ? 11.960  -12.121 7.390   1.00 15.97 ? 67   GLY A O   1 
ATOM   522  N N   . LYS A 1 69  ? 10.788  -11.129 9.039   1.00 14.90 ? 68   LYS A N   1 
ATOM   523  C CA  . LYS A 1 69  ? 9.465   -11.442 8.484   1.00 13.96 ? 68   LYS A CA  1 
ATOM   524  C C   . LYS A 1 69  ? 8.633   -10.170 8.240   1.00 13.40 ? 68   LYS A C   1 
ATOM   525  O O   . LYS A 1 69  ? 8.860   -9.139  8.874   1.00 13.05 ? 68   LYS A O   1 
ATOM   526  C CB  . LYS A 1 69  ? 8.692   -12.373 9.428   1.00 13.55 ? 68   LYS A CB  1 
ATOM   527  C CG  . LYS A 1 69  ? 9.428   -13.654 9.824   1.00 15.01 ? 68   LYS A CG  1 
ATOM   528  C CD  . LYS A 1 69  ? 9.229   -13.967 11.310  1.00 15.96 ? 68   LYS A CD  1 
ATOM   529  C CE  . LYS A 1 69  ? 9.819   -15.310 11.738  1.00 16.50 ? 68   LYS A CE  1 
ATOM   530  N NZ  . LYS A 1 69  ? 11.234  -15.519 11.311  1.00 15.81 ? 68   LYS A NZ  1 
ATOM   531  N N   . TYR A 1 70  ? 7.682   -10.254 7.312   1.00 12.34 ? 69   TYR A N   1 
ATOM   532  C CA  . TYR A 1 70  ? 6.773   -9.143  7.007   1.00 12.75 ? 69   TYR A CA  1 
ATOM   533  C C   . TYR A 1 70  ? 5.307   -9.573  7.085   1.00 12.71 ? 69   TYR A C   1 
ATOM   534  O O   . TYR A 1 70  ? 4.959   -10.737 6.812   1.00 12.09 ? 69   TYR A O   1 
ATOM   535  C CB  . TYR A 1 70  ? 7.044   -8.580  5.606   1.00 12.09 ? 69   TYR A CB  1 
ATOM   536  C CG  . TYR A 1 70  ? 8.423   -7.984  5.428   1.00 13.24 ? 69   TYR A CG  1 
ATOM   537  C CD1 . TYR A 1 70  ? 9.505   -8.784  5.042   1.00 13.24 ? 69   TYR A CD1 1 
ATOM   538  C CD2 . TYR A 1 70  ? 8.637   -6.607  5.576   1.00 13.88 ? 69   TYR A CD2 1 
ATOM   539  C CE1 . TYR A 1 70  ? 10.757  -8.231  4.790   1.00 13.90 ? 69   TYR A CE1 1 
ATOM   540  C CE2 . TYR A 1 70  ? 9.900   -6.036  5.330   1.00 14.26 ? 69   TYR A CE2 1 
ATOM   541  C CZ  . TYR A 1 70  ? 10.950  -6.860  4.934   1.00 14.47 ? 69   TYR A CZ  1 
ATOM   542  O OH  . TYR A 1 70  ? 12.185  -6.319  4.670   1.00 15.06 ? 69   TYR A OH  1 
ATOM   543  N N   . GLY A 1 71  ? 4.450   -8.631  7.455   1.00 12.38 ? 70   GLY A N   1 
ATOM   544  C CA  . GLY A 1 71  ? 3.021   -8.888  7.394   1.00 12.74 ? 70   GLY A CA  1 
ATOM   545  C C   . GLY A 1 71  ? 2.196   -7.753  7.961   1.00 12.75 ? 70   GLY A C   1 
ATOM   546  O O   . GLY A 1 71  ? 2.741   -6.716  8.353   1.00 12.99 ? 70   GLY A O   1 
ATOM   547  N N   . PHE A 1 72  ? 0.881   -7.931  7.963   1.00 12.46 ? 71   PHE A N   1 
ATOM   548  C CA  . PHE A 1 72  ? -0.034  -6.930  8.501   1.00 12.97 ? 71   PHE A CA  1 
ATOM   549  C C   . PHE A 1 72  ? -0.305  -7.146  9.988   1.00 13.66 ? 71   PHE A C   1 
ATOM   550  O O   . PHE A 1 72  ? -0.620  -6.199  10.715  1.00 14.01 ? 71   PHE A O   1 
ATOM   551  C CB  . PHE A 1 72  ? -1.352  -6.957  7.729   1.00 12.47 ? 71   PHE A CB  1 
ATOM   552  C CG  . PHE A 1 72  ? -1.202  -6.689  6.249   1.00 12.05 ? 71   PHE A CG  1 
ATOM   553  C CD1 . PHE A 1 72  ? -1.800  -7.528  5.313   1.00 10.80 ? 71   PHE A CD1 1 
ATOM   554  C CD2 . PHE A 1 72  ? -0.499  -5.579  5.796   1.00 10.87 ? 71   PHE A CD2 1 
ATOM   555  C CE1 . PHE A 1 72  ? -1.702  -7.257  3.944   1.00 11.42 ? 71   PHE A CE1 1 
ATOM   556  C CE2 . PHE A 1 72  ? -0.397  -5.308  4.432   1.00 11.33 ? 71   PHE A CE2 1 
ATOM   557  C CZ  . PHE A 1 72  ? -1.001  -6.149  3.507   1.00 10.39 ? 71   PHE A CZ  1 
ATOM   558  N N   . SER A 1 73  ? -0.093  -8.374  10.450  1.00 13.86 ? 72   SER A N   1 
ATOM   559  C CA  . SER A 1 73  ? -0.272  -8.729  11.857  1.00 14.62 ? 72   SER A CA  1 
ATOM   560  C C   . SER A 1 73  ? 0.449   -10.041 12.197  1.00 15.17 ? 72   SER A C   1 
ATOM   561  O O   . SER A 1 73  ? 0.819   -10.800 11.296  1.00 14.52 ? 72   SER A O   1 
ATOM   562  C CB  . SER A 1 73  ? -1.765  -8.882  12.173  1.00 14.87 ? 72   SER A CB  1 
ATOM   563  O OG  . SER A 1 73  ? -2.345  -9.896  11.373  1.00 16.61 ? 72   SER A OG  1 
ATOM   564  N N   . ASP A 1 74  ? 0.701   -10.262 13.492  1.00 15.60 ? 73   ASP A N   1 
ATOM   565  C CA  . ASP A 1 74  ? 1.262   -11.525 13.982  1.00 16.73 ? 73   ASP A CA  1 
ATOM   566  C C   . ASP A 1 74  ? 0.340   -12.705 13.663  1.00 15.94 ? 73   ASP A C   1 
ATOM   567  O O   . ASP A 1 74  ? -0.875  -12.602 13.807  1.00 16.67 ? 73   ASP A O   1 
ATOM   568  C CB  . ASP A 1 74  ? 1.488   -11.465 15.503  1.00 18.86 ? 73   ASP A CB  1 
ATOM   569  C CG  . ASP A 1 74  ? 2.709   -10.626 15.893  1.00 21.33 ? 73   ASP A CG  1 
ATOM   570  O OD1 . ASP A 1 74  ? 3.834   -10.922 15.426  1.00 22.96 ? 73   ASP A OD1 1 
ATOM   571  O OD2 . ASP A 1 74  ? 2.549   -9.677  16.694  1.00 22.97 ? 73   ASP A OD2 1 
ATOM   572  N N   . PRO A 1 75  ? 0.908   -13.846 13.238  1.00 15.23 ? 74   PRO A N   1 
ATOM   573  C CA  . PRO A 1 75  ? 2.328   -14.054 12.918  1.00 14.86 ? 74   PRO A CA  1 
ATOM   574  C C   . PRO A 1 75  ? 2.716   -13.478 11.546  1.00 14.54 ? 74   PRO A C   1 
ATOM   575  O O   . PRO A 1 75  ? 1.913   -13.477 10.613  1.00 13.42 ? 74   PRO A O   1 
ATOM   576  C CB  . PRO A 1 75  ? 2.469   -15.575 12.952  1.00 15.65 ? 74   PRO A CB  1 
ATOM   577  C CG  . PRO A 1 75  ? 1.123   -16.055 12.507  1.00 15.92 ? 74   PRO A CG  1 
ATOM   578  C CD  . PRO A 1 75  ? 0.148   -15.106 13.161  1.00 15.31 ? 74   PRO A CD  1 
ATOM   579  N N   . LEU A 1 76  ? 3.922   -12.933 11.448  1.00 13.80 ? 75   LEU A N   1 
ATOM   580  C CA  . LEU A 1 76  ? 4.393   -12.377 10.183  1.00 13.96 ? 75   LEU A CA  1 
ATOM   581  C C   . LEU A 1 76  ? 5.029   -13.504 9.371   1.00 13.61 ? 75   LEU A C   1 
ATOM   582  O O   . LEU A 1 76  ? 6.014   -14.092 9.794   1.00 13.77 ? 75   LEU A O   1 
ATOM   583  C CB  . LEU A 1 76  ? 5.423   -11.274 10.434  1.00 14.15 ? 75   LEU A CB  1 
ATOM   584  C CG  . LEU A 1 76  ? 5.077   -10.138 11.410  1.00 14.59 ? 75   LEU A CG  1 
ATOM   585  C CD1 . LEU A 1 76  ? 6.238   -9.163  11.480  1.00 15.04 ? 75   LEU A CD1 1 
ATOM   586  C CD2 . LEU A 1 76  ? 3.823   -9.415  10.955  1.00 14.12 ? 75   LEU A CD2 1 
ATOM   587  N N   . THR A 1 77  ? 4.441   -13.839 8.230   1.00 13.24 ? 76   THR A N   1 
ATOM   588  C CA  . THR A 1 77  ? 4.892   -15.011 7.482   1.00 13.15 ? 76   THR A CA  1 
ATOM   589  C C   . THR A 1 77  ? 5.329   -14.756 6.040   1.00 13.72 ? 76   THR A C   1 
ATOM   590  O O   . THR A 1 77  ? 5.664   -15.703 5.315   1.00 13.79 ? 76   THR A O   1 
ATOM   591  C CB  . THR A 1 77  ? 3.809   -16.097 7.450   1.00 12.98 ? 76   THR A CB  1 
ATOM   592  O OG1 . THR A 1 77  ? 2.646   -15.590 6.779   1.00 13.78 ? 76   THR A OG1 1 
ATOM   593  C CG2 . THR A 1 77  ? 3.435   -16.517 8.864   1.00 12.21 ? 76   THR A CG2 1 
ATOM   594  N N   . PHE A 1 78  ? 5.432   -13.489 5.650   1.00 13.08 ? 77   PHE A N   1 
ATOM   595  C CA  . PHE A 1 78  ? 5.913   -13.152 4.314   1.00 13.34 ? 77   PHE A CA  1 
ATOM   596  C C   . PHE A 1 78  ? 7.384   -12.755 4.313   1.00 13.79 ? 77   PHE A C   1 
ATOM   597  O O   . PHE A 1 78  ? 7.875   -12.163 5.270   1.00 14.40 ? 77   PHE A O   1 
ATOM   598  C CB  . PHE A 1 78  ? 5.057   -12.034 3.722   1.00 13.10 ? 77   PHE A CB  1 
ATOM   599  C CG  . PHE A 1 78  ? 3.633   -12.443 3.461   1.00 13.21 ? 77   PHE A CG  1 
ATOM   600  C CD1 . PHE A 1 78  ? 2.662   -12.292 4.447   1.00 13.20 ? 77   PHE A CD1 1 
ATOM   601  C CD2 . PHE A 1 78  ? 3.271   -13.028 2.248   1.00 12.50 ? 77   PHE A CD2 1 
ATOM   602  C CE1 . PHE A 1 78  ? 1.350   -12.721 4.230   1.00 13.88 ? 77   PHE A CE1 1 
ATOM   603  C CE2 . PHE A 1 78  ? 1.961   -13.460 2.020   1.00 13.27 ? 77   PHE A CE2 1 
ATOM   604  C CZ  . PHE A 1 78  ? 1.000   -13.309 3.009   1.00 12.90 ? 77   PHE A CZ  1 
ATOM   605  N N   . SER A 1 79  ? 8.099   -13.113 3.250   1.00 14.13 ? 78   SER A N   1 
ATOM   606  C CA  . SER A 1 79  ? 9.554   -12.927 3.198   1.00 14.40 ? 78   SER A CA  1 
ATOM   607  C C   . SER A 1 79  ? 9.989   -11.531 2.744   1.00 14.36 ? 78   SER A C   1 
ATOM   608  O O   . SER A 1 79  ? 11.156  -11.168 2.881   1.00 14.04 ? 78   SER A O   1 
ATOM   609  C CB  . SER A 1 79  ? 10.188  -13.963 2.272   1.00 15.19 ? 78   SER A CB  1 
ATOM   610  O OG  . SER A 1 79  ? 9.689   -13.816 0.948   1.00 18.08 ? 78   SER A OG  1 
ATOM   611  N N   . SER A 1 80  ? 9.060   -10.778 2.160   1.00 13.74 ? 79   SER A N   1 
ATOM   612  C CA  . SER A 1 80  ? 9.338   -9.434  1.664   1.00 13.56 ? 79   SER A CA  1 
ATOM   613  C C   . SER A 1 80  ? 8.037   -8.660  1.529   1.00 13.85 ? 79   SER A C   1 
ATOM   614  O O   . SER A 1 80  ? 6.957   -9.257  1.421   1.00 13.79 ? 79   SER A O   1 
ATOM   615  C CB  . SER A 1 80  ? 10.027  -9.488  0.293   1.00 13.37 ? 79   SER A CB  1 
ATOM   616  O OG  . SER A 1 80  ? 9.133   -9.912  -0.720  1.00 12.42 ? 79   SER A OG  1 
ATOM   617  N N   . VAL A 1 81  ? 8.147   -7.336  1.439   1.00 13.55 ? 80   VAL A N   1 
ATOM   618  C CA  . VAL A 1 81  ? 6.994   -6.494  1.116   1.00 12.60 ? 80   VAL A CA  1 
ATOM   619  C C   . VAL A 1 81  ? 6.447   -6.837  -0.270  1.00 12.47 ? 80   VAL A C   1 
ATOM   620  O O   . VAL A 1 81  ? 5.242   -6.977  -0.442  1.00 12.64 ? 80   VAL A O   1 
ATOM   621  C CB  . VAL A 1 81  ? 7.357   -4.986  1.165   1.00 12.87 ? 80   VAL A CB  1 
ATOM   622  C CG1 . VAL A 1 81  ? 6.149   -4.144  0.771   1.00 12.14 ? 80   VAL A CG1 1 
ATOM   623  C CG2 . VAL A 1 81  ? 7.843   -4.601  2.568   1.00 12.61 ? 80   VAL A CG2 1 
ATOM   624  N N   . VAL A 1 82  ? 7.331   -7.082  -1.231  1.00 12.35 ? 81   VAL A N   1 
ATOM   625  C CA  . VAL A 1 82  ? 6.908   -7.482  -2.578  1.00 12.98 ? 81   VAL A CA  1 
ATOM   626  C C   . VAL A 1 82  ? 6.029   -8.742  -2.579  1.00 13.63 ? 81   VAL A C   1 
ATOM   627  O O   . VAL A 1 82  ? 4.962   -8.758  -3.190  1.00 13.48 ? 81   VAL A O   1 
ATOM   628  C CB  . VAL A 1 82  ? 8.128   -7.727  -3.493  1.00 13.21 ? 81   VAL A CB  1 
ATOM   629  C CG1 . VAL A 1 82  ? 7.686   -8.320  -4.834  1.00 13.28 ? 81   VAL A CG1 1 
ATOM   630  C CG2 . VAL A 1 82  ? 8.869   -6.423  -3.712  1.00 13.59 ? 81   VAL A CG2 1 
ATOM   631  N N   . GLU A 1 83  ? 6.450   -9.771  -1.845  1.00 14.32 ? 82   GLU A N   1 
ATOM   632  C CA  . GLU A 1 83  ? 5.682   -11.024 -1.759  1.00 14.60 ? 82   GLU A CA  1 
ATOM   633  C C   . GLU A 1 83  ? 4.314   -10.820 -1.101  1.00 13.72 ? 82   GLU A C   1 
ATOM   634  O O   . GLU A 1 83  ? 3.315   -11.402 -1.527  1.00 13.30 ? 82   GLU A O   1 
ATOM   635  C CB  . GLU A 1 83  ? 6.462   -12.077 -0.973  1.00 16.22 ? 82   GLU A CB  1 
ATOM   636  C CG  . GLU A 1 83  ? 5.765   -13.428 -0.907  1.00 19.55 ? 82   GLU A CG  1 
ATOM   637  C CD  . GLU A 1 83  ? 6.564   -14.461 -0.134  1.00 21.65 ? 82   GLU A CD  1 
ATOM   638  O OE1 . GLU A 1 83  ? 6.437   -14.513 1.109   1.00 21.40 ? 82   GLU A OE1 1 
ATOM   639  O OE2 . GLU A 1 83  ? 7.339   -15.209 -0.775  1.00 23.79 ? 82   GLU A OE2 1 
ATOM   640  N N   . LEU A 1 84  ? 4.272   -9.963  -0.085  1.00 12.30 ? 83   LEU A N   1 
ATOM   641  C CA  . LEU A 1 84  ? 3.024   -9.634  0.586   1.00 10.39 ? 83   LEU A CA  1 
ATOM   642  C C   . LEU A 1 84  ? 2.060   -8.914  -0.365  1.00 10.39 ? 83   LEU A C   1 
ATOM   643  O O   . LEU A 1 84  ? 0.914   -9.330  -0.536  1.00 9.84  ? 83   LEU A O   1 
ATOM   644  C CB  . LEU A 1 84  ? 3.320   -8.770  1.804   1.00 10.28 ? 83   LEU A CB  1 
ATOM   645  C CG  . LEU A 1 84  ? 2.145   -8.185  2.582   1.00 10.42 ? 83   LEU A CG  1 
ATOM   646  C CD1 . LEU A 1 84  ? 1.473   -9.260  3.407   1.00 10.76 ? 83   LEU A CD1 1 
ATOM   647  C CD2 . LEU A 1 84  ? 2.647   -7.079  3.477   1.00 11.39 ? 83   LEU A CD2 1 
ATOM   648  N N   . ILE A 1 85  ? 2.545   -7.869  -1.031  1.00 9.94  ? 84   ILE A N   1 
ATOM   649  C CA  . ILE A 1 85  ? 1.728   -7.133  -1.990  1.00 10.07 ? 84   ILE A CA  1 
ATOM   650  C C   . ILE A 1 85  ? 1.239   -8.063  -3.114  1.00 10.36 ? 84   ILE A C   1 
ATOM   651  O O   . ILE A 1 85  ? 0.033   -8.162  -3.377  1.00 9.86  ? 84   ILE A O   1 
ATOM   652  C CB  . ILE A 1 85  ? 2.516   -5.948  -2.619  1.00 10.36 ? 84   ILE A CB  1 
ATOM   653  C CG1 . ILE A 1 85  ? 2.871   -4.899  -1.546  1.00 10.12 ? 84   ILE A CG1 1 
ATOM   654  C CG2 . ILE A 1 85  ? 1.719   -5.334  -3.763  1.00 9.87  ? 84   ILE A CG2 1 
ATOM   655  C CD1 . ILE A 1 85  ? 1.732   -4.479  -0.635  1.00 10.39 ? 84   ILE A CD1 1 
ATOM   656  N N   . ASN A 1 86  ? 2.159   -8.837  -3.684  1.00 10.37 ? 85   ASN A N   1 
ATOM   657  C CA  . ASN A 1 86  ? 1.822   -9.732  -4.788  1.00 10.58 ? 85   ASN A CA  1 
ATOM   658  C C   . ASN A 1 86  ? 0.747   -10.747 -4.394  1.00 10.18 ? 85   ASN A C   1 
ATOM   659  O O   . ASN A 1 86  ? -0.106  -11.104 -5.202  1.00 10.18 ? 85   ASN A O   1 
ATOM   660  C CB  . ASN A 1 86  ? 3.069   -10.473 -5.284  1.00 11.60 ? 85   ASN A CB  1 
ATOM   661  C CG  . ASN A 1 86  ? 3.936   -9.617  -6.185  1.00 13.60 ? 85   ASN A CG  1 
ATOM   662  O OD1 . ASN A 1 86  ? 3.494   -8.598  -6.711  1.00 15.29 ? 85   ASN A OD1 1 
ATOM   663  N ND2 . ASN A 1 86  ? 5.170   -10.035 -6.383  1.00 14.17 ? 85   ASN A ND2 1 
ATOM   664  N N   . HIS A 1 87  ? 0.765   -11.169 -3.136  1.00 9.02  ? 86   HIS A N   1 
ATOM   665  C CA  . HIS A 1 87  ? -0.206  -12.138 -2.644  1.00 9.42  ? 86   HIS A CA  1 
ATOM   666  C C   . HIS A 1 87  ? -1.637  -11.574 -2.682  1.00 9.97  ? 86   HIS A C   1 
ATOM   667  O O   . HIS A 1 87  ? -2.584  -12.270 -3.045  1.00 9.52  ? 86   HIS A O   1 
ATOM   668  C CB  . HIS A 1 87  ? 0.166   -12.548 -1.221  1.00 9.60  ? 86   HIS A CB  1 
ATOM   669  C CG  . HIS A 1 87  ? -0.755  -13.561 -0.614  1.00 9.93  ? 86   HIS A CG  1 
ATOM   670  N ND1 . HIS A 1 87  ? -0.375  -14.864 -0.389  1.00 10.46 ? 86   HIS A ND1 1 
ATOM   671  C CD2 . HIS A 1 87  ? -1.979  -13.426 -0.054  1.00 10.24 ? 86   HIS A CD2 1 
ATOM   672  C CE1 . HIS A 1 87  ? -1.317  -15.485 0.298   1.00 10.91 ? 86   HIS A CE1 1 
ATOM   673  N NE2 . HIS A 1 87  ? -2.300  -14.634 0.516   1.00 10.86 ? 86   HIS A NE2 1 
ATOM   674  N N   . TYR A 1 88  ? -1.773  -10.292 -2.373  1.00 10.64 ? 87   TYR A N   1 
ATOM   675  C CA  . TYR A 1 88  ? -3.090  -9.686  -2.232  1.00 11.29 ? 87   TYR A CA  1 
ATOM   676  C C   . TYR A 1 88  ? -3.559  -8.932  -3.482  1.00 12.31 ? 87   TYR A C   1 
ATOM   677  O O   . TYR A 1 88  ? -4.634  -8.339  -3.500  1.00 12.47 ? 87   TYR A O   1 
ATOM   678  C CB  . TYR A 1 88  ? -3.108  -8.797  -0.983  1.00 10.28 ? 87   TYR A CB  1 
ATOM   679  C CG  . TYR A 1 88  ? -3.157  -9.612  0.298   1.00 9.65  ? 87   TYR A CG  1 
ATOM   680  C CD1 . TYR A 1 88  ? -2.003  -9.835  1.055   1.00 8.85  ? 87   TYR A CD1 1 
ATOM   681  C CD2 . TYR A 1 88  ? -4.325  -10.281 0.672   1.00 9.09  ? 87   TYR A CD2 1 
ATOM   682  C CE1 . TYR A 1 88  ? -2.004  -10.719 2.143   1.00 8.64  ? 87   TYR A CE1 1 
ATOM   683  C CE2 . TYR A 1 88  ? -4.340  -11.169 1.760   1.00 9.04  ? 87   TYR A CE2 1 
ATOM   684  C CZ  . TYR A 1 88  ? -3.177  -11.390 2.480   1.00 9.13  ? 87   TYR A CZ  1 
ATOM   685  O OH  . TYR A 1 88  ? -3.162  -12.352 3.465   1.00 9.78  ? 87   TYR A OH  1 
ATOM   686  N N   . ARG A 1 89  ? -2.804  -9.071  -4.566  1.00 13.99 ? 88   ARG A N   1 
ATOM   687  C CA  . ARG A 1 89  ? -3.300  -8.732  -5.904  1.00 16.03 ? 88   ARG A CA  1 
ATOM   688  C C   . ARG A 1 89  ? -4.408  -9.710  -6.342  1.00 16.56 ? 88   ARG A C   1 
ATOM   689  O O   . ARG A 1 89  ? -5.321  -9.347  -7.078  1.00 16.06 ? 88   ARG A O   1 
ATOM   690  C CB  . ARG A 1 89  ? -2.150  -8.772  -6.924  1.00 17.83 ? 88   ARG A CB  1 
ATOM   691  C CG  . ARG A 1 89  ? -1.109  -7.654  -6.773  1.00 20.49 ? 88   ARG A CG  1 
ATOM   692  C CD  . ARG A 1 89  ? -1.002  -6.812  -8.054  1.00 23.15 ? 88   ARG A CD  1 
ATOM   693  N NE  . ARG A 1 89  ? 0.386   -6.523  -8.423  1.00 25.48 ? 88   ARG A NE  1 
ATOM   694  C CZ  . ARG A 1 89  ? 0.751   -5.677  -9.385  1.00 25.99 ? 88   ARG A CZ  1 
ATOM   695  N NH1 . ARG A 1 89  ? 2.036   -5.405  -9.576  1.00 26.45 ? 88   ARG A NH1 1 
ATOM   696  N NH2 . ARG A 1 89  ? -0.161  -5.094  -10.154 1.00 26.79 ? 88   ARG A NH2 1 
ATOM   697  N N   . ASN A 1 90  ? -4.348  -10.941 -5.840  1.00 17.27 ? 89   ASN A N   1 
ATOM   698  C CA  . ASN A 1 90  ? -5.276  -11.983 -6.268  1.00 18.23 ? 89   ASN A CA  1 
ATOM   699  C C   . ASN A 1 90  ? -6.123  -12.539 -5.133  1.00 18.65 ? 89   ASN A C   1 
ATOM   700  O O   . ASN A 1 90  ? -7.020  -13.356 -5.360  1.00 18.97 ? 89   ASN A O   1 
ATOM   701  C CB  . ASN A 1 90  ? -4.511  -13.120 -6.947  1.00 19.50 ? 89   ASN A CB  1 
ATOM   702  C CG  . ASN A 1 90  ? -4.118  -12.784 -8.370  1.00 19.97 ? 89   ASN A CG  1 
ATOM   703  O OD1 . ASN A 1 90  ? -2.975  -12.983 -8.780  1.00 22.03 ? 89   ASN A OD1 1 
ATOM   704  N ND2 . ASN A 1 90  ? -5.056  -12.249 -9.123  1.00 19.64 ? 89   ASN A ND2 1 
ATOM   705  N N   . GLU A 1 91  ? -5.929  -11.981 -3.943  1.00 18.25 ? 90   GLU A N   1 
ATOM   706  C CA  . GLU A 1 91  ? -6.579  -12.463 -2.731  1.00 17.69 ? 90   GLU A CA  1 
ATOM   707  C C   . GLU A 1 91  ? -7.138  -11.266 -1.968  1.00 16.89 ? 90   GLU A C   1 
ATOM   708  O O   . GLU A 1 91  ? -6.481  -10.232 -1.870  1.00 17.14 ? 90   GLU A O   1 
ATOM   709  C CB  . GLU A 1 91  ? -5.554  -13.206 -1.874  1.00 18.88 ? 90   GLU A CB  1 
ATOM   710  C CG  . GLU A 1 91  ? -6.102  -13.830 -0.623  1.00 20.39 ? 90   GLU A CG  1 
ATOM   711  C CD  . GLU A 1 91  ? -6.782  -15.166 -0.856  1.00 21.34 ? 90   GLU A CD  1 
ATOM   712  O OE1 . GLU A 1 91  ? -6.996  -15.582 -2.018  1.00 23.26 ? 90   GLU A OE1 1 
ATOM   713  O OE2 . GLU A 1 91  ? -7.123  -15.802 0.148   1.00 21.85 ? 90   GLU A OE2 1 
ATOM   714  N N   . SER A 1 92  ? -8.387  -11.368 -1.530  1.00 15.24 ? 91   SER A N   1 
ATOM   715  C CA  . SER A 1 92  ? -9.031  -10.272 -0.818  1.00 13.80 ? 91   SER A CA  1 
ATOM   716  C C   . SER A 1 92  ? -8.398  -10.020 0.550   1.00 13.73 ? 91   SER A C   1 
ATOM   717  O O   . SER A 1 92  ? -7.947  -10.963 1.215   1.00 12.84 ? 91   SER A O   1 
ATOM   718  C CB  . SER A 1 92  ? -10.523 -10.565 -0.652  1.00 13.51 ? 91   SER A CB  1 
ATOM   719  O OG  . SER A 1 92  ? -11.148 -9.588  0.156   1.00 12.89 ? 91   SER A OG  1 
ATOM   720  N N   . LEU A 1 93  ? -8.429  -8.765  0.999   1.00 12.66 ? 92   LEU A N   1 
ATOM   721  C CA  . LEU A 1 93  ? -7.965  -8.412  2.342   1.00 12.73 ? 92   LEU A CA  1 
ATOM   722  C C   . LEU A 1 93  ? -9.010  -8.658  3.453   1.00 12.71 ? 92   LEU A C   1 
ATOM   723  O O   . LEU A 1 93  ? -8.717  -8.519  4.647   1.00 12.60 ? 92   LEU A O   1 
ATOM   724  C CB  . LEU A 1 93  ? -7.502  -6.944  2.368   1.00 13.76 ? 92   LEU A CB  1 
ATOM   725  C CG  . LEU A 1 93  ? -6.159  -6.595  1.707   1.00 14.11 ? 92   LEU A CG  1 
ATOM   726  C CD1 . LEU A 1 93  ? -5.976  -5.090  1.691   1.00 15.59 ? 92   LEU A CD1 1 
ATOM   727  C CD2 . LEU A 1 93  ? -5.012  -7.234  2.474   1.00 15.07 ? 92   LEU A CD2 1 
ATOM   728  N N   . ALA A 1 94  ? -10.201 -9.099  3.061   1.00 12.43 ? 93   ALA A N   1 
ATOM   729  C CA  . ALA A 1 94  ? -11.292 -9.374  4.002   1.00 12.34 ? 93   ALA A CA  1 
ATOM   730  C C   . ALA A 1 94  ? -10.950 -10.221 5.247   1.00 12.27 ? 93   ALA A C   1 
ATOM   731  O O   . ALA A 1 94  ? -11.561 -10.045 6.297   1.00 12.18 ? 93   ALA A O   1 
ATOM   732  C CB  . ALA A 1 94  ? -12.470 -10.004 3.255   1.00 12.25 ? 93   ALA A CB  1 
ATOM   733  N N   . GLN A 1 95  ? -10.031 -11.173 5.125   1.00 11.39 ? 94   GLN A N   1 
ATOM   734  C CA  . GLN A 1 95  ? -9.681  -12.020 6.262   1.00 12.09 ? 94   GLN A CA  1 
ATOM   735  C C   . GLN A 1 95  ? -9.076  -11.262 7.447   1.00 12.36 ? 94   GLN A C   1 
ATOM   736  O O   . GLN A 1 95  ? -9.021  -11.792 8.563   1.00 12.77 ? 94   GLN A O   1 
ATOM   737  C CB  . GLN A 1 95  ? -8.724  -13.138 5.830   1.00 11.62 ? 94   GLN A CB  1 
ATOM   738  C CG  . GLN A 1 95  ? -7.411  -12.646 5.233   1.00 13.17 ? 94   GLN A CG  1 
ATOM   739  C CD  . GLN A 1 95  ? -6.550  -13.766 4.669   1.00 13.51 ? 94   GLN A CD  1 
ATOM   740  O OE1 . GLN A 1 95  ? -5.590  -13.515 3.940   1.00 13.90 ? 94   GLN A OE1 1 
ATOM   741  N NE2 . GLN A 1 95  ? -6.870  -15.000 5.023   1.00 13.67 ? 94   GLN A NE2 1 
ATOM   742  N N   . TYR A 1 96  ? -8.609  -10.037 7.204   1.00 11.95 ? 95   TYR A N   1 
ATOM   743  C CA  . TYR A 1 96  ? -8.054  -9.203  8.276   1.00 12.36 ? 95   TYR A CA  1 
ATOM   744  C C   . TYR A 1 96  ? -9.077  -8.254  8.901   1.00 13.17 ? 95   TYR A C   1 
ATOM   745  O O   . TYR A 1 96  ? -9.001  -7.947  10.087  1.00 13.75 ? 95   TYR A O   1 
ATOM   746  C CB  . TYR A 1 96  ? -6.882  -8.373  7.757   1.00 11.94 ? 95   TYR A CB  1 
ATOM   747  C CG  . TYR A 1 96  ? -5.685  -9.188  7.348   1.00 11.50 ? 95   TYR A CG  1 
ATOM   748  C CD1 . TYR A 1 96  ? -5.442  -9.459  6.008   1.00 11.82 ? 95   TYR A CD1 1 
ATOM   749  C CD2 . TYR A 1 96  ? -4.792  -9.682  8.299   1.00 11.63 ? 95   TYR A CD2 1 
ATOM   750  C CE1 . TYR A 1 96  ? -4.344  -10.206 5.619   1.00 11.84 ? 95   TYR A CE1 1 
ATOM   751  C CE2 . TYR A 1 96  ? -3.672  -10.426 7.916   1.00 11.86 ? 95   TYR A CE2 1 
ATOM   752  C CZ  . TYR A 1 96  ? -3.461  -10.684 6.572   1.00 12.06 ? 95   TYR A CZ  1 
ATOM   753  O OH  . TYR A 1 96  ? -2.363  -11.416 6.160   1.00 13.63 ? 95   TYR A OH  1 
ATOM   754  N N   . ASN A 1 97  ? -10.021 -7.789  8.090   1.00 13.44 ? 96   ASN A N   1 
ATOM   755  C CA  . ASN A 1 97  ? -10.950 -6.730  8.478   1.00 14.06 ? 96   ASN A CA  1 
ATOM   756  C C   . ASN A 1 97  ? -12.130 -6.738  7.505   1.00 14.48 ? 96   ASN A C   1 
ATOM   757  O O   . ASN A 1 97  ? -11.940 -6.669  6.291   1.00 13.86 ? 96   ASN A O   1 
ATOM   758  C CB  . ASN A 1 97  ? -10.232 -5.372  8.421   1.00 15.08 ? 96   ASN A CB  1 
ATOM   759  C CG  . ASN A 1 97  ? -11.081 -4.228  8.946   1.00 15.31 ? 96   ASN A CG  1 
ATOM   760  O OD1 . ASN A 1 97  ? -12.223 -4.048  8.535   1.00 16.06 ? 96   ASN A OD1 1 
ATOM   761  N ND2 . ASN A 1 97  ? -10.503 -3.413  9.806   1.00 15.66 ? 96   ASN A ND2 1 
ATOM   762  N N   . PRO A 1 98  ? -13.366 -6.808  8.030   1.00 15.55 ? 97   PRO A N   1 
ATOM   763  C CA  . PRO A 1 98  ? -14.588 -6.883  7.214   1.00 15.66 ? 97   PRO A CA  1 
ATOM   764  C C   . PRO A 1 98  ? -14.769 -5.716  6.234   1.00 15.79 ? 97   PRO A C   1 
ATOM   765  O O   . PRO A 1 98  ? -15.375 -5.882  5.172   1.00 16.08 ? 97   PRO A O   1 
ATOM   766  C CB  . PRO A 1 98  ? -15.714 -6.921  8.251   1.00 15.53 ? 97   PRO A CB  1 
ATOM   767  C CG  . PRO A 1 98  ? -15.066 -7.439  9.497   1.00 16.56 ? 97   PRO A CG  1 
ATOM   768  C CD  . PRO A 1 98  ? -13.677 -6.860  9.473   1.00 16.01 ? 97   PRO A CD  1 
ATOM   769  N N   . LYS A 1 99  ? -14.205 -4.558  6.564   1.00 15.57 ? 98   LYS A N   1 
ATOM   770  C CA  . LYS A 1 99  ? -14.308 -3.379  5.696   1.00 16.25 ? 98   LYS A CA  1 
ATOM   771  C C   . LYS A 1 99  ? -13.407 -3.431  4.453   1.00 15.87 ? 98   LYS A C   1 
ATOM   772  O O   . LYS A 1 99  ? -13.499 -2.571  3.574   1.00 16.40 ? 98   LYS A O   1 
ATOM   773  C CB  . LYS A 1 99  ? -14.009 -2.106  6.506   1.00 17.41 ? 98   LYS A CB  1 
ATOM   774  C CG  . LYS A 1 99  ? -15.167 -1.660  7.403   1.00 19.15 ? 98   LYS A CG  1 
ATOM   775  C CD  . LYS A 1 99  ? -14.701 -0.874  8.631   1.00 20.61 ? 98   LYS A CD  1 
ATOM   776  C CE  . LYS A 1 99  ? -14.392 0.591   8.309   1.00 22.57 ? 98   LYS A CE  1 
ATOM   777  N NZ  . LYS A 1 99  ? -14.281 1.452   9.545   1.00 23.45 ? 98   LYS A NZ  1 
ATOM   778  N N   . LEU A 1 100 ? -12.573 -4.465  4.350   1.00 15.07 ? 99   LEU A N   1 
ATOM   779  C CA  . LEU A 1 100 ? -11.606 -4.546  3.252   1.00 14.59 ? 99   LEU A CA  1 
ATOM   780  C C   . LEU A 1 100 ? -11.800 -5.756  2.343   1.00 14.39 ? 99   LEU A C   1 
ATOM   781  O O   . LEU A 1 100 ? -10.834 -6.439  1.998   1.00 13.97 ? 99   LEU A O   1 
ATOM   782  C CB  . LEU A 1 100 ? -10.167 -4.542  3.800   1.00 14.36 ? 99   LEU A CB  1 
ATOM   783  C CG  . LEU A 1 100 ? -9.724  -3.339  4.641   1.00 13.96 ? 99   LEU A CG  1 
ATOM   784  C CD1 . LEU A 1 100 ? -8.390  -3.632  5.297   1.00 13.50 ? 99   LEU A CD1 1 
ATOM   785  C CD2 . LEU A 1 100 ? -9.639  -2.100  3.765   1.00 13.34 ? 99   LEU A CD2 1 
ATOM   786  N N   . ASP A 1 101 ? -13.028 -5.995  1.896   1.00 14.08 ? 100  ASP A N   1 
ATOM   787  C CA  . ASP A 1 101 ? -13.234 -6.997  0.854   1.00 13.98 ? 100  ASP A CA  1 
ATOM   788  C C   . ASP A 1 101 ? -12.845 -6.406  -0.504  1.00 13.97 ? 100  ASP A C   1 
ATOM   789  O O   . ASP A 1 101 ? -13.690 -6.031  -1.316  1.00 13.47 ? 100  ASP A O   1 
ATOM   790  C CB  . ASP A 1 101 ? -14.686 -7.502  0.832   1.00 14.36 ? 100  ASP A CB  1 
ATOM   791  C CG  . ASP A 1 101 ? -14.876 -8.718  -0.081  1.00 15.03 ? 100  ASP A CG  1 
ATOM   792  O OD1 . ASP A 1 101 ? -13.883 -9.407  -0.404  1.00 14.14 ? 100  ASP A OD1 1 
ATOM   793  O OD2 . ASP A 1 101 ? -16.030 -9.007  -0.455  1.00 15.28 ? 100  ASP A OD2 1 
ATOM   794  N N   . VAL A 1 102 ? -11.543 -6.353  -0.745  1.00 13.77 ? 101  VAL A N   1 
ATOM   795  C CA  . VAL A 1 102 ? -11.006 -5.709  -1.932  1.00 13.97 ? 101  VAL A CA  1 
ATOM   796  C C   . VAL A 1 102 ? -9.595  -6.252  -2.165  1.00 13.84 ? 101  VAL A C   1 
ATOM   797  O O   . VAL A 1 102 ? -8.985  -6.820  -1.254  1.00 13.31 ? 101  VAL A O   1 
ATOM   798  C CB  . VAL A 1 102 ? -10.982 -4.156  -1.742  1.00 14.39 ? 101  VAL A CB  1 
ATOM   799  C CG1 . VAL A 1 102 ? -9.968  -3.763  -0.664  1.00 14.36 ? 101  VAL A CG1 1 
ATOM   800  C CG2 . VAL A 1 102 ? -10.689 -3.462  -3.057  1.00 14.92 ? 101  VAL A CG2 1 
ATOM   801  N N   . LYS A 1 103 ? -9.166  -6.254  -3.417  1.00 13.48 ? 102  LYS A N   1 
ATOM   802  C CA  . LYS A 1 103 ? -7.836  -6.737  -3.767  1.00 13.39 ? 102  LYS A CA  1 
ATOM   803  C C   . LYS A 1 103 ? -6.938  -5.561  -4.145  1.00 12.74 ? 102  LYS A C   1 
ATOM   804  O O   . LYS A 1 103 ? -7.421  -4.450  -4.350  1.00 12.92 ? 102  LYS A O   1 
ATOM   805  C CB  . LYS A 1 103 ? -7.938  -7.723  -4.930  1.00 14.04 ? 102  LYS A CB  1 
ATOM   806  C CG  . LYS A 1 103 ? -8.707  -8.995  -4.589  1.00 16.43 ? 102  LYS A CG  1 
ATOM   807  C CD  . LYS A 1 103 ? -8.867  -9.902  -5.802  1.00 18.05 ? 102  LYS A CD  1 
ATOM   808  C CE  . LYS A 1 103 ? -9.574  -11.210 -5.448  1.00 19.21 ? 102  LYS A CE  1 
ATOM   809  N NZ  . LYS A 1 103 ? -9.790  -12.043 -6.676  1.00 20.30 ? 102  LYS A NZ  1 
ATOM   810  N N   . LEU A 1 104 ? -5.637  -5.800  -4.229  1.00 12.25 ? 103  LEU A N   1 
ATOM   811  C CA  . LEU A 1 104 ? -4.699  -4.777  -4.676  1.00 13.12 ? 103  LEU A CA  1 
ATOM   812  C C   . LEU A 1 104 ? -4.619  -4.781  -6.209  1.00 13.38 ? 103  LEU A C   1 
ATOM   813  O O   . LEU A 1 104 ? -3.835  -5.521  -6.802  1.00 14.36 ? 103  LEU A O   1 
ATOM   814  C CB  . LEU A 1 104 ? -3.318  -5.007  -4.040  1.00 12.49 ? 103  LEU A CB  1 
ATOM   815  C CG  . LEU A 1 104 ? -3.282  -5.048  -2.502  1.00 11.85 ? 103  LEU A CG  1 
ATOM   816  C CD1 . LEU A 1 104 ? -1.850  -5.073  -1.990  1.00 11.43 ? 103  LEU A CD1 1 
ATOM   817  C CD2 . LEU A 1 104 ? -4.000  -3.841  -1.940  1.00 11.41 ? 103  LEU A CD2 1 
ATOM   818  N N   . LEU A 1 105 ? -5.503  -4.013  -6.837  1.00 12.96 ? 104  LEU A N   1 
ATOM   819  C CA  . LEU A 1 105 ? -5.769  -4.131  -8.272  1.00 12.90 ? 104  LEU A CA  1 
ATOM   820  C C   . LEU A 1 105 ? -4.896  -3.256  -9.167  1.00 12.44 ? 104  LEU A C   1 
ATOM   821  O O   . LEU A 1 105 ? -4.468  -3.690  -10.229 1.00 12.02 ? 104  LEU A O   1 
ATOM   822  C CB  . LEU A 1 105 ? -7.234  -3.804  -8.561  1.00 12.45 ? 104  LEU A CB  1 
ATOM   823  C CG  . LEU A 1 105 ? -8.305  -4.608  -7.829  1.00 12.83 ? 104  LEU A CG  1 
ATOM   824  C CD1 . LEU A 1 105 ? -9.669  -3.980  -8.058  1.00 12.95 ? 104  LEU A CD1 1 
ATOM   825  C CD2 . LEU A 1 105 ? -8.282  -6.025  -8.314  1.00 13.09 ? 104  LEU A CD2 1 
ATOM   826  N N   . TYR A 1 106 ? -4.778  -1.981  -8.811  1.00 12.57 ? 105  TYR A N   1 
ATOM   827  C CA  . TYR A 1 106 ? -4.206  -0.974  -9.708  1.00 12.71 ? 105  TYR A CA  1 
ATOM   828  C C   . TYR A 1 106 ? -3.124  -0.156  -9.012  1.00 12.92 ? 105  TYR A C   1 
ATOM   829  O O   . TYR A 1 106 ? -3.418  0.719   -8.199  1.00 13.15 ? 105  TYR A O   1 
ATOM   830  C CB  . TYR A 1 106 ? -5.300  -0.033  -10.228 1.00 12.13 ? 105  TYR A CB  1 
ATOM   831  C CG  . TYR A 1 106 ? -6.474  -0.736  -10.887 1.00 12.52 ? 105  TYR A CG  1 
ATOM   832  C CD1 . TYR A 1 106 ? -6.281  -1.626  -11.942 1.00 12.30 ? 105  TYR A CD1 1 
ATOM   833  C CD2 . TYR A 1 106 ? -7.769  -0.555  -10.411 1.00 12.49 ? 105  TYR A CD2 1 
ATOM   834  C CE1 . TYR A 1 106 ? -7.352  -2.328  -12.497 1.00 12.71 ? 105  TYR A CE1 1 
ATOM   835  C CE2 . TYR A 1 106 ? -8.843  -1.255  -10.959 1.00 12.43 ? 105  TYR A CE2 1 
ATOM   836  C CZ  . TYR A 1 106 ? -8.624  -2.140  -11.994 1.00 12.94 ? 105  TYR A CZ  1 
ATOM   837  O OH  . TYR A 1 106 ? -9.679  -2.860  -12.504 1.00 14.43 ? 105  TYR A OH  1 
ATOM   838  N N   . PRO A 1 107 ? -1.854  -0.508  -9.241  1.00 13.37 ? 106  PRO A N   1 
ATOM   839  C CA  . PRO A 1 107 ? -0.753  0.215   -8.600  1.00 13.48 ? 106  PRO A CA  1 
ATOM   840  C C   . PRO A 1 107 ? -0.586  1.615   -9.174  1.00 13.88 ? 106  PRO A C   1 
ATOM   841  O O   . PRO A 1 107 ? -0.731  1.811   -10.376 1.00 13.91 ? 106  PRO A O   1 
ATOM   842  C CB  . PRO A 1 107 ? 0.468   -0.656  -8.898  1.00 14.01 ? 106  PRO A CB  1 
ATOM   843  C CG  . PRO A 1 107 ? 0.092   -1.398  -10.153 1.00 14.52 ? 106  PRO A CG  1 
ATOM   844  C CD  . PRO A 1 107 ? -1.379  -1.688  -9.984  1.00 13.54 ? 106  PRO A CD  1 
ATOM   845  N N   . VAL A 1 108 ? -0.343  2.590   -8.305  1.00 13.77 ? 107  VAL A N   1 
ATOM   846  C CA  . VAL A 1 108 ? 0.170   3.886   -8.743  1.00 13.69 ? 107  VAL A CA  1 
ATOM   847  C C   . VAL A 1 108 ? 1.683   3.740   -8.965  1.00 13.67 ? 107  VAL A C   1 
ATOM   848  O O   . VAL A 1 108 ? 2.440   3.526   -8.017  1.00 12.83 ? 107  VAL A O   1 
ATOM   849  C CB  . VAL A 1 108 ? -0.097  4.982   -7.687  1.00 13.75 ? 107  VAL A CB  1 
ATOM   850  C CG1 . VAL A 1 108 ? 0.280   6.348   -8.239  1.00 14.27 ? 107  VAL A CG1 1 
ATOM   851  C CG2 . VAL A 1 108 ? -1.545  4.960   -7.274  1.00 13.74 ? 107  VAL A CG2 1 
ATOM   852  N N   . SER A 1 109 ? 2.079   3.669   -10.230 1.00 13.47 ? 108  SER A N   1 
ATOM   853  C CA  . SER A 1 109 ? 3.462   3.407   -10.612 1.00 13.66 ? 108  SER A CA  1 
ATOM   854  C C   . SER A 1 109 ? 4.303   4.683   -10.689 1.00 14.38 ? 108  SER A C   1 
ATOM   855  O O   . SER A 1 109 ? 3.894   5.675   -11.294 1.00 13.95 ? 108  SER A O   1 
ATOM   856  C CB  . SER A 1 109 ? 3.497   2.690   -11.965 1.00 14.17 ? 108  SER A CB  1 
ATOM   857  O OG  . SER A 1 109 ? 4.823   2.577   -12.472 1.00 15.39 ? 108  SER A OG  1 
ATOM   858  N N   . LYS A 1 110 ? 5.505   4.640   -10.117 1.00 14.54 ? 109  LYS A N   1 
ATOM   859  C CA  . LYS A 1 110 ? 6.439   5.754   -10.249 1.00 15.27 ? 109  LYS A CA  1 
ATOM   860  C C   . LYS A 1 110 ? 7.109   5.800   -11.622 1.00 16.11 ? 109  LYS A C   1 
ATOM   861  O O   . LYS A 1 110 ? 7.755   6.785   -11.967 1.00 16.63 ? 109  LYS A O   1 
ATOM   862  C CB  . LYS A 1 110 ? 7.499   5.690   -9.152  1.00 15.47 ? 109  LYS A CB  1 
ATOM   863  C CG  . LYS A 1 110 ? 8.347   4.437   -9.165  1.00 15.19 ? 109  LYS A CG  1 
ATOM   864  C CD  . LYS A 1 110 ? 9.062   4.258   -7.842  1.00 15.69 ? 109  LYS A CD  1 
ATOM   865  C CE  . LYS A 1 110 ? 10.022  3.088   -7.906  1.00 16.68 ? 109  LYS A CE  1 
ATOM   866  N NZ  . LYS A 1 110 ? 10.405  2.603   -6.561  1.00 16.96 ? 109  LYS A NZ  1 
ATOM   867  N N   . TYR A 1 111 ? 6.922   4.752   -12.418 1.00 17.26 ? 110  TYR A N   1 
ATOM   868  C CA  . TYR A 1 111 ? 7.473   4.713   -13.772 1.00 19.10 ? 110  TYR A CA  1 
ATOM   869  C C   . TYR A 1 111 ? 6.479   5.192   -14.830 1.00 20.83 ? 110  TYR A C   1 
ATOM   870  O O   . TYR A 1 111 ? 6.848   5.403   -15.986 1.00 20.57 ? 110  TYR A O   1 
ATOM   871  C CB  . TYR A 1 111 ? 7.928   3.290   -14.129 1.00 18.51 ? 110  TYR A CB  1 
ATOM   872  C CG  . TYR A 1 111 ? 8.923   2.689   -13.161 1.00 18.51 ? 110  TYR A CG  1 
ATOM   873  C CD1 . TYR A 1 111 ? 8.647   1.490   -12.507 1.00 18.06 ? 110  TYR A CD1 1 
ATOM   874  C CD2 . TYR A 1 111 ? 10.132  3.333   -12.882 1.00 18.40 ? 110  TYR A CD2 1 
ATOM   875  C CE1 . TYR A 1 111 ? 9.552   0.940   -11.610 1.00 18.40 ? 110  TYR A CE1 1 
ATOM   876  C CE2 . TYR A 1 111 ? 11.038  2.799   -11.968 1.00 18.60 ? 110  TYR A CE2 1 
ATOM   877  C CZ  . TYR A 1 111 ? 10.740  1.600   -11.345 1.00 18.44 ? 110  TYR A CZ  1 
ATOM   878  O OH  . TYR A 1 111 ? 11.649  1.048   -10.471 1.00 19.57 ? 110  TYR A OH  1 
ATOM   879  N N   . GLN A 1 112 ? 5.208   5.288   -14.458 1.00 23.19 ? 111  GLN A N   1 
ATOM   880  C CA  . GLN A 1 112 ? 4.163   5.632   -15.418 1.00 25.63 ? 111  GLN A CA  1 
ATOM   881  C C   . GLN A 1 112 ? 4.005   7.140   -15.529 1.00 27.29 ? 111  GLN A C   1 
ATOM   882  O O   . GLN A 1 112 ? 3.184   7.742   -14.837 1.00 28.25 ? 111  GLN A O   1 
ATOM   883  C CB  . GLN A 1 112 ? 2.826   4.986   -15.024 1.00 26.34 ? 111  GLN A CB  1 
ATOM   884  C CG  . GLN A 1 112 ? 1.730   5.137   -16.081 1.00 27.86 ? 111  GLN A CG  1 
ATOM   885  C CD  . GLN A 1 112 ? 0.522   4.248   -15.829 1.00 28.59 ? 111  GLN A CD  1 
ATOM   886  O OE1 . GLN A 1 112 ? 0.066   4.099   -14.695 1.00 29.75 ? 111  GLN A OE1 1 
ATOM   887  N NE2 . GLN A 1 112 ? -0.024  3.683   -16.891 1.00 27.94 ? 111  GLN A NE2 1 
ATOM   888  N N   . GLN A 1 113 ? 4.768   7.742   -16.435 1.00 28.65 ? 112  GLN A N   1 
ATOM   889  C CA  . GLN A 1 113 ? 4.808   9.197   -16.549 1.00 30.09 ? 112  GLN A CA  1 
ATOM   890  C C   . GLN A 1 113 ? 4.097   9.763   -17.778 1.00 29.91 ? 112  GLN A C   1 
ATOM   891  O O   . GLN A 1 113 ? 4.376   9.388   -18.919 1.00 29.43 ? 112  GLN A O   1 
ATOM   892  C CB  . GLN A 1 113 ? 6.257   9.683   -16.511 1.00 31.59 ? 112  GLN A CB  1 
ATOM   893  C CG  . GLN A 1 113 ? 6.973   9.338   -15.214 1.00 33.60 ? 112  GLN A CG  1 
ATOM   894  C CD  . GLN A 1 113 ? 8.327   9.996   -15.111 1.00 34.69 ? 112  GLN A CD  1 
ATOM   895  O OE1 . GLN A 1 113 ? 9.241   9.681   -15.873 1.00 36.03 ? 112  GLN A OE1 1 
ATOM   896  N NE2 . GLN A 1 113 ? 8.458   10.943  -14.197 1.00 34.88 ? 112  GLN A NE2 1 
ATOM   897  N N   . ASP A 1 114 ? 3.134   10.636  -17.521 1.00 30.09 ? 113  ASP A N   1 
ATOM   898  C CA  . ASP A 1 114 ? 2.390   11.298  -18.582 1.00 30.57 ? 113  ASP A CA  1 
ATOM   899  C C   . ASP A 1 114 ? 3.057   12.619  -18.947 1.00 31.38 ? 113  ASP A C   1 
ATOM   900  O O   . ASP A 1 114 ? 3.656   13.280  -18.096 1.00 31.58 ? 113  ASP A O   1 
ATOM   901  C CB  . ASP A 1 114 ? 0.954   11.541  -18.127 1.00 30.00 ? 113  ASP A CB  1 
ATOM   902  C CG  . ASP A 1 114 ? 0.360   10.334  -17.429 1.00 29.51 ? 113  ASP A CG  1 
ATOM   903  O OD1 . ASP A 1 114 ? 0.299   9.251   -18.050 1.00 27.60 ? 113  ASP A OD1 1 
ATOM   904  O OD2 . ASP A 1 114 ? 0.037   10.450  -16.231 1.00 29.57 ? 113  ASP A OD2 1 
ATOM   905  N N   . GLN A 1 115 ? 2.970   12.984  -20.219 1.00 31.95 ? 114  GLN A N   1 
ATOM   906  C CA  . GLN A 1 115 ? 3.665   14.160  -20.738 1.00 32.50 ? 114  GLN A CA  1 
ATOM   907  C C   . GLN A 1 115 ? 2.673   15.265  -21.074 1.00 31.91 ? 114  GLN A C   1 
ATOM   908  O O   . GLN A 1 115 ? 1.804   15.077  -21.918 1.00 31.50 ? 114  GLN A O   1 
ATOM   909  C CB  . GLN A 1 115 ? 4.450   13.792  -22.001 1.00 33.62 ? 114  GLN A CB  1 
ATOM   910  C CG  . GLN A 1 115 ? 5.260   12.510  -21.882 1.00 36.41 ? 114  GLN A CG  1 
ATOM   911  C CD  . GLN A 1 115 ? 5.833   12.046  -23.212 1.00 38.17 ? 114  GLN A CD  1 
ATOM   912  O OE1 . GLN A 1 115 ? 5.099   11.827  -24.178 1.00 39.23 ? 114  GLN A OE1 1 
ATOM   913  N NE2 . GLN A 1 115 ? 7.140   11.823  -23.248 1.00 38.60 ? 114  GLN A NE2 1 
ATOM   914  N N   . VAL A 1 116 ? 2.753   16.387  -20.365 1.00 31.89 ? 115  VAL A N   1 
ATOM   915  C CA  . VAL A 1 116 ? 2.034   17.600  -20.768 1.00 32.16 ? 115  VAL A CA  1 
ATOM   916  C C   . VAL A 1 116 ? 2.643   18.169  -22.055 1.00 32.90 ? 115  VAL A C   1 
ATOM   917  O O   . VAL A 1 116 ? 3.866   18.214  -22.207 1.00 33.16 ? 115  VAL A O   1 
ATOM   918  C CB  . VAL A 1 116 ? 2.086   18.678  -19.662 1.00 31.87 ? 115  VAL A CB  1 
ATOM   919  C CG1 . VAL A 1 116 ? 1.573   20.017  -20.192 1.00 31.19 ? 115  VAL A CG1 1 
ATOM   920  C CG2 . VAL A 1 116 ? 1.261   18.231  -18.462 1.00 31.33 ? 115  VAL A CG2 1 
ATOM   921  N N   . VAL A 1 117 ? 1.792   18.519  -23.010 1.00 33.19 ? 116  VAL A N   1 
ATOM   922  C CA  . VAL A 1 117 ? 2.266   18.983  -24.307 1.00 34.28 ? 116  VAL A CA  1 
ATOM   923  C C   . VAL A 1 117 ? 2.458   20.506  -24.338 1.00 35.30 ? 116  VAL A C   1 
ATOM   924  O O   . VAL A 1 117 ? 1.623   21.261  -23.835 1.00 35.26 ? 116  VAL A O   1 
ATOM   925  C CB  . VAL A 1 117 ? 1.297   18.560  -25.442 1.00 34.05 ? 116  VAL A CB  1 
ATOM   926  C CG1 . VAL A 1 117 ? 1.950   18.784  -26.799 1.00 34.52 ? 116  VAL A CG1 1 
ATOM   927  C CG2 . VAL A 1 117 ? 0.912   17.095  -25.291 1.00 34.00 ? 116  VAL A CG2 1 
ATOM   928  N N   . LYS A 1 118 ? 3.573   20.947  -24.906 1.00 36.62 ? 117  LYS A N   1 
ATOM   929  C CA  . LYS A 1 118 ? 3.843   22.370  -25.101 1.00 38.26 ? 117  LYS A CA  1 
ATOM   930  C C   . LYS A 1 118 ? 3.889   22.679  -26.599 1.00 39.03 ? 117  LYS A C   1 
ATOM   931  O O   . LYS A 1 118 ? 4.554   21.973  -27.364 1.00 39.24 ? 117  LYS A O   1 
ATOM   932  C CB  . LYS A 1 118 ? 5.181   22.741  -24.450 1.00 39.29 ? 117  LYS A CB  1 
ATOM   933  C CG  . LYS A 1 118 ? 5.506   24.236  -24.469 1.00 40.29 ? 117  LYS A CG  1 
ATOM   934  C CD  . LYS A 1 118 ? 6.935   24.503  -23.995 1.00 41.01 ? 117  LYS A CD  1 
ATOM   935  C CE  . LYS A 1 118 ? 7.359   25.943  -24.278 1.00 41.62 ? 117  LYS A CE  1 
ATOM   936  N NZ  . LYS A 1 118 ? 6.566   26.944  -23.501 1.00 42.08 ? 117  LYS A NZ  1 
ATOM   937  N N   . GLU A 1 119 ? 3.183   23.726  -27.020 1.00 39.49 ? 118  GLU A N   1 
ATOM   938  C CA  . GLU A 1 119 ? 3.110   24.065  -28.444 1.00 40.21 ? 118  GLU A CA  1 
ATOM   939  C C   . GLU A 1 119 ? 4.258   24.956  -28.950 1.00 40.20 ? 118  GLU A C   1 
ATOM   940  O O   . GLU A 1 119 ? 4.961   25.609  -28.171 1.00 40.17 ? 118  GLU A O   1 
ATOM   941  C CB  . GLU A 1 119 ? 1.763   24.723  -28.771 1.00 40.40 ? 118  GLU A CB  1 
ATOM   942  C CG  . GLU A 1 119 ? 0.532   23.900  -28.373 1.00 41.65 ? 118  GLU A CG  1 
ATOM   943  C CD  . GLU A 1 119 ? 0.530   22.475  -28.933 1.00 42.11 ? 118  GLU A CD  1 
ATOM   944  O OE1 . GLU A 1 119 ? 0.681   22.300  -30.163 1.00 42.11 ? 118  GLU A OE1 1 
ATOM   945  O OE2 . GLU A 1 119 ? 0.312   21.529  -28.144 1.00 42.18 ? 118  GLU A OE2 1 
ATOM   946  N N   . THR B 2 1   ? -11.438 10.871  2.760   1.00 25.60 ? 201  THR B N   1 
ATOM   947  C CA  . THR B 2 1   ? -10.782 10.801  4.103   1.00 26.15 ? 201  THR B CA  1 
ATOM   948  C C   . THR B 2 1   ? -9.756  9.668   4.160   1.00 25.65 ? 201  THR B C   1 
ATOM   949  O O   . THR B 2 1   ? -9.763  8.772   3.309   1.00 25.82 ? 201  THR B O   1 
ATOM   950  C CB  . THR B 2 1   ? -11.810 10.543  5.222   1.00 27.31 ? 201  THR B CB  1 
ATOM   951  O OG1 . THR B 2 1   ? -12.370 9.231   5.064   1.00 28.08 ? 201  THR B OG1 1 
ATOM   952  C CG2 . THR B 2 1   ? -12.921 11.588  5.179   1.00 27.44 ? 201  THR B CG2 1 
ATOM   953  N N   . ASN B 2 2   ? -8.833  9.753   5.114   1.00 24.80 ? 202  ASN B N   1 
ATOM   954  C CA  . ASN B 2 2   ? -7.894  8.666   5.384   1.00 23.40 ? 202  ASN B CA  1 
ATOM   955  C C   . ASN B 2 2   ? -8.274  7.971   6.683   1.00 22.26 ? 202  ASN B C   1 
ATOM   956  O O   . ASN B 2 2   ? -8.565  8.627   7.684   1.00 21.73 ? 202  ASN B O   1 
ATOM   957  C CB  . ASN B 2 2   ? -6.468  9.196   5.505   1.00 24.08 ? 202  ASN B CB  1 
ATOM   958  C CG  . ASN B 2 2   ? -6.011  9.920   4.268   1.00 25.53 ? 202  ASN B CG  1 
ATOM   959  O OD1 . ASN B 2 2   ? -5.573  9.303   3.300   1.00 25.75 ? 202  ASN B OD1 1 
ATOM   960  N ND2 . ASN B 2 2   ? -6.155  11.236  4.269   1.00 26.09 ? 202  ASN B ND2 1 
ATOM   961  N N   . GLU B 2 3   ? -8.197  6.647   6.682   1.00 20.88 ? 203  GLU B N   1 
ATOM   962  C CA  . GLU B 2 3   ? -8.532  5.860   7.859   1.00 19.47 ? 203  GLU B CA  1 
ATOM   963  C C   . GLU B 2 3   ? -7.514  4.749   8.065   1.00 18.30 ? 203  GLU B C   1 
ATOM   964  O O   . GLU B 2 3   ? -7.243  3.975   7.149   1.00 16.73 ? 203  GLU B O   1 
ATOM   965  C CB  . GLU B 2 3   ? -9.927  5.260   7.697   1.00 20.79 ? 203  GLU B CB  1 
ATOM   966  C CG  . GLU B 2 3   ? -10.424 4.489   8.903   1.00 22.71 ? 203  GLU B CG  1 
ATOM   967  C CD  . GLU B 2 3   ? -11.851 4.002   8.738   1.00 23.93 ? 203  GLU B CD  1 
ATOM   968  O OE1 . GLU B 2 3   ? -12.219 3.570   7.624   1.00 25.60 ? 203  GLU B OE1 1 
ATOM   969  O OE2 . GLU B 2 3   ? -12.612 4.055   9.720   1.00 25.56 ? 203  GLU B OE2 1 
HETATM 970  N N   . PTR B 2 4   ? -6.880  4.739   9.233   1.00 17.56 ? 204  PTR B N   1 
HETATM 971  C CA  . PTR B 2 4   ? -5.962  3.666   9.586   1.00 17.48 ? 204  PTR B CA  1 
HETATM 972  C C   . PTR B 2 4   ? -6.732  2.411   9.989   1.00 17.87 ? 204  PTR B C   1 
HETATM 973  O O   . PTR B 2 4   ? -7.620  2.461   10.843  1.00 17.97 ? 204  PTR B O   1 
HETATM 974  C CB  . PTR B 2 4   ? -5.032  4.101   10.715  1.00 16.51 ? 204  PTR B CB  1 
HETATM 975  C CG  . PTR B 2 4   ? -3.665  4.516   10.209  1.00 16.28 ? 204  PTR B CG  1 
HETATM 976  C CD1 . PTR B 2 4   ? -2.828  3.525   9.724   1.00 16.08 ? 204  PTR B CD1 1 
HETATM 977  C CD2 . PTR B 2 4   ? -3.277  5.853   10.196  1.00 15.99 ? 204  PTR B CD2 1 
HETATM 978  C CE1 . PTR B 2 4   ? -1.584  3.840   9.216   1.00 15.70 ? 204  PTR B CE1 1 
HETATM 979  C CE2 . PTR B 2 4   ? -2.035  6.180   9.681   1.00 15.90 ? 204  PTR B CE2 1 
HETATM 980  C CZ  . PTR B 2 4   ? -1.224  5.158   9.208   1.00 16.36 ? 204  PTR B CZ  1 
HETATM 981  O OH  . PTR B 2 4   ? 0.069   5.351   8.657   1.00 16.93 ? 204  PTR B OH  1 
HETATM 982  P P   . PTR B 2 4   ? 0.948   6.685   8.716   1.00 16.40 ? 204  PTR B P   1 
HETATM 983  O O1P . PTR B 2 4   ? 2.269   6.423   8.136   1.00 15.57 ? 204  PTR B O1P 1 
HETATM 984  O O2P . PTR B 2 4   ? 0.279   7.781   8.002   1.00 16.50 ? 204  PTR B O2P 1 
HETATM 985  O O3P . PTR B 2 4   ? 1.104   6.983   10.136  1.00 17.35 ? 204  PTR B O3P 1 
ATOM   986  N N   . MET B 2 5   ? -6.475  1.323   9.271   1.00 17.64 ? 205  MET B N   1 
ATOM   987  C CA  . MET B 2 5   ? -7.202  0.072   9.466   1.00 17.33 ? 205  MET B CA  1 
ATOM   988  C C   . MET B 2 5   ? -6.591  -0.812  10.547  1.00 17.59 ? 205  MET B C   1 
ATOM   989  O O   . MET B 2 5   ? -5.397  -1.091  10.544  1.00 17.51 ? 205  MET B O   1 
ATOM   990  C CB  . MET B 2 5   ? -7.269  -0.708  8.153   1.00 16.68 ? 205  MET B CB  1 
ATOM   991  C CG  . MET B 2 5   ? -7.901  0.053   7.014   1.00 15.31 ? 205  MET B CG  1 
ATOM   992  S SD  . MET B 2 5   ? -9.418  0.887   7.504   1.00 17.04 ? 205  MET B SD  1 
ATOM   993  C CE  . MET B 2 5   ? -10.616 -0.440  7.390   1.00 15.41 ? 205  MET B CE  1 
ATOM   994  N N   . ASP B 2 6   ? -7.420  -1.216  11.495  1.00 18.15 ? 206  ASP B N   1 
ATOM   995  C CA  . ASP B 2 6   ? -7.080  -2.291  12.416  1.00 18.62 ? 206  ASP B CA  1 
ATOM   996  C C   . ASP B 2 6   ? -7.047  -3.629  11.661  1.00 19.02 ? 206  ASP B C   1 
ATOM   997  O O   . ASP B 2 6   ? -8.074  -4.101  11.162  1.00 18.44 ? 206  ASP B O   1 
ATOM   998  C CB  . ASP B 2 6   ? -8.131  -2.341  13.527  1.00 19.85 ? 206  ASP B CB  1 
ATOM   999  C CG  . ASP B 2 6   ? -7.715  -3.195  14.698  1.00 20.81 ? 206  ASP B CG  1 
ATOM   1000 O OD1 . ASP B 2 6   ? -6.631  -3.820  14.664  1.00 22.25 ? 206  ASP B OD1 1 
ATOM   1001 O OD2 . ASP B 2 6   ? -8.476  -3.223  15.682  1.00 22.85 ? 206  ASP B OD2 1 
ATOM   1002 N N   . MET B 2 7   ? -5.867  -4.236  11.575  1.00 19.19 ? 207  MET B N   1 
ATOM   1003 C CA  . MET B 2 7   ? -5.697  -5.491  10.839  1.00 20.31 ? 207  MET B CA  1 
ATOM   1004 C C   . MET B 2 7   ? -5.683  -6.729  11.741  1.00 22.11 ? 207  MET B C   1 
ATOM   1005 O O   . MET B 2 7   ? -5.509  -7.849  11.267  1.00 21.87 ? 207  MET B O   1 
ATOM   1006 C CB  . MET B 2 7   ? -4.415  -5.446  10.001  1.00 18.60 ? 207  MET B CB  1 
ATOM   1007 C CG  . MET B 2 7   ? -4.419  -4.391  8.903   1.00 16.24 ? 207  MET B CG  1 
ATOM   1008 S SD  . MET B 2 7   ? -5.825  -4.574  7.798   1.00 15.74 ? 207  MET B SD  1 
ATOM   1009 C CE  . MET B 2 7   ? -5.083  -5.465  6.423   1.00 14.79 ? 207  MET B CE  1 
ATOM   1010 N N   . LYS B 2 8   ? -5.847  -6.526  13.040  1.00 24.72 ? 208  LYS B N   1 
ATOM   1011 C CA  . LYS B 2 8   ? -5.837  -7.642  13.980  1.00 27.43 ? 208  LYS B CA  1 
ATOM   1012 C C   . LYS B 2 8   ? -7.227  -8.243  14.145  1.00 27.99 ? 208  LYS B C   1 
ATOM   1013 O O   . LYS B 2 8   ? -8.151  -7.562  14.594  1.00 29.65 ? 208  LYS B O   1 
ATOM   1014 C CB  . LYS B 2 8   ? -5.301  -7.186  15.341  1.00 28.98 ? 208  LYS B CB  1 
ATOM   1015 C CG  . LYS B 2 8   ? -4.072  -7.950  15.807  1.00 31.38 ? 208  LYS B CG  1 
ATOM   1016 C CD  . LYS B 2 8   ? -3.180  -7.087  16.698  1.00 33.19 ? 208  LYS B CD  1 
ATOM   1017 C CE  . LYS B 2 8   ? -3.868  -6.724  18.015  1.00 34.89 ? 208  LYS B CE  1 
ATOM   1018 N NZ  . LYS B 2 8   ? -3.816  -5.252  18.296  1.00 36.30 ? 208  LYS B NZ  1 
HETATM 1019 O O   . HOH C 3 .   ? 14.884  -12.402 -4.136  1.00 41.28 ? 2001 HOH A O   1 
HETATM 1020 O O   . HOH C 3 .   ? 11.939  -8.121  -2.248  1.00 45.00 ? 2002 HOH A O   1 
HETATM 1021 O O   . HOH C 3 .   ? 14.115  -5.407  -0.575  1.00 43.25 ? 2003 HOH A O   1 
HETATM 1022 O O   . HOH C 3 .   ? 7.480   -3.050  -10.293 1.00 37.39 ? 2004 HOH A O   1 
HETATM 1023 O O   . HOH C 3 .   ? -0.494  8.337   -11.427 1.00 48.19 ? 2005 HOH A O   1 
HETATM 1024 O O   . HOH C 3 .   ? 10.594  4.931   -4.159  1.00 39.41 ? 2006 HOH A O   1 
HETATM 1025 O O   . HOH C 3 .   ? -15.606 5.416   -6.360  1.00 37.33 ? 2007 HOH A O   1 
HETATM 1026 O O   . HOH C 3 .   ? 12.889  7.769   -0.742  1.00 24.10 ? 2008 HOH A O   1 
HETATM 1027 O O   . HOH C 3 .   ? 1.678   -2.745  20.200  1.00 34.77 ? 2009 HOH A O   1 
HETATM 1028 O O   . HOH C 3 .   ? 3.244   11.640  6.216   1.00 26.30 ? 2010 HOH A O   1 
HETATM 1029 O O   . HOH C 3 .   ? 0.580   15.224  5.017   1.00 32.19 ? 2011 HOH A O   1 
HETATM 1030 O O   . HOH C 3 .   ? 5.948   14.005  -0.287  1.00 22.69 ? 2012 HOH A O   1 
HETATM 1031 O O   . HOH C 3 .   ? -8.421  12.143  2.310   1.00 42.61 ? 2013 HOH A O   1 
HETATM 1032 O O   . HOH C 3 .   ? -4.503  13.648  4.994   1.00 39.07 ? 2014 HOH A O   1 
HETATM 1033 O O   . HOH C 3 .   ? -2.806  8.790   -9.866  1.00 29.63 ? 2015 HOH A O   1 
HETATM 1034 O O   . HOH C 3 .   ? 5.554   12.467  -8.134  1.00 57.18 ? 2016 HOH A O   1 
HETATM 1035 O O   . HOH C 3 .   ? -5.126  10.669  -9.911  1.00 41.54 ? 2017 HOH A O   1 
HETATM 1036 O O   . HOH C 3 .   ? -5.700  14.760  -13.125 1.00 38.27 ? 2018 HOH A O   1 
HETATM 1037 O O   . HOH C 3 .   ? -13.131 4.778   -5.699  1.00 29.01 ? 2019 HOH A O   1 
HETATM 1038 O O   . HOH C 3 .   ? -12.467 -0.783  -9.028  1.00 24.13 ? 2020 HOH A O   1 
HETATM 1039 O O   . HOH C 3 .   ? -14.248 2.809   -8.121  1.00 30.98 ? 2021 HOH A O   1 
HETATM 1040 O O   . HOH C 3 .   ? -6.753  2.934   -11.162 1.00 20.48 ? 2022 HOH A O   1 
HETATM 1041 O O   . HOH C 3 .   ? 6.727   8.718   4.572   1.00 23.54 ? 2023 HOH A O   1 
HETATM 1042 O O   . HOH C 3 .   ? 11.013  7.636   5.469   1.00 43.44 ? 2024 HOH A O   1 
HETATM 1043 O O   . HOH C 3 .   ? 10.098  5.207   8.005   1.00 54.54 ? 2025 HOH A O   1 
HETATM 1044 O O   . HOH C 3 .   ? 8.649   8.981   6.574   1.00 28.30 ? 2026 HOH A O   1 
HETATM 1045 O O   . HOH C 3 .   ? 5.488   3.464   12.497  1.00 26.26 ? 2027 HOH A O   1 
HETATM 1046 O O   . HOH C 3 .   ? 8.349   -0.082  13.963  1.00 36.98 ? 2028 HOH A O   1 
HETATM 1047 O O   . HOH C 3 .   ? 6.507   1.593   19.625  1.00 26.65 ? 2029 HOH A O   1 
HETATM 1048 O O   . HOH C 3 .   ? 2.073   -3.412  16.861  1.00 48.15 ? 2030 HOH A O   1 
HETATM 1049 O O   . HOH C 3 .   ? 7.819   -2.786  11.729  1.00 20.48 ? 2031 HOH A O   1 
HETATM 1050 O O   . HOH C 3 .   ? 10.537  2.412   6.952   1.00 40.85 ? 2032 HOH A O   1 
HETATM 1051 O O   . HOH C 3 .   ? 12.565  -3.056  6.195   1.00 42.74 ? 2033 HOH A O   1 
HETATM 1052 O O   . HOH C 3 .   ? 13.102  0.553   2.778   1.00 35.03 ? 2034 HOH A O   1 
HETATM 1053 O O   . HOH C 3 .   ? 1.086   4.421   1.013   1.00 24.08 ? 2035 HOH A O   1 
HETATM 1054 O O   . HOH C 3 .   ? -1.136  7.540   2.933   1.00 9.23  ? 2036 HOH A O   1 
HETATM 1055 O O   . HOH C 3 .   ? -10.724 12.189  -3.218  1.00 40.18 ? 2037 HOH A O   1 
HETATM 1056 O O   . HOH C 3 .   ? -7.725  10.942  -1.753  1.00 36.73 ? 2038 HOH A O   1 
HETATM 1057 O O   . HOH C 3 .   ? -14.777 4.247   2.244   1.00 26.64 ? 2039 HOH A O   1 
HETATM 1058 O O   . HOH C 3 .   ? -17.694 4.757   0.749   1.00 47.56 ? 2040 HOH A O   1 
HETATM 1059 O O   . HOH C 3 .   ? -14.828 11.140  2.023   1.00 49.34 ? 2041 HOH A O   1 
HETATM 1060 O O   . HOH C 3 .   ? -11.127 6.152   4.766   1.00 28.28 ? 2042 HOH A O   1 
HETATM 1061 O O   . HOH C 3 .   ? 3.528   5.872   11.461  1.00 21.50 ? 2043 HOH A O   1 
HETATM 1062 O O   . HOH C 3 .   ? 14.242  -9.060  6.388   1.00 43.83 ? 2044 HOH A O   1 
HETATM 1063 O O   . HOH C 3 .   ? 6.724   -10.585 16.090  1.00 22.07 ? 2045 HOH A O   1 
HETATM 1064 O O   . HOH C 3 .   ? 1.877   -6.216  14.533  1.00 34.29 ? 2046 HOH A O   1 
HETATM 1065 O O   . HOH C 3 .   ? 13.665  -7.640  14.510  1.00 22.38 ? 2047 HOH A O   1 
HETATM 1066 O O   . HOH C 3 .   ? 11.616  -17.334 14.468  1.00 40.00 ? 2048 HOH A O   1 
HETATM 1067 O O   . HOH C 3 .   ? 14.157  -8.124  10.843  1.00 27.47 ? 2049 HOH A O   1 
HETATM 1068 O O   . HOH C 3 .   ? 12.936  -14.990 8.804   1.00 34.57 ? 2050 HOH A O   1 
HETATM 1069 O O   . HOH C 3 .   ? 12.173  -3.879  3.312   1.00 37.22 ? 2051 HOH A O   1 
HETATM 1070 O O   . HOH C 3 .   ? 13.302  -8.178  2.007   1.00 44.55 ? 2052 HOH A O   1 
HETATM 1071 O O   . HOH C 3 .   ? -1.371  -3.636  10.091  1.00 15.65 ? 2053 HOH A O   1 
HETATM 1072 O O   . HOH C 3 .   ? -1.626  -5.380  13.605  1.00 28.24 ? 2054 HOH A O   1 
HETATM 1073 O O   . HOH C 3 .   ? 4.022   -12.647 18.084  1.00 40.08 ? 2055 HOH A O   1 
HETATM 1074 O O   . HOH C 3 .   ? -0.631  -12.810 9.867   1.00 43.79 ? 2056 HOH A O   1 
HETATM 1075 O O   . HOH C 3 .   ? 1.671   -12.708 7.898   1.00 16.29 ? 2057 HOH A O   1 
HETATM 1076 O O   . HOH C 3 .   ? 5.822   -16.591 2.828   1.00 30.70 ? 2058 HOH A O   1 
HETATM 1077 O O   . HOH C 3 .   ? 0.129   -14.495 6.845   0.50 44.73 ? 2059 HOH A O   1 
HETATM 1078 O O   . HOH C 3 .   ? 3.136   -16.021 4.185   0.50 42.20 ? 2060 HOH A O   1 
HETATM 1079 O O   . HOH C 3 .   ? 12.995  -12.180 4.759   1.00 24.02 ? 2061 HOH A O   1 
HETATM 1080 O O   . HOH C 3 .   ? 10.797  -6.293  1.410   1.00 20.23 ? 2062 HOH A O   1 
HETATM 1081 O O   . HOH C 3 .   ? 8.611   -17.384 0.772   1.00 35.64 ? 2063 HOH A O   1 
HETATM 1082 O O   . HOH C 3 .   ? 3.225   -13.636 -3.268  1.00 20.35 ? 2064 HOH A O   1 
HETATM 1083 O O   . HOH C 3 .   ? 4.178   -6.218  -7.850  1.00 21.93 ? 2065 HOH A O   1 
HETATM 1084 O O   . HOH C 3 .   ? 2.281   -15.484 -1.423  1.00 46.33 ? 2066 HOH A O   1 
HETATM 1085 O O   . HOH C 3 .   ? -9.987  -13.776 -2.189  1.00 23.54 ? 2067 HOH A O   1 
HETATM 1086 O O   . HOH C 3 .   ? -9.446  -12.854 2.667   1.00 20.90 ? 2068 HOH A O   1 
HETATM 1087 O O   . HOH C 3 .   ? -9.014  -14.689 9.070   1.00 22.86 ? 2069 HOH A O   1 
HETATM 1088 O O   . HOH C 3 .   ? -8.288  -16.376 7.040   1.00 21.61 ? 2070 HOH A O   1 
HETATM 1089 O O   . HOH C 3 .   ? -4.803  -15.158 1.861   1.00 12.01 ? 2071 HOH A O   1 
HETATM 1090 O O   . HOH C 3 .   ? -0.056  -10.478 7.127   1.00 13.98 ? 2072 HOH A O   1 
HETATM 1091 O O   . HOH C 3 .   ? -15.567 -4.747  2.620   1.00 19.09 ? 2073 HOH A O   1 
HETATM 1092 O O   . HOH C 3 .   ? -15.671 -8.561  4.273   1.00 13.15 ? 2074 HOH A O   1 
HETATM 1093 O O   . HOH C 3 .   ? -13.143 -8.244  -3.147  1.00 41.96 ? 2075 HOH A O   1 
HETATM 1094 O O   . HOH C 3 .   ? -17.990 -7.425  -1.009  1.00 28.39 ? 2076 HOH A O   1 
HETATM 1095 O O   . HOH C 3 .   ? -16.341 -11.167 -2.239  1.00 52.41 ? 2077 HOH A O   1 
HETATM 1096 O O   . HOH C 3 .   ? -7.760  -12.788 -8.410  1.00 41.92 ? 2078 HOH A O   1 
HETATM 1097 O O   . HOH C 3 .   ? -11.487 -6.457  -5.671  1.00 37.00 ? 2079 HOH A O   1 
HETATM 1098 O O   . HOH C 3 .   ? -3.980  -7.341  -9.090  1.00 40.20 ? 2080 HOH A O   1 
HETATM 1099 O O   . HOH C 3 .   ? -9.069  -5.608  -13.307 1.00 17.72 ? 2081 HOH A O   1 
HETATM 1100 O O   . HOH C 3 .   ? -1.525  1.701   -13.327 1.00 32.48 ? 2082 HOH A O   1 
HETATM 1101 O O   . HOH C 3 .   ? 4.835   1.222   -14.846 1.00 38.00 ? 2083 HOH A O   1 
HETATM 1102 O O   . HOH C 3 .   ? 2.159   7.594   -11.321 1.00 31.71 ? 2084 HOH A O   1 
HETATM 1103 O O   . HOH C 3 .   ? 13.623  2.422   -9.146  1.00 53.96 ? 2085 HOH A O   1 
HETATM 1104 O O   . HOH C 3 .   ? 8.846   3.442   -18.155 1.00 51.29 ? 2086 HOH A O   1 
HETATM 1105 O O   . HOH C 3 .   ? 2.388   10.355  -14.582 1.00 46.16 ? 2087 HOH A O   1 
HETATM 1106 O O   . HOH C 3 .   ? 0.430   4.976   -12.114 1.00 29.84 ? 2088 HOH A O   1 
HETATM 1107 O O   . HOH C 3 .   ? 6.606   12.902  -14.030 0.50 57.48 ? 2089 HOH A O   1 
HETATM 1108 O O   . HOH C 3 .   ? 10.856  8.433   -18.196 1.00 47.08 ? 2090 HOH A O   1 
HETATM 1109 O O   . HOH C 3 .   ? 8.598   12.687  -12.266 1.00 46.59 ? 2091 HOH A O   1 
HETATM 1110 O O   . HOH C 3 .   ? 7.578   10.874  -20.779 1.00 36.97 ? 2092 HOH A O   1 
HETATM 1111 O O   . HOH C 3 .   ? 5.721   19.261  -25.776 1.00 50.23 ? 2093 HOH A O   1 
HETATM 1112 O O   . HOH C 3 .   ? 2.874   22.941  -31.796 1.00 42.22 ? 2094 HOH A O   1 
HETATM 1113 O O   . HOH D 3 .   ? -10.417 10.708  0.409   1.00 39.71 ? 2001 HOH B O   1 
HETATM 1114 O O   . HOH D 3 .   ? -9.066  11.827  6.878   1.00 21.10 ? 2002 HOH B O   1 
HETATM 1115 O O   . HOH D 3 .   ? -3.165  9.230   1.977   1.00 17.27 ? 2003 HOH B O   1 
HETATM 1116 O O   . HOH D 3 .   ? -6.154  1.513   13.741  1.00 38.13 ? 2004 HOH B O   1 
HETATM 1117 O O   . HOH D 3 .   ? -2.748  -0.855  9.885   1.00 16.14 ? 2005 HOH B O   1 
HETATM 1118 O O   . HOH D 3 .   ? -8.054  -5.162  17.885  1.00 34.78 ? 2006 HOH B O   1 
HETATM 1119 O O   . HOH D 3 .   ? -3.239  -3.320  12.598  1.00 42.32 ? 2007 HOH B O   1 
# 
